data_8X0S
# 
_entry.id   8X0S 
# 
_audit_conform.dict_name       mmcif_pdbx.dic 
_audit_conform.dict_version    5.395 
_audit_conform.dict_location   http://mmcif.pdb.org/dictionaries/ascii/mmcif_pdbx.dic 
# 
loop_
_database_2.database_id 
_database_2.database_code 
_database_2.pdbx_database_accession 
_database_2.pdbx_DOI 
PDB   8X0S         pdb_00008x0s 10.2210/pdb8x0s/pdb 
WWPDB D_1300042407 ?            ?                   
# 
loop_
_pdbx_audit_revision_history.ordinal 
_pdbx_audit_revision_history.data_content_type 
_pdbx_audit_revision_history.major_revision 
_pdbx_audit_revision_history.minor_revision 
_pdbx_audit_revision_history.revision_date 
1 'Structure model' 1 0 2024-06-19 
2 'Structure model' 1 1 2024-07-31 
# 
_pdbx_audit_revision_details.ordinal             1 
_pdbx_audit_revision_details.revision_ordinal    1 
_pdbx_audit_revision_details.data_content_type   'Structure model' 
_pdbx_audit_revision_details.provider            repository 
_pdbx_audit_revision_details.type                'Initial release' 
_pdbx_audit_revision_details.description         ? 
_pdbx_audit_revision_details.details             ? 
# 
_pdbx_audit_revision_group.ordinal             1 
_pdbx_audit_revision_group.revision_ordinal    2 
_pdbx_audit_revision_group.data_content_type   'Structure model' 
_pdbx_audit_revision_group.group               'Database references' 
# 
_pdbx_audit_revision_category.ordinal             1 
_pdbx_audit_revision_category.revision_ordinal    2 
_pdbx_audit_revision_category.data_content_type   'Structure model' 
_pdbx_audit_revision_category.category            citation 
# 
loop_
_pdbx_audit_revision_item.ordinal 
_pdbx_audit_revision_item.revision_ordinal 
_pdbx_audit_revision_item.data_content_type 
_pdbx_audit_revision_item.item 
1 2 'Structure model' '_citation.journal_volume' 
2 2 'Structure model' '_citation.page_first'     
3 2 'Structure model' '_citation.page_last'      
# 
_pdbx_database_status.status_code                     REL 
_pdbx_database_status.status_code_sf                  REL 
_pdbx_database_status.status_code_mr                  ? 
_pdbx_database_status.entry_id                        8X0S 
_pdbx_database_status.recvd_initial_deposition_date   2023-11-05 
_pdbx_database_status.SG_entry                        N 
_pdbx_database_status.deposit_site                    PDBJ 
_pdbx_database_status.process_site                    PDBJ 
_pdbx_database_status.status_code_cs                  ? 
_pdbx_database_status.status_code_nmr_data            ? 
_pdbx_database_status.methods_development_category    ? 
_pdbx_database_status.pdb_format_compatible           Y 
# 
_pdbx_contact_author.id                 2 
_pdbx_contact_author.email              gzhu@ust.hk 
_pdbx_contact_author.name_first         Guang 
_pdbx_contact_author.name_last          Zhu 
_pdbx_contact_author.name_mi            ? 
_pdbx_contact_author.role               'principal investigator/group leader' 
_pdbx_contact_author.identifier_ORCID   0000-0003-3802-3446 
# 
loop_
_audit_author.name 
_audit_author.pdbx_ordinal 
_audit_author.identifier_ORCID 
'Geng, Y.' 1 0000-0003-2728-4691 
'Liu, C.'  2 0000-0001-7356-9765 
'Cai, Q.'  3 0000-0002-4525-4261 
'Zhu, G.'  4 0000-0003-3802-3446 
# 
_citation.abstract                  ? 
_citation.abstract_id_CAS           ? 
_citation.book_id_ISBN              ? 
_citation.book_publisher            ? 
_citation.book_publisher_city       ? 
_citation.book_title                ? 
_citation.coordinate_linkage        ? 
_citation.country                   UK 
_citation.database_id_Medline       ? 
_citation.details                   ? 
_citation.id                        primary 
_citation.journal_abbrev            'Nucleic Acids Res.' 
_citation.journal_id_ASTM           NARHAD 
_citation.journal_id_CSD            0389 
_citation.journal_id_ISSN           1362-4962 
_citation.journal_full              ? 
_citation.journal_issue             ? 
_citation.journal_volume            52 
_citation.language                  ? 
_citation.page_first                7961 
_citation.page_last                 7970 
_citation.title                     
'Crystal structure of a tetrameric RNA G-quadruplex formed by hexanucleotide repeat expansions of C9orf72 in ALS/FTD.' 
_citation.year                      2024 
_citation.database_id_CSD           ? 
_citation.pdbx_database_id_DOI      10.1093/nar/gkae473 
_citation.pdbx_database_id_PubMed   38860430 
_citation.pdbx_database_id_patent   ? 
_citation.unpublished_flag          ? 
# 
loop_
_citation_author.citation_id 
_citation_author.name 
_citation_author.ordinal 
_citation_author.identifier_ORCID 
primary 'Geng, Y.'   1  ?                   
primary 'Liu, C.'    2  ?                   
primary 'Xu, N.'     3  ?                   
primary 'Suen, M.C.' 4  ?                   
primary 'Miao, H.'   5  ?                   
primary 'Xie, Y.'    6  ?                   
primary 'Zhang, B.'  7  ?                   
primary 'Chen, X.'   8  ?                   
primary 'Song, Y.'   9  ?                   
primary 'Wang, Z.'   10 ?                   
primary 'Cai, Q.'    11 ?                   
primary 'Zhu, G.'    12 0000-0003-3802-3446 
# 
loop_
_entity.id 
_entity.type 
_entity.src_method 
_entity.pdbx_description 
_entity.formula_weight 
_entity.pdbx_number_of_molecules 
_entity.pdbx_ec 
_entity.pdbx_mutation 
_entity.pdbx_fragment 
_entity.details 
1 polymer     syn 
;RNA (5'-R(*GP*GP*GP*GP*CP*CP*GP*GP*GP*GP*C)-3')
;
3937.416 2 ? ? ? ? 
2 non-polymer syn 'POTASSIUM ION'                                   39.098   9 ? ? ? ? 
3 water       nat water                                             18.015   1 ? ? ? ? 
# 
_entity_poly.entity_id                      1 
_entity_poly.type                           polyribonucleotide 
_entity_poly.nstd_linkage                   no 
_entity_poly.nstd_monomer                   no 
_entity_poly.pdbx_seq_one_letter_code       GGGGCCGGGGCC 
_entity_poly.pdbx_seq_one_letter_code_can   GGGGCCGGGGCC 
_entity_poly.pdbx_strand_id                 A,B 
_entity_poly.pdbx_target_identifier         ? 
# 
loop_
_pdbx_entity_nonpoly.entity_id 
_pdbx_entity_nonpoly.name 
_pdbx_entity_nonpoly.comp_id 
2 'POTASSIUM ION' K   
3 water           HOH 
# 
loop_
_entity_poly_seq.entity_id 
_entity_poly_seq.num 
_entity_poly_seq.mon_id 
_entity_poly_seq.hetero 
1 1  G n 
1 2  G n 
1 3  G n 
1 4  G n 
1 5  C n 
1 6  C n 
1 7  G n 
1 8  G n 
1 9  G n 
1 10 G n 
1 11 C n 
1 12 C n 
# 
_pdbx_entity_src_syn.entity_id              1 
_pdbx_entity_src_syn.pdbx_src_id            1 
_pdbx_entity_src_syn.pdbx_alt_source_flag   sample 
_pdbx_entity_src_syn.pdbx_beg_seq_num       1 
_pdbx_entity_src_syn.pdbx_end_seq_num       12 
_pdbx_entity_src_syn.organism_scientific    'Homo sapiens' 
_pdbx_entity_src_syn.organism_common_name   ? 
_pdbx_entity_src_syn.ncbi_taxonomy_id       9606 
_pdbx_entity_src_syn.details                ? 
# 
loop_
_chem_comp.id 
_chem_comp.type 
_chem_comp.mon_nstd_flag 
_chem_comp.name 
_chem_comp.pdbx_synonyms 
_chem_comp.formula 
_chem_comp.formula_weight 
C   'RNA linking' y "CYTIDINE-5'-MONOPHOSPHATE"  ? 'C9 H14 N3 O8 P'  323.197 
G   'RNA linking' y "GUANOSINE-5'-MONOPHOSPHATE" ? 'C10 H14 N5 O8 P' 363.221 
HOH non-polymer   . WATER                        ? 'H2 O'            18.015  
K   non-polymer   . 'POTASSIUM ION'              ? 'K 1'             39.098  
# 
loop_
_pdbx_poly_seq_scheme.asym_id 
_pdbx_poly_seq_scheme.entity_id 
_pdbx_poly_seq_scheme.seq_id 
_pdbx_poly_seq_scheme.mon_id 
_pdbx_poly_seq_scheme.ndb_seq_num 
_pdbx_poly_seq_scheme.pdb_seq_num 
_pdbx_poly_seq_scheme.auth_seq_num 
_pdbx_poly_seq_scheme.pdb_mon_id 
_pdbx_poly_seq_scheme.auth_mon_id 
_pdbx_poly_seq_scheme.pdb_strand_id 
_pdbx_poly_seq_scheme.pdb_ins_code 
_pdbx_poly_seq_scheme.hetero 
A 1 1  G 1  1  1  G G A . n 
A 1 2  G 2  2  2  G G A . n 
A 1 3  G 3  3  3  G G A . n 
A 1 4  G 4  4  4  G G A . n 
A 1 5  C 5  5  5  C C A . n 
A 1 6  C 6  6  6  C C A . n 
A 1 7  G 7  7  7  G G A . n 
A 1 8  G 8  8  8  G G A . n 
A 1 9  G 9  9  9  G G A . n 
A 1 10 G 10 10 10 G G A . n 
A 1 11 C 11 11 11 C C A . n 
A 1 12 C 12 12 ?  ? ? A . n 
B 1 1  G 1  1  1  G G B . n 
B 1 2  G 2  2  2  G G B . n 
B 1 3  G 3  3  3  G G B . n 
B 1 4  G 4  4  4  G G B . n 
B 1 5  C 5  5  5  C C B . n 
B 1 6  C 6  6  6  C C B . n 
B 1 7  G 7  7  7  G G B . n 
B 1 8  G 8  8  8  G G B . n 
B 1 9  G 9  9  9  G G B . n 
B 1 10 G 10 10 10 G G B . n 
B 1 11 C 11 11 11 C C B . n 
B 1 12 C 12 12 ?  ? ? B . n 
# 
loop_
_pdbx_nonpoly_scheme.asym_id 
_pdbx_nonpoly_scheme.entity_id 
_pdbx_nonpoly_scheme.mon_id 
_pdbx_nonpoly_scheme.ndb_seq_num 
_pdbx_nonpoly_scheme.pdb_seq_num 
_pdbx_nonpoly_scheme.auth_seq_num 
_pdbx_nonpoly_scheme.pdb_mon_id 
_pdbx_nonpoly_scheme.auth_mon_id 
_pdbx_nonpoly_scheme.pdb_strand_id 
_pdbx_nonpoly_scheme.pdb_ins_code 
C 2 K   1 101 1 K   K   A . 
D 2 K   1 102 2 K   K   A . 
E 2 K   1 103 3 K   K   A . 
F 2 K   1 104 7 K   K   A . 
G 2 K   1 105 8 K   K   A . 
H 2 K   1 101 4 K   K   B . 
I 2 K   1 102 5 K   K   B . 
J 2 K   1 103 6 K   K   B . 
K 2 K   1 104 9 K   K   B . 
L 3 HOH 1 201 3 HOH HOH A . 
# 
loop_
_pdbx_unobs_or_zero_occ_atoms.id 
_pdbx_unobs_or_zero_occ_atoms.PDB_model_num 
_pdbx_unobs_or_zero_occ_atoms.polymer_flag 
_pdbx_unobs_or_zero_occ_atoms.occupancy_flag 
_pdbx_unobs_or_zero_occ_atoms.auth_asym_id 
_pdbx_unobs_or_zero_occ_atoms.auth_comp_id 
_pdbx_unobs_or_zero_occ_atoms.auth_seq_id 
_pdbx_unobs_or_zero_occ_atoms.PDB_ins_code 
_pdbx_unobs_or_zero_occ_atoms.auth_atom_id 
_pdbx_unobs_or_zero_occ_atoms.label_alt_id 
_pdbx_unobs_or_zero_occ_atoms.label_asym_id 
_pdbx_unobs_or_zero_occ_atoms.label_comp_id 
_pdbx_unobs_or_zero_occ_atoms.label_seq_id 
_pdbx_unobs_or_zero_occ_atoms.label_atom_id 
1 1 Y 1 A G 1 ? "O5'" ? A G 1 "O5'" 
2 1 Y 1 B G 1 ? "O5'" ? B G 1 "O5'" 
# 
loop_
_software.citation_id 
_software.classification 
_software.compiler_name 
_software.compiler_version 
_software.contact_author 
_software.contact_author_email 
_software.date 
_software.description 
_software.dependencies 
_software.hardware 
_software.language 
_software.location 
_software.mods 
_software.name 
_software.os 
_software.os_version 
_software.type 
_software.version 
_software.pdbx_ordinal 
? refinement       ? ? ? ? ? ? ? ? ? ? ? REFMAC   ? ? ? 5.8.0352 1 
? 'data scaling'   ? ? ? ? ? ? ? ? ? ? ? HKL-2000 ? ? ? .        2 
? 'data reduction' ? ? ? ? ? ? ? ? ? ? ? HKL-2000 ? ? ? .        3 
? phasing          ? ? ? ? ? ? ? ? ? ? ? PHASER   ? ? ? .        4 
# 
_cell.angle_alpha                  90.00 
_cell.angle_alpha_esd              ? 
_cell.angle_beta                   90.00 
_cell.angle_beta_esd               ? 
_cell.angle_gamma                  120.00 
_cell.angle_gamma_esd              ? 
_cell.entry_id                     8X0S 
_cell.details                      ? 
_cell.formula_units_Z              ? 
_cell.length_a                     62.971 
_cell.length_a_esd                 ? 
_cell.length_b                     62.971 
_cell.length_b_esd                 ? 
_cell.length_c                     129.227 
_cell.length_c_esd                 ? 
_cell.volume                       ? 
_cell.volume_esd                   ? 
_cell.Z_PDB                        24 
_cell.reciprocal_angle_alpha       ? 
_cell.reciprocal_angle_beta        ? 
_cell.reciprocal_angle_gamma       ? 
_cell.reciprocal_angle_alpha_esd   ? 
_cell.reciprocal_angle_beta_esd    ? 
_cell.reciprocal_angle_gamma_esd   ? 
_cell.reciprocal_length_a          ? 
_cell.reciprocal_length_b          ? 
_cell.reciprocal_length_c          ? 
_cell.reciprocal_length_a_esd      ? 
_cell.reciprocal_length_b_esd      ? 
_cell.reciprocal_length_c_esd      ? 
_cell.pdbx_unique_axis             ? 
_cell.pdbx_esd_method              ? 
# 
_symmetry.entry_id                         8X0S 
_symmetry.cell_setting                     ? 
_symmetry.Int_Tables_number                178 
_symmetry.space_group_name_Hall            ? 
_symmetry.space_group_name_H-M             'P 61 2 2' 
_symmetry.pdbx_full_space_group_name_H-M   ? 
# 
_exptl.absorpt_coefficient_mu     ? 
_exptl.absorpt_correction_T_max   ? 
_exptl.absorpt_correction_T_min   ? 
_exptl.absorpt_correction_type    ? 
_exptl.absorpt_process_details    ? 
_exptl.entry_id                   8X0S 
_exptl.crystals_number            1 
_exptl.details                    ? 
_exptl.method                     'X-RAY DIFFRACTION' 
_exptl.method_details             ? 
# 
_exptl_crystal.colour                       ? 
_exptl_crystal.density_diffrn               ? 
_exptl_crystal.density_Matthews             4.70 
_exptl_crystal.density_method               ? 
_exptl_crystal.density_percent_sol          73.81 
_exptl_crystal.description                  ? 
_exptl_crystal.F_000                        ? 
_exptl_crystal.id                           1 
_exptl_crystal.preparation                  ? 
_exptl_crystal.size_max                     ? 
_exptl_crystal.size_mid                     ? 
_exptl_crystal.size_min                     ? 
_exptl_crystal.size_rad                     ? 
_exptl_crystal.colour_lustre                ? 
_exptl_crystal.colour_modifier              ? 
_exptl_crystal.colour_primary               ? 
_exptl_crystal.density_meas                 ? 
_exptl_crystal.density_meas_esd             ? 
_exptl_crystal.density_meas_gt              ? 
_exptl_crystal.density_meas_lt              ? 
_exptl_crystal.density_meas_temp            ? 
_exptl_crystal.density_meas_temp_esd        ? 
_exptl_crystal.density_meas_temp_gt         ? 
_exptl_crystal.density_meas_temp_lt         ? 
_exptl_crystal.pdbx_crystal_image_url       ? 
_exptl_crystal.pdbx_crystal_image_format    ? 
_exptl_crystal.pdbx_mosaicity               ? 
_exptl_crystal.pdbx_mosaicity_esd           ? 
_exptl_crystal.pdbx_mosaic_method           ? 
_exptl_crystal.pdbx_mosaic_block_size       ? 
_exptl_crystal.pdbx_mosaic_block_size_esd   ? 
# 
_exptl_crystal_grow.apparatus       ? 
_exptl_crystal_grow.atmosphere      ? 
_exptl_crystal_grow.crystal_id      1 
_exptl_crystal_grow.details         ? 
_exptl_crystal_grow.method          'VAPOR DIFFUSION, HANGING DROP' 
_exptl_crystal_grow.method_ref      ? 
_exptl_crystal_grow.pH              7.0 
_exptl_crystal_grow.pressure        ? 
_exptl_crystal_grow.pressure_esd    ? 
_exptl_crystal_grow.seeding         ? 
_exptl_crystal_grow.seeding_ref     ? 
_exptl_crystal_grow.temp_details    ? 
_exptl_crystal_grow.temp_esd        ? 
_exptl_crystal_grow.time            ? 
_exptl_crystal_grow.pdbx_details    
'40 mM Sodium Cacodylate trihydrate (pH 7.0), 10% MPD, 12 mM spermine tetrahydrochloride and 80mM KCl' 
_exptl_crystal_grow.pdbx_pH_range   ? 
_exptl_crystal_grow.temp            277 
# 
_diffrn.ambient_environment              ? 
_diffrn.ambient_temp                     100 
_diffrn.ambient_temp_details             ? 
_diffrn.ambient_temp_esd                 ? 
_diffrn.crystal_id                       1 
_diffrn.crystal_support                  ? 
_diffrn.crystal_treatment                ? 
_diffrn.details                          ? 
_diffrn.id                               1 
_diffrn.ambient_pressure                 ? 
_diffrn.ambient_pressure_esd             ? 
_diffrn.ambient_pressure_gt              ? 
_diffrn.ambient_pressure_lt              ? 
_diffrn.ambient_temp_gt                  ? 
_diffrn.ambient_temp_lt                  ? 
_diffrn.pdbx_serial_crystal_experiment   N 
# 
_diffrn_detector.details                      ? 
_diffrn_detector.detector                     PIXEL 
_diffrn_detector.diffrn_id                    1 
_diffrn_detector.type                         'DECTRIS PILATUS 6M' 
_diffrn_detector.area_resol_mean              ? 
_diffrn_detector.dtime                        ? 
_diffrn_detector.pdbx_frames_total            ? 
_diffrn_detector.pdbx_collection_time_total   ? 
_diffrn_detector.pdbx_collection_date         2018-09-23 
_diffrn_detector.pdbx_frequency               ? 
_diffrn_detector.id                           ? 
_diffrn_detector.number_of_axes               ? 
# 
_diffrn_radiation.collimation                      ? 
_diffrn_radiation.diffrn_id                        1 
_diffrn_radiation.filter_edge                      ? 
_diffrn_radiation.inhomogeneity                    ? 
_diffrn_radiation.monochromator                    'Si(111) crystal' 
_diffrn_radiation.polarisn_norm                    ? 
_diffrn_radiation.polarisn_ratio                   ? 
_diffrn_radiation.probe                            ? 
_diffrn_radiation.type                             ? 
_diffrn_radiation.xray_symbol                      ? 
_diffrn_radiation.wavelength_id                    1 
_diffrn_radiation.pdbx_monochromatic_or_laue_m_l   M 
_diffrn_radiation.pdbx_wavelength_list             ? 
_diffrn_radiation.pdbx_wavelength                  ? 
_diffrn_radiation.pdbx_diffrn_protocol             'SINGLE WAVELENGTH' 
_diffrn_radiation.pdbx_analyzer                    ? 
_diffrn_radiation.pdbx_scattering_type             x-ray 
# 
_diffrn_radiation_wavelength.id           1 
_diffrn_radiation_wavelength.wavelength   0.97891 
_diffrn_radiation_wavelength.wt           1.0 
# 
_diffrn_source.current                     ? 
_diffrn_source.details                     ? 
_diffrn_source.diffrn_id                   1 
_diffrn_source.power                       ? 
_diffrn_source.size                        ? 
_diffrn_source.source                      SYNCHROTRON 
_diffrn_source.target                      ? 
_diffrn_source.type                        'SSRF BEAMLINE BL19U1' 
_diffrn_source.voltage                     ? 
_diffrn_source.take-off_angle              ? 
_diffrn_source.pdbx_wavelength_list        0.97891 
_diffrn_source.pdbx_wavelength             ? 
_diffrn_source.pdbx_synchrotron_beamline   BL19U1 
_diffrn_source.pdbx_synchrotron_site       SSRF 
# 
_reflns.B_iso_Wilson_estimate                          ? 
_reflns.entry_id                                       8X0S 
_reflns.data_reduction_details                         ? 
_reflns.data_reduction_method                          ? 
_reflns.d_resolution_high                              2.95 
_reflns.d_resolution_low                               50.00 
_reflns.details                                        ? 
_reflns.limit_h_max                                    ? 
_reflns.limit_h_min                                    ? 
_reflns.limit_k_max                                    ? 
_reflns.limit_k_min                                    ? 
_reflns.limit_l_max                                    ? 
_reflns.limit_l_min                                    ? 
_reflns.number_all                                     ? 
_reflns.number_obs                                     3568 
_reflns.observed_criterion                             ? 
_reflns.observed_criterion_F_max                       ? 
_reflns.observed_criterion_F_min                       ? 
_reflns.observed_criterion_I_max                       ? 
_reflns.observed_criterion_I_min                       ? 
_reflns.observed_criterion_sigma_F                     ? 
_reflns.observed_criterion_sigma_I                     ? 
_reflns.percent_possible_obs                           99.9 
_reflns.R_free_details                                 ? 
_reflns.Rmerge_F_all                                   ? 
_reflns.Rmerge_F_obs                                   ? 
_reflns.Friedel_coverage                               ? 
_reflns.number_gt                                      ? 
_reflns.threshold_expression                           ? 
_reflns.pdbx_redundancy                                22.5 
_reflns.pdbx_netI_over_av_sigmaI                       ? 
_reflns.pdbx_netI_over_sigmaI                          2.9 
_reflns.pdbx_res_netI_over_av_sigmaI_2                 ? 
_reflns.pdbx_res_netI_over_sigmaI_2                    ? 
_reflns.pdbx_chi_squared                               0.557 
_reflns.pdbx_scaling_rejects                           ? 
_reflns.pdbx_d_res_high_opt                            ? 
_reflns.pdbx_d_res_low_opt                             ? 
_reflns.pdbx_d_res_opt_method                          ? 
_reflns.phase_calculation_details                      ? 
_reflns.pdbx_Rrim_I_all                                0.154 
_reflns.pdbx_Rpim_I_all                                0.033 
_reflns.pdbx_d_opt                                     ? 
_reflns.pdbx_number_measured_all                       80176 
_reflns.pdbx_diffrn_id                                 1 
_reflns.pdbx_ordinal                                   1 
_reflns.pdbx_CC_half                                   0.976 
_reflns.pdbx_CC_star                                   0.994 
_reflns.pdbx_R_split                                   ? 
_reflns.pdbx_Rmerge_I_obs                              0.150 
_reflns.pdbx_Rmerge_I_all                              ? 
_reflns.pdbx_Rsym_value                                ? 
_reflns.pdbx_CC_split_method                           ? 
_reflns.pdbx_aniso_diffraction_limit_axis_1_ortho[1]   ? 
_reflns.pdbx_aniso_diffraction_limit_axis_1_ortho[2]   ? 
_reflns.pdbx_aniso_diffraction_limit_axis_1_ortho[3]   ? 
_reflns.pdbx_aniso_diffraction_limit_axis_2_ortho[1]   ? 
_reflns.pdbx_aniso_diffraction_limit_axis_2_ortho[2]   ? 
_reflns.pdbx_aniso_diffraction_limit_axis_2_ortho[3]   ? 
_reflns.pdbx_aniso_diffraction_limit_axis_3_ortho[1]   ? 
_reflns.pdbx_aniso_diffraction_limit_axis_3_ortho[2]   ? 
_reflns.pdbx_aniso_diffraction_limit_axis_3_ortho[3]   ? 
_reflns.pdbx_aniso_diffraction_limit_1                 ? 
_reflns.pdbx_aniso_diffraction_limit_2                 ? 
_reflns.pdbx_aniso_diffraction_limit_3                 ? 
_reflns.pdbx_aniso_B_tensor_eigenvector_1_ortho[1]     ? 
_reflns.pdbx_aniso_B_tensor_eigenvector_1_ortho[2]     ? 
_reflns.pdbx_aniso_B_tensor_eigenvector_1_ortho[3]     ? 
_reflns.pdbx_aniso_B_tensor_eigenvector_2_ortho[1]     ? 
_reflns.pdbx_aniso_B_tensor_eigenvector_2_ortho[2]     ? 
_reflns.pdbx_aniso_B_tensor_eigenvector_2_ortho[3]     ? 
_reflns.pdbx_aniso_B_tensor_eigenvector_3_ortho[1]     ? 
_reflns.pdbx_aniso_B_tensor_eigenvector_3_ortho[2]     ? 
_reflns.pdbx_aniso_B_tensor_eigenvector_3_ortho[3]     ? 
_reflns.pdbx_aniso_B_tensor_eigenvalue_1               ? 
_reflns.pdbx_aniso_B_tensor_eigenvalue_2               ? 
_reflns.pdbx_aniso_B_tensor_eigenvalue_3               ? 
_reflns.pdbx_orthogonalization_convention              ? 
_reflns.pdbx_percent_possible_ellipsoidal              ? 
_reflns.pdbx_percent_possible_spherical                ? 
_reflns.pdbx_percent_possible_ellipsoidal_anomalous    ? 
_reflns.pdbx_percent_possible_spherical_anomalous      ? 
_reflns.pdbx_redundancy_anomalous                      ? 
_reflns.pdbx_CC_half_anomalous                         ? 
_reflns.pdbx_absDiff_over_sigma_anomalous              ? 
_reflns.pdbx_percent_possible_anomalous                ? 
_reflns.pdbx_observed_signal_threshold                 ? 
_reflns.pdbx_signal_type                               ? 
_reflns.pdbx_signal_details                            ? 
_reflns.pdbx_signal_software_id                        ? 
# 
loop_
_reflns_shell.d_res_high 
_reflns_shell.d_res_low 
_reflns_shell.meanI_over_sigI_all 
_reflns_shell.meanI_over_sigI_obs 
_reflns_shell.number_measured_all 
_reflns_shell.number_measured_obs 
_reflns_shell.number_possible 
_reflns_shell.number_unique_all 
_reflns_shell.number_unique_obs 
_reflns_shell.percent_possible_obs 
_reflns_shell.Rmerge_F_all 
_reflns_shell.Rmerge_F_obs 
_reflns_shell.meanI_over_sigI_gt 
_reflns_shell.meanI_over_uI_all 
_reflns_shell.meanI_over_uI_gt 
_reflns_shell.number_measured_gt 
_reflns_shell.number_unique_gt 
_reflns_shell.percent_possible_gt 
_reflns_shell.Rmerge_F_gt 
_reflns_shell.Rmerge_I_gt 
_reflns_shell.pdbx_redundancy 
_reflns_shell.pdbx_chi_squared 
_reflns_shell.pdbx_netI_over_sigmaI_all 
_reflns_shell.pdbx_netI_over_sigmaI_obs 
_reflns_shell.pdbx_Rrim_I_all 
_reflns_shell.pdbx_Rpim_I_all 
_reflns_shell.pdbx_rejects 
_reflns_shell.pdbx_ordinal 
_reflns_shell.pdbx_diffrn_id 
_reflns_shell.pdbx_CC_half 
_reflns_shell.pdbx_CC_star 
_reflns_shell.pdbx_R_split 
_reflns_shell.percent_possible_all 
_reflns_shell.Rmerge_I_all 
_reflns_shell.Rmerge_I_obs 
_reflns_shell.pdbx_Rsym_value 
_reflns_shell.pdbx_percent_possible_ellipsoidal 
_reflns_shell.pdbx_percent_possible_spherical 
_reflns_shell.pdbx_percent_possible_ellipsoidal_anomalous 
_reflns_shell.pdbx_percent_possible_spherical_anomalous 
_reflns_shell.pdbx_redundancy_anomalous 
_reflns_shell.pdbx_CC_half_anomalous 
_reflns_shell.pdbx_absDiff_over_sigma_anomalous 
_reflns_shell.pdbx_percent_possible_anomalous 
2.95 3.00  ? ? ? ? ? ? 172 ? ? ? ? ? ? ? ? ? ? ? 24.8 0.419 ? ? 1.806 0.362 ? 1  1 0.730 0.919 ? 100.0 ? 1.768 ? ? ? ? ? ? ? ? ? 
3.00 3.06  ? ? ? ? ? ? 167 ? ? ? ? ? ? ? ? ? ? ? 24.1 0.431 ? ? 1.547 0.316 ? 2  1 0.870 0.965 ? 100.0 ? 1.514 ? ? ? ? ? ? ? ? ? 
3.06 3.11  ? ? ? ? ? ? 167 ? ? ? ? ? ? ? ? ? ? ? 24.8 0.443 ? ? 0.925 0.185 ? 3  1 0.903 0.974 ? 100.0 ? 0.906 ? ? ? ? ? ? ? ? ? 
3.11 3.18  ? ? ? ? ? ? 176 ? ? ? ? ? ? ? ? ? ? ? 24.1 0.451 ? ? 0.739 0.149 ? 4  1 0.971 0.993 ? 100.0 ? 0.723 ? ? ? ? ? ? ? ? ? 
3.18 3.25  ? ? ? ? ? ? 168 ? ? ? ? ? ? ? ? ? ? ? 24.4 0.472 ? ? 0.638 0.129 ? 5  1 0.973 0.993 ? 100.0 ? 0.625 ? ? ? ? ? ? ? ? ? 
3.25 3.32  ? ? ? ? ? ? 174 ? ? ? ? ? ? ? ? ? ? ? 24.2 0.528 ? ? 0.227 0.045 ? 6  1 0.999 1.000 ? 100.0 ? 0.222 ? ? ? ? ? ? ? ? ? 
3.32 3.41  ? ? ? ? ? ? 167 ? ? ? ? ? ? ? ? ? ? ? 23.6 0.560 ? ? 0.657 0.136 ? 7  1 0.951 0.987 ? 99.4  ? 0.642 ? ? ? ? ? ? ? ? ? 
3.41 3.50  ? ? ? ? ? ? 180 ? ? ? ? ? ? ? ? ? ? ? 23.6 0.555 ? ? 0.196 0.040 ? 8  1 0.999 1.000 ? 100.0 ? 0.192 ? ? ? ? ? ? ? ? ? 
3.50 3.60  ? ? ? ? ? ? 163 ? ? ? ? ? ? ? ? ? ? ? 23.3 0.488 ? ? 0.494 0.102 ? 9  1 0.969 0.992 ? 100.0 ? 0.483 ? ? ? ? ? ? ? ? ? 
3.60 3.72  ? ? ? ? ? ? 174 ? ? ? ? ? ? ? ? ? ? ? 23.2 0.529 ? ? 0.365 0.075 ? 10 1 0.984 0.996 ? 99.4  ? 0.357 ? ? ? ? ? ? ? ? ? 
3.72 3.85  ? ? ? ? ? ? 168 ? ? ? ? ? ? ? ? ? ? ? 22.1 0.466 ? ? 0.341 0.073 ? 11 1 0.980 0.995 ? 100.0 ? 0.333 ? ? ? ? ? ? ? ? ? 
3.85 4.00  ? ? ? ? ? ? 179 ? ? ? ? ? ? ? ? ? ? ? 19.9 0.547 ? ? 0.306 0.068 ? 12 1 0.985 0.996 ? 100.0 ? 0.298 ? ? ? ? ? ? ? ? ? 
4.00 4.19  ? ? ? ? ? ? 181 ? ? ? ? ? ? ? ? ? ? ? 19.2 0.563 ? ? 0.173 0.039 ? 13 1 0.994 0.999 ? 100.0 ? 0.168 ? ? ? ? ? ? ? ? ? 
4.19 4.41  ? ? ? ? ? ? 168 ? ? ? ? ? ? ? ? ? ? ? 23.6 0.654 ? ? 0.128 0.026 ? 14 1 0.999 1.000 ? 100.0 ? 0.125 ? ? ? ? ? ? ? ? ? 
4.41 4.68  ? ? ? ? ? ? 184 ? ? ? ? ? ? ? ? ? ? ? 23.3 0.677 ? ? 0.115 0.024 ? 15 1 0.999 1.000 ? 100.0 ? 0.113 ? ? ? ? ? ? ? ? ? 
4.68 5.04  ? ? ? ? ? ? 179 ? ? ? ? ? ? ? ? ? ? ? 23.3 0.631 ? ? 0.114 0.024 ? 16 1 0.998 1.000 ? 100.0 ? 0.111 ? ? ? ? ? ? ? ? ? 
5.04 5.55  ? ? ? ? ? ? 187 ? ? ? ? ? ? ? ? ? ? ? 22.5 0.654 ? ? 0.103 0.021 ? 17 1 0.999 1.000 ? 100.0 ? 0.100 ? ? ? ? ? ? ? ? ? 
5.55 6.35  ? ? ? ? ? ? 192 ? ? ? ? ? ? ? ? ? ? ? 21.3 0.638 ? ? 0.086 0.019 ? 18 1 0.999 1.000 ? 100.0 ? 0.084 ? ? ? ? ? ? ? ? ? 
6.35 8.00  ? ? ? ? ? ? 194 ? ? ? ? ? ? ? ? ? ? ? 18.1 0.713 ? ? 0.061 0.014 ? 19 1 0.999 1.000 ? 99.5  ? 0.060 ? ? ? ? ? ? ? ? ? 
8.00 50.00 ? ? ? ? ? ? 228 ? ? ? ? ? ? ? ? ? ? ? 18.4 0.739 ? ? 0.055 0.015 ? 20 1 0.998 1.000 ? 100.0 ? 0.052 ? ? ? ? ? ? ? ? ? 
# 
_refine.aniso_B[1][1]                            -0.14 
_refine.aniso_B[1][2]                            -0.07 
_refine.aniso_B[1][3]                            -0.00 
_refine.aniso_B[2][2]                            -0.14 
_refine.aniso_B[2][3]                            0.00 
_refine.aniso_B[3][3]                            0.44 
_refine.B_iso_max                                ? 
_refine.B_iso_mean                               62.760 
_refine.B_iso_min                                ? 
_refine.correlation_coeff_Fo_to_Fc               0.914 
_refine.correlation_coeff_Fo_to_Fc_free          0.910 
_refine.details                                  'HYDROGENS HAVE BEEN ADDED IN THE RIDING POSITIONS' 
_refine.diff_density_max                         ? 
_refine.diff_density_max_esd                     ? 
_refine.diff_density_min                         ? 
_refine.diff_density_min_esd                     ? 
_refine.diff_density_rms                         ? 
_refine.diff_density_rms_esd                     ? 
_refine.entry_id                                 8X0S 
_refine.pdbx_refine_id                           'X-RAY DIFFRACTION' 
_refine.ls_abs_structure_details                 ? 
_refine.ls_abs_structure_Flack                   ? 
_refine.ls_abs_structure_Flack_esd               ? 
_refine.ls_abs_structure_Rogers                  ? 
_refine.ls_abs_structure_Rogers_esd              ? 
_refine.ls_d_res_high                            2.956 
_refine.ls_d_res_low                             41.71 
_refine.ls_extinction_coef                       ? 
_refine.ls_extinction_coef_esd                   ? 
_refine.ls_extinction_expression                 ? 
_refine.ls_extinction_method                     ? 
_refine.ls_goodness_of_fit_all                   ? 
_refine.ls_goodness_of_fit_all_esd               ? 
_refine.ls_goodness_of_fit_obs                   ? 
_refine.ls_goodness_of_fit_obs_esd               ? 
_refine.ls_hydrogen_treatment                    ? 
_refine.ls_matrix_type                           ? 
_refine.ls_number_constraints                    ? 
_refine.ls_number_parameters                     ? 
_refine.ls_number_reflns_all                     ? 
_refine.ls_number_reflns_obs                     3381 
_refine.ls_number_reflns_R_free                  155 
_refine.ls_number_reflns_R_work                  ? 
_refine.ls_number_restraints                     ? 
_refine.ls_percent_reflns_obs                    99.86 
_refine.ls_percent_reflns_R_free                 4.4 
_refine.ls_R_factor_all                          ? 
_refine.ls_R_factor_obs                          0.26293 
_refine.ls_R_factor_R_free                       0.29995 
_refine.ls_R_factor_R_free_error                 ? 
_refine.ls_R_factor_R_free_error_details         ? 
_refine.ls_R_factor_R_work                       0.26108 
_refine.ls_R_Fsqd_factor_obs                     ? 
_refine.ls_R_I_factor_obs                        ? 
_refine.ls_redundancy_reflns_all                 ? 
_refine.ls_redundancy_reflns_obs                 ? 
_refine.ls_restrained_S_all                      ? 
_refine.ls_restrained_S_obs                      ? 
_refine.ls_shift_over_esd_max                    ? 
_refine.ls_shift_over_esd_mean                   ? 
_refine.ls_structure_factor_coef                 ? 
_refine.ls_weighting_details                     ? 
_refine.ls_weighting_scheme                      ? 
_refine.ls_wR_factor_all                         ? 
_refine.ls_wR_factor_obs                         ? 
_refine.ls_wR_factor_R_free                      ? 
_refine.ls_wR_factor_R_work                      ? 
_refine.occupancy_max                            ? 
_refine.occupancy_min                            ? 
_refine.solvent_model_details                    MASK 
_refine.solvent_model_param_bsol                 ? 
_refine.solvent_model_param_ksol                 ? 
_refine.pdbx_R_complete                          ? 
_refine.ls_R_factor_gt                           ? 
_refine.ls_goodness_of_fit_gt                    ? 
_refine.ls_goodness_of_fit_ref                   ? 
_refine.ls_shift_over_su_max                     ? 
_refine.ls_shift_over_su_max_lt                  ? 
_refine.ls_shift_over_su_mean                    ? 
_refine.ls_shift_over_su_mean_lt                 ? 
_refine.pdbx_ls_sigma_I                          ? 
_refine.pdbx_ls_sigma_F                          ? 
_refine.pdbx_ls_sigma_Fsqd                       ? 
_refine.pdbx_data_cutoff_high_absF               ? 
_refine.pdbx_data_cutoff_high_rms_absF           ? 
_refine.pdbx_data_cutoff_low_absF                ? 
_refine.pdbx_isotropic_thermal_model             ? 
_refine.pdbx_ls_cross_valid_method               THROUGHOUT 
_refine.pdbx_method_to_determine_struct          'MOLECULAR REPLACEMENT' 
_refine.pdbx_starting_model                      ? 
_refine.pdbx_stereochemistry_target_values       'MAXIMUM LIKELIHOOD' 
_refine.pdbx_R_Free_selection_details            RANDOM 
_refine.pdbx_stereochem_target_val_spec_case     ? 
_refine.pdbx_overall_ESU_R                       0.460 
_refine.pdbx_overall_ESU_R_Free                  0.343 
_refine.pdbx_solvent_vdw_probe_radii             1.20 
_refine.pdbx_solvent_ion_probe_radii             0.80 
_refine.pdbx_solvent_shrinkage_radii             0.80 
_refine.pdbx_real_space_R                        ? 
_refine.pdbx_density_correlation                 ? 
_refine.pdbx_pd_number_of_powder_patterns        ? 
_refine.pdbx_pd_number_of_points                 ? 
_refine.pdbx_pd_meas_number_of_points            ? 
_refine.pdbx_pd_proc_ls_prof_R_factor            ? 
_refine.pdbx_pd_proc_ls_prof_wR_factor           ? 
_refine.pdbx_pd_Marquardt_correlation_coeff      ? 
_refine.pdbx_pd_Fsqrd_R_factor                   ? 
_refine.pdbx_pd_ls_matrix_band_width             ? 
_refine.pdbx_overall_phase_error                 ? 
_refine.pdbx_overall_SU_R_free_Cruickshank_DPI   ? 
_refine.pdbx_overall_SU_R_free_Blow_DPI          ? 
_refine.pdbx_overall_SU_R_Blow_DPI               ? 
_refine.pdbx_TLS_residual_ADP_flag               ? 
_refine.pdbx_diffrn_id                           1 
_refine.overall_SU_B                             14.871 
_refine.overall_SU_ML                            0.265 
_refine.overall_SU_R_Cruickshank_DPI             ? 
_refine.overall_SU_R_free                        ? 
_refine.overall_FOM_free_R_set                   ? 
_refine.overall_FOM_work_R_set                   ? 
_refine.pdbx_average_fsc_overall                 ? 
_refine.pdbx_average_fsc_work                    ? 
_refine.pdbx_average_fsc_free                    ? 
# 
_refine_hist.pdbx_refine_id                   'X-RAY DIFFRACTION' 
_refine_hist.cycle_id                         1 
_refine_hist.details                          ? 
_refine_hist.d_res_high                       2.956 
_refine_hist.d_res_low                        41.71 
_refine_hist.number_atoms_solvent             1 
_refine_hist.number_atoms_total               490 
_refine_hist.number_reflns_all                ? 
_refine_hist.number_reflns_obs                ? 
_refine_hist.number_reflns_R_free             ? 
_refine_hist.number_reflns_R_work             ? 
_refine_hist.R_factor_all                     ? 
_refine_hist.R_factor_obs                     ? 
_refine_hist.R_factor_R_free                  ? 
_refine_hist.R_factor_R_work                  ? 
_refine_hist.pdbx_number_residues_total       ? 
_refine_hist.pdbx_B_iso_mean_ligand           ? 
_refine_hist.pdbx_B_iso_mean_solvent          ? 
_refine_hist.pdbx_number_atoms_protein        0 
_refine_hist.pdbx_number_atoms_nucleic_acid   480 
_refine_hist.pdbx_number_atoms_ligand         9 
_refine_hist.pdbx_number_atoms_lipid          ? 
_refine_hist.pdbx_number_atoms_carb           ? 
_refine_hist.pdbx_pseudo_atom_details         ? 
# 
loop_
_refine_ls_restr.pdbx_refine_id 
_refine_ls_restr.criterion 
_refine_ls_restr.dev_ideal 
_refine_ls_restr.dev_ideal_target 
_refine_ls_restr.number 
_refine_ls_restr.rejects 
_refine_ls_restr.type 
_refine_ls_restr.weight 
_refine_ls_restr.pdbx_restraint_function 
'X-RAY DIFFRACTION' ? 0.006 0.011   538  ? r_bond_refined_d             ? ? 
'X-RAY DIFFRACTION' ? 0.004 0.019   218  ? r_bond_other_d               ? ? 
'X-RAY DIFFRACTION' ? 2.003 1.822   842  ? r_angle_refined_deg          ? ? 
'X-RAY DIFFRACTION' ? 0.757 1.698   520  ? r_angle_other_deg            ? ? 
'X-RAY DIFFRACTION' ? ?     ?       ?    ? r_dihedral_angle_1_deg       ? ? 
'X-RAY DIFFRACTION' ? ?     ?       ?    ? r_dihedral_angle_2_deg       ? ? 
'X-RAY DIFFRACTION' ? ?     ?       ?    ? r_dihedral_angle_3_deg       ? ? 
'X-RAY DIFFRACTION' ? ?     ?       ?    ? r_dihedral_angle_4_deg       ? ? 
'X-RAY DIFFRACTION' ? 0.159 0.200   108  ? r_chiral_restr               ? ? 
'X-RAY DIFFRACTION' ? 0.014 0.020   290  ? r_gen_planes_refined         ? ? 
'X-RAY DIFFRACTION' ? 0.001 0.020   88   ? r_gen_planes_other           ? ? 
'X-RAY DIFFRACTION' ? ?     ?       ?    ? r_nbd_refined                ? ? 
'X-RAY DIFFRACTION' ? ?     ?       ?    ? r_nbd_other                  ? ? 
'X-RAY DIFFRACTION' ? ?     ?       ?    ? r_nbtor_refined              ? ? 
'X-RAY DIFFRACTION' ? ?     ?       ?    ? r_nbtor_other                ? ? 
'X-RAY DIFFRACTION' ? ?     ?       ?    ? r_xyhbond_nbd_refined        ? ? 
'X-RAY DIFFRACTION' ? ?     ?       ?    ? r_xyhbond_nbd_other          ? ? 
'X-RAY DIFFRACTION' ? ?     ?       ?    ? r_metal_ion_refined          ? ? 
'X-RAY DIFFRACTION' ? ?     ?       ?    ? r_metal_ion_other            ? ? 
'X-RAY DIFFRACTION' ? ?     ?       ?    ? r_symmetry_vdw_refined       ? ? 
'X-RAY DIFFRACTION' ? ?     ?       ?    ? r_symmetry_vdw_other         ? ? 
'X-RAY DIFFRACTION' ? ?     ?       ?    ? r_symmetry_hbond_refined     ? ? 
'X-RAY DIFFRACTION' ? ?     ?       ?    ? r_symmetry_hbond_other       ? ? 
'X-RAY DIFFRACTION' ? ?     ?       ?    ? r_symmetry_metal_ion_refined ? ? 
'X-RAY DIFFRACTION' ? ?     ?       ?    ? r_symmetry_metal_ion_other   ? ? 
'X-RAY DIFFRACTION' ? ?     ?       ?    ? r_mcbond_it                  ? ? 
'X-RAY DIFFRACTION' ? ?     ?       ?    ? r_mcbond_other               ? ? 
'X-RAY DIFFRACTION' ? ?     ?       ?    ? r_mcangle_it                 ? ? 
'X-RAY DIFFRACTION' ? ?     ?       ?    ? r_mcangle_other              ? ? 
'X-RAY DIFFRACTION' ? 4.969 6.756   538  ? r_scbond_it                  ? ? 
'X-RAY DIFFRACTION' ? 4.964 6.758   539  ? r_scbond_other               ? ? 
'X-RAY DIFFRACTION' ? ?     ?       ?    ? r_scangle_it                 ? ? 
'X-RAY DIFFRACTION' ? 7.274 10.116  843  ? r_scangle_other              ? ? 
'X-RAY DIFFRACTION' ? 9.131 201.933 2794 ? r_long_range_B_refined       ? ? 
'X-RAY DIFFRACTION' ? 9.129 201.881 2795 ? r_long_range_B_other         ? ? 
'X-RAY DIFFRACTION' ? ?     ?       ?    ? r_rigid_bond_restr           ? ? 
'X-RAY DIFFRACTION' ? ?     ?       ?    ? r_sphericity_free            ? ? 
'X-RAY DIFFRACTION' ? ?     ?       ?    ? r_sphericity_bonded          ? ? 
# 
_refine_ls_shell.pdbx_refine_id                   'X-RAY DIFFRACTION' 
_refine_ls_shell.d_res_high                       2.956 
_refine_ls_shell.d_res_low                        3.032 
_refine_ls_shell.number_reflns_all                ? 
_refine_ls_shell.number_reflns_obs                ? 
_refine_ls_shell.number_reflns_R_free             9 
_refine_ls_shell.number_reflns_R_work             234 
_refine_ls_shell.percent_reflns_obs               99.18 
_refine_ls_shell.percent_reflns_R_free            ? 
_refine_ls_shell.R_factor_all                     ? 
_refine_ls_shell.R_factor_obs                     ? 
_refine_ls_shell.R_factor_R_free_error            ? 
_refine_ls_shell.R_factor_R_work                  0.314 
_refine_ls_shell.redundancy_reflns_all            ? 
_refine_ls_shell.redundancy_reflns_obs            ? 
_refine_ls_shell.wR_factor_all                    ? 
_refine_ls_shell.wR_factor_obs                    ? 
_refine_ls_shell.wR_factor_R_free                 ? 
_refine_ls_shell.wR_factor_R_work                 ? 
_refine_ls_shell.pdbx_R_complete                  ? 
_refine_ls_shell.pdbx_total_number_of_bins_used   20 
_refine_ls_shell.pdbx_phase_error                 ? 
_refine_ls_shell.pdbx_fsc_work                    ? 
_refine_ls_shell.pdbx_fsc_free                    ? 
_refine_ls_shell.R_factor_R_free                  0.444 
# 
_struct.entry_id                     8X0S 
_struct.title                        'Crystal structure of r(G4C2)2' 
_struct.pdbx_model_details           ? 
_struct.pdbx_formula_weight          ? 
_struct.pdbx_formula_weight_method   ? 
_struct.pdbx_model_type_details      ? 
_struct.pdbx_CASP_flag               N 
# 
_struct_keywords.entry_id        8X0S 
_struct_keywords.text            'G-quadruplex, RNA' 
_struct_keywords.pdbx_keywords   RNA 
# 
loop_
_struct_asym.id 
_struct_asym.pdbx_blank_PDB_chainid_flag 
_struct_asym.pdbx_modified 
_struct_asym.entity_id 
_struct_asym.details 
A N N 1 ? 
B N N 1 ? 
C N N 2 ? 
D N N 2 ? 
E N N 2 ? 
F N N 2 ? 
G N N 2 ? 
H N N 2 ? 
I N N 2 ? 
J N N 2 ? 
K N N 2 ? 
L N N 3 ? 
# 
_struct_ref.id                         1 
_struct_ref.db_name                    PDB 
_struct_ref.db_code                    8X0S 
_struct_ref.pdbx_db_accession          8X0S 
_struct_ref.pdbx_db_isoform            ? 
_struct_ref.entity_id                  1 
_struct_ref.pdbx_seq_one_letter_code   ? 
_struct_ref.pdbx_align_begin           1 
# 
loop_
_struct_ref_seq.align_id 
_struct_ref_seq.ref_id 
_struct_ref_seq.pdbx_PDB_id_code 
_struct_ref_seq.pdbx_strand_id 
_struct_ref_seq.seq_align_beg 
_struct_ref_seq.pdbx_seq_align_beg_ins_code 
_struct_ref_seq.seq_align_end 
_struct_ref_seq.pdbx_seq_align_end_ins_code 
_struct_ref_seq.pdbx_db_accession 
_struct_ref_seq.db_align_beg 
_struct_ref_seq.pdbx_db_align_beg_ins_code 
_struct_ref_seq.db_align_end 
_struct_ref_seq.pdbx_db_align_end_ins_code 
_struct_ref_seq.pdbx_auth_seq_align_beg 
_struct_ref_seq.pdbx_auth_seq_align_end 
1 1 8X0S A 1 ? 12 ? 8X0S 1 ? 12 ? 1 12 
2 1 8X0S B 1 ? 12 ? 8X0S 1 ? 12 ? 1 12 
# 
_pdbx_struct_assembly.id                   1 
_pdbx_struct_assembly.details              author_and_software_defined_assembly 
_pdbx_struct_assembly.method_details       PISA 
_pdbx_struct_assembly.oligomeric_details   tetrameric 
_pdbx_struct_assembly.oligomeric_count     4 
# 
loop_
_pdbx_struct_assembly_prop.biol_id 
_pdbx_struct_assembly_prop.type 
_pdbx_struct_assembly_prop.value 
_pdbx_struct_assembly_prop.details 
1 'ABSA (A^2)' 7520 ? 
1 MORE         -54  ? 
1 'SSA (A^2)'  4360 ? 
# 
_pdbx_struct_assembly_gen.assembly_id       1 
_pdbx_struct_assembly_gen.oper_expression   1,2 
_pdbx_struct_assembly_gen.asym_id_list      A,B,C,D,E,F,G,H,I,J,K,L 
# 
_pdbx_struct_assembly_auth_evidence.id                     1 
_pdbx_struct_assembly_auth_evidence.assembly_id            1 
_pdbx_struct_assembly_auth_evidence.experimental_support   'light scattering' 
_pdbx_struct_assembly_auth_evidence.details                ? 
# 
loop_
_pdbx_struct_oper_list.id 
_pdbx_struct_oper_list.type 
_pdbx_struct_oper_list.name 
_pdbx_struct_oper_list.symmetry_operation 
_pdbx_struct_oper_list.matrix[1][1] 
_pdbx_struct_oper_list.matrix[1][2] 
_pdbx_struct_oper_list.matrix[1][3] 
_pdbx_struct_oper_list.vector[1] 
_pdbx_struct_oper_list.matrix[2][1] 
_pdbx_struct_oper_list.matrix[2][2] 
_pdbx_struct_oper_list.matrix[2][3] 
_pdbx_struct_oper_list.vector[2] 
_pdbx_struct_oper_list.matrix[3][1] 
_pdbx_struct_oper_list.matrix[3][2] 
_pdbx_struct_oper_list.matrix[3][3] 
_pdbx_struct_oper_list.vector[3] 
1 'identity operation'         1_555 x,y,z     1.0000000000  0.0000000000 0.0000000000 0.0000000000  0.0000000000 1.0000000000 0.0000000000 0.0000000000 0.0000000000 0.0000000000 1.0000000000  0.0000000000  
2 'crystal symmetry operation' 8_555 x-y,-y,-z -0.8885343734 0.4355179302 0.1443287904 -8.7727129183 0.4355179302 0.7016534454 0.5639207169 3.2762939629 0.1443287904 0.5639207169 -0.8131190720 -3.1111521266 
# 
loop_
_struct_conn.id 
_struct_conn.conn_type_id 
_struct_conn.pdbx_leaving_atom_flag 
_struct_conn.pdbx_PDB_id 
_struct_conn.ptnr1_label_asym_id 
_struct_conn.ptnr1_label_comp_id 
_struct_conn.ptnr1_label_seq_id 
_struct_conn.ptnr1_label_atom_id 
_struct_conn.pdbx_ptnr1_label_alt_id 
_struct_conn.pdbx_ptnr1_PDB_ins_code 
_struct_conn.pdbx_ptnr1_standard_comp_id 
_struct_conn.ptnr1_symmetry 
_struct_conn.ptnr2_label_asym_id 
_struct_conn.ptnr2_label_comp_id 
_struct_conn.ptnr2_label_seq_id 
_struct_conn.ptnr2_label_atom_id 
_struct_conn.pdbx_ptnr2_label_alt_id 
_struct_conn.pdbx_ptnr2_PDB_ins_code 
_struct_conn.ptnr1_auth_asym_id 
_struct_conn.ptnr1_auth_comp_id 
_struct_conn.ptnr1_auth_seq_id 
_struct_conn.ptnr2_auth_asym_id 
_struct_conn.ptnr2_auth_comp_id 
_struct_conn.ptnr2_auth_seq_id 
_struct_conn.ptnr2_symmetry 
_struct_conn.pdbx_ptnr3_label_atom_id 
_struct_conn.pdbx_ptnr3_label_seq_id 
_struct_conn.pdbx_ptnr3_label_comp_id 
_struct_conn.pdbx_ptnr3_label_asym_id 
_struct_conn.pdbx_ptnr3_label_alt_id 
_struct_conn.pdbx_ptnr3_PDB_ins_code 
_struct_conn.details 
_struct_conn.pdbx_dist_value 
_struct_conn.pdbx_value_order 
_struct_conn.pdbx_role 
metalc1  metalc ? ? A G 1  O6 ? ? ? 1_555 C K .  K  ? ? A G 1   A K 101 1_555 ? ? ? ? ? ? ?           2.881 ? ? 
metalc2  metalc ? ? A G 1  O6 ? ? ? 1_555 C K .  K  ? ? A G 1   A K 101 8_555 ? ? ? ? ? ? ?           2.841 ? ? 
metalc3  metalc ? ? A G 1  O6 ? ? ? 1_555 F K .  K  ? ? A G 1   A K 104 1_555 ? ? ? ? ? ? ?           3.001 ? ? 
metalc4  metalc ? ? A G 1  O6 ? ? ? 1_555 F K .  K  ? ? A G 1   A K 104 8_555 ? ? ? ? ? ? ?           2.991 ? ? 
metalc5  metalc ? ? A G 2  O6 ? ? ? 1_555 C K .  K  ? ? A G 2   A K 101 1_555 ? ? ? ? ? ? ?           2.836 ? ? 
metalc6  metalc ? ? A G 2  O6 ? ? ? 1_555 C K .  K  ? ? A G 2   A K 101 8_555 ? ? ? ? ? ? ?           2.827 ? ? 
metalc7  metalc ? ? A G 2  O6 ? ? ? 1_555 D K .  K  ? ? A G 2   A K 102 1_555 ? ? ? ? ? ? ?           2.670 ? ? 
metalc8  metalc ? ? A G 2  O6 ? ? ? 1_555 D K .  K  ? ? A G 2   A K 102 8_555 ? ? ? ? ? ? ?           2.677 ? ? 
metalc9  metalc ? ? A G 3  O6 ? ? ? 1_555 D K .  K  ? ? A G 3   A K 102 1_555 ? ? ? ? ? ? ?           2.851 ? ? 
metalc10 metalc ? ? A G 3  O6 ? ? ? 1_555 D K .  K  ? ? A G 3   A K 102 8_555 ? ? ? ? ? ? ?           2.897 ? ? 
metalc11 metalc ? ? A G 3  O6 ? ? ? 1_555 E K .  K  ? ? A G 3   A K 103 1_555 ? ? ? ? ? ? ?           2.823 ? ? 
metalc12 metalc ? ? A G 3  O6 ? ? ? 1_555 E K .  K  ? ? A G 3   A K 103 8_555 ? ? ? ? ? ? ?           2.841 ? ? 
metalc13 metalc ? ? A G 4  O6 ? ? ? 1_555 E K .  K  ? ? A G 4   A K 103 1_555 ? ? ? ? ? ? ?           2.876 ? ? 
metalc14 metalc ? ? A G 4  O6 ? ? ? 1_555 E K .  K  ? ? A G 4   A K 103 8_555 ? ? ? ? ? ? ?           2.904 ? ? 
metalc15 metalc ? ? A G 4  O6 ? ? ? 1_555 G K .  K  ? ? A G 4   A K 105 1_555 ? ? ? ? ? ? ?           3.073 ? ? 
metalc16 metalc ? ? A G 4  O6 ? ? ? 1_555 G K .  K  ? ? A G 4   A K 105 8_555 ? ? ? ? ? ? ?           3.057 ? ? 
metalc17 metalc ? ? A G 7  O6 ? ? ? 1_555 C K .  K  ? ? A G 7   A K 101 1_555 ? ? ? ? ? ? ?           2.673 ? ? 
metalc18 metalc ? ? A G 7  O6 ? ? ? 1_555 C K .  K  ? ? A G 7   A K 101 8_555 ? ? ? ? ? ? ?           2.714 ? ? 
metalc19 metalc ? ? A G 7  O6 ? ? ? 1_555 F K .  K  ? ? A G 7   A K 104 1_555 ? ? ? ? ? ? ?           2.938 ? ? 
metalc20 metalc ? ? A G 7  O6 ? ? ? 1_555 F K .  K  ? ? A G 7   A K 104 8_555 ? ? ? ? ? ? ?           2.955 ? ? 
metalc21 metalc ? ? A G 8  O6 ? ? ? 1_555 C K .  K  ? ? A G 8   A K 101 1_555 ? ? ? ? ? ? ?           2.829 ? ? 
metalc22 metalc ? ? A G 8  O6 ? ? ? 1_555 C K .  K  ? ? A G 8   A K 101 8_555 ? ? ? ? ? ? ?           2.883 ? ? 
metalc23 metalc ? ? A G 8  O6 ? ? ? 1_555 D K .  K  ? ? A G 8   A K 102 1_555 ? ? ? ? ? ? ?           2.696 ? ? 
metalc24 metalc ? ? A G 8  O6 ? ? ? 1_555 D K .  K  ? ? A G 8   A K 102 8_555 ? ? ? ? ? ? ?           2.809 ? ? 
metalc25 metalc ? ? A G 9  O6 ? ? ? 1_555 D K .  K  ? ? A G 9   A K 102 1_555 ? ? ? ? ? ? ?           2.753 ? ? 
metalc26 metalc ? ? A G 9  O6 ? ? ? 1_555 D K .  K  ? ? A G 9   A K 102 8_555 ? ? ? ? ? ? ?           2.853 ? ? 
metalc27 metalc ? ? A G 9  O6 ? ? ? 1_555 E K .  K  ? ? A G 9   A K 103 1_555 ? ? ? ? ? ? ?           2.807 ? ? 
metalc28 metalc ? ? A G 9  O6 ? ? ? 1_555 E K .  K  ? ? A G 9   A K 103 8_555 ? ? ? ? ? ? ?           2.833 ? ? 
metalc29 metalc ? ? A G 10 O6 ? ? ? 1_555 E K .  K  ? ? A G 10  A K 103 1_555 ? ? ? ? ? ? ?           2.779 ? ? 
metalc30 metalc ? ? A G 10 O6 ? ? ? 1_555 E K .  K  ? ? A G 10  A K 103 8_555 ? ? ? ? ? ? ?           2.789 ? ? 
metalc31 metalc ? ? A G 10 O6 ? ? ? 1_555 G K .  K  ? ? A G 10  A K 105 1_555 ? ? ? ? ? ? ?           3.161 ? ? 
metalc32 metalc ? ? A G 10 O6 ? ? ? 1_555 G K .  K  ? ? A G 10  A K 105 8_555 ? ? ? ? ? ? ?           3.195 ? ? 
metalc33 metalc ? ? F K .  K  ? ? ? 1_555 B G 1  O6 ? ? A K 104 B G 1   1_555 ? ? ? ? ? ? ?           2.972 ? ? 
metalc34 metalc ? ? F K .  K  ? ? ? 8_555 B G 1  O6 ? ? A K 104 B G 1   1_555 ? ? ? ? ? ? ?           2.955 ? ? 
metalc35 metalc ? ? F K .  K  ? ? ? 1_555 B G 7  O6 ? ? A K 104 B G 7   1_555 ? ? ? ? ? ? ?           2.932 ? ? 
metalc36 metalc ? ? F K .  K  ? ? ? 8_555 B G 7  O6 ? ? A K 104 B G 7   1_555 ? ? ? ? ? ? ?           2.942 ? ? 
metalc37 metalc ? ? B G 1  O6 ? ? ? 1_555 H K .  K  ? ? B G 1   B K 101 1_555 ? ? ? ? ? ? ?           2.912 ? ? 
metalc38 metalc ? ? B G 1  O6 ? ? ? 1_555 H K .  K  ? ? B G 1   B K 101 8_555 ? ? ? ? ? ? ?           2.952 ? ? 
metalc39 metalc ? ? B G 2  O6 ? ? ? 1_555 H K .  K  ? ? B G 2   B K 101 1_555 ? ? ? ? ? ? ?           2.668 ? ? 
metalc40 metalc ? ? B G 2  O6 ? ? ? 1_555 H K .  K  ? ? B G 2   B K 101 8_555 ? ? ? ? ? ? ?           2.715 ? ? 
metalc41 metalc ? ? B G 2  O6 ? ? ? 1_555 I K .  K  ? ? B G 2   B K 102 1_555 ? ? ? ? ? ? ?           2.793 ? ? 
metalc42 metalc ? ? B G 2  O6 ? ? ? 1_555 I K .  K  ? ? B G 2   B K 102 8_555 ? ? ? ? ? ? ?           2.793 ? ? 
metalc43 metalc ? ? B G 3  O6 ? ? ? 1_555 I K .  K  ? ? B G 3   B K 102 1_555 ? ? ? ? ? ? ?           2.836 ? ? 
metalc44 metalc ? ? B G 3  O6 ? ? ? 1_555 I K .  K  ? ? B G 3   B K 102 8_555 ? ? ? ? ? ? ?           2.836 ? ? 
metalc45 metalc ? ? B G 3  O6 ? ? ? 1_555 J K .  K  ? ? B G 3   B K 103 1_555 ? ? ? ? ? ? ?           2.890 ? ? 
metalc46 metalc ? ? B G 3  O6 ? ? ? 1_555 J K .  K  ? ? B G 3   B K 103 8_555 ? ? ? ? ? ? ?           2.957 ? ? 
metalc47 metalc ? ? B G 4  O6 ? ? ? 1_555 J K .  K  ? ? B G 4   B K 103 1_555 ? ? ? ? ? ? ?           2.902 ? ? 
metalc48 metalc ? ? B G 4  O6 ? ? ? 1_555 J K .  K  ? ? B G 4   B K 103 8_555 ? ? ? ? ? ? ?           2.981 ? ? 
metalc49 metalc ? ? B G 4  O6 ? ? ? 1_555 K K .  K  ? ? B G 4   B K 104 1_555 ? ? ? ? ? ? ?           3.260 ? ? 
metalc50 metalc ? ? B G 4  O6 ? ? ? 1_555 K K .  K  ? ? B G 4   B K 104 8_555 ? ? ? ? ? ? ?           3.292 ? ? 
metalc51 metalc ? ? B G 7  O6 ? ? ? 1_555 H K .  K  ? ? B G 7   B K 101 1_555 ? ? ? ? ? ? ?           2.848 ? ? 
metalc52 metalc ? ? B G 7  O6 ? ? ? 1_555 H K .  K  ? ? B G 7   B K 101 8_555 ? ? ? ? ? ? ?           2.874 ? ? 
metalc53 metalc ? ? B G 8  O6 ? ? ? 1_555 H K .  K  ? ? B G 8   B K 101 1_555 ? ? ? ? ? ? ?           2.761 ? ? 
metalc54 metalc ? ? B G 8  O6 ? ? ? 1_555 H K .  K  ? ? B G 8   B K 101 8_555 ? ? ? ? ? ? ?           2.760 ? ? 
metalc55 metalc ? ? B G 8  O6 ? ? ? 1_555 I K .  K  ? ? B G 8   B K 102 1_555 ? ? ? ? ? ? ?           2.894 ? ? 
metalc56 metalc ? ? B G 8  O6 ? ? ? 1_555 I K .  K  ? ? B G 8   B K 102 8_555 ? ? ? ? ? ? ?           2.894 ? ? 
metalc57 metalc ? ? B G 9  O6 ? ? ? 1_555 I K .  K  ? ? B G 9   B K 102 1_555 ? ? ? ? ? ? ?           2.759 ? ? 
metalc58 metalc ? ? B G 9  O6 ? ? ? 1_555 I K .  K  ? ? B G 9   B K 102 8_555 ? ? ? ? ? ? ?           2.759 ? ? 
metalc59 metalc ? ? B G 9  O6 ? ? ? 1_555 J K .  K  ? ? B G 9   B K 103 1_555 ? ? ? ? ? ? ?           2.842 ? ? 
metalc60 metalc ? ? B G 9  O6 ? ? ? 1_555 J K .  K  ? ? B G 9   B K 103 8_555 ? ? ? ? ? ? ?           2.889 ? ? 
metalc61 metalc ? ? B G 10 O6 ? ? ? 1_555 J K .  K  ? ? B G 10  B K 103 1_555 ? ? ? ? ? ? ?           2.783 ? ? 
metalc62 metalc ? ? B G 10 O6 ? ? ? 1_555 J K .  K  ? ? B G 10  B K 103 8_555 ? ? ? ? ? ? ?           2.786 ? ? 
metalc63 metalc ? ? B G 10 O6 ? ? ? 1_555 K K .  K  ? ? B G 10  B K 104 1_555 ? ? ? ? ? ? ?           3.250 ? ? 
metalc64 metalc ? ? B G 10 O6 ? ? ? 1_555 K K .  K  ? ? B G 10  B K 104 8_555 ? ? ? ? ? ? ?           3.284 ? ? 
hydrog1  hydrog ? ? A G 1  N1 ? ? ? 1_555 A G 7  O6 ? ? A G 1   A G 7   1_555 ? ? ? ? ? ? TYPE_6_PAIR ?     ? ? 
hydrog2  hydrog ? ? A G 1  N2 ? ? ? 1_555 A G 7  N7 ? ? A G 1   A G 7   1_555 ? ? ? ? ? ? TYPE_6_PAIR ?     ? ? 
hydrog3  hydrog ? ? A G 2  N1 ? ? ? 1_555 A G 8  O6 ? ? A G 2   A G 8   1_555 ? ? ? ? ? ? TYPE_6_PAIR ?     ? ? 
hydrog4  hydrog ? ? A G 2  N2 ? ? ? 1_555 A G 8  N7 ? ? A G 2   A G 8   1_555 ? ? ? ? ? ? TYPE_6_PAIR ?     ? ? 
hydrog5  hydrog ? ? A G 3  N1 ? ? ? 1_555 A G 9  O6 ? ? A G 3   A G 9   1_555 ? ? ? ? ? ? TYPE_6_PAIR ?     ? ? 
hydrog6  hydrog ? ? A G 3  N2 ? ? ? 1_555 A G 9  N7 ? ? A G 3   A G 9   1_555 ? ? ? ? ? ? TYPE_6_PAIR ?     ? ? 
hydrog7  hydrog ? ? A G 4  N1 ? ? ? 1_555 A G 10 O6 ? ? A G 4   A G 10  1_555 ? ? ? ? ? ? TYPE_6_PAIR ?     ? ? 
hydrog8  hydrog ? ? A G 4  N2 ? ? ? 1_555 A G 10 N7 ? ? A G 4   A G 10  1_555 ? ? ? ? ? ? TYPE_6_PAIR ?     ? ? 
hydrog9  hydrog ? ? B G 1  N1 ? ? ? 1_555 B G 7  O6 ? ? B G 1   B G 7   1_555 ? ? ? ? ? ? TYPE_6_PAIR ?     ? ? 
hydrog10 hydrog ? ? B G 1  N2 ? ? ? 1_555 B G 7  N7 ? ? B G 1   B G 7   1_555 ? ? ? ? ? ? TYPE_6_PAIR ?     ? ? 
hydrog11 hydrog ? ? B G 2  N1 ? ? ? 1_555 B G 8  O6 ? ? B G 2   B G 8   1_555 ? ? ? ? ? ? TYPE_6_PAIR ?     ? ? 
hydrog12 hydrog ? ? B G 2  N2 ? ? ? 1_555 B G 8  N7 ? ? B G 2   B G 8   1_555 ? ? ? ? ? ? TYPE_6_PAIR ?     ? ? 
hydrog13 hydrog ? ? B G 3  N1 ? ? ? 1_555 B G 9  O6 ? ? B G 3   B G 9   1_555 ? ? ? ? ? ? TYPE_6_PAIR ?     ? ? 
hydrog14 hydrog ? ? B G 3  N2 ? ? ? 1_555 B G 9  N7 ? ? B G 3   B G 9   1_555 ? ? ? ? ? ? TYPE_6_PAIR ?     ? ? 
hydrog15 hydrog ? ? B G 4  N1 ? ? ? 1_555 B G 10 O6 ? ? B G 4   B G 10  1_555 ? ? ? ? ? ? TYPE_6_PAIR ?     ? ? 
hydrog16 hydrog ? ? B G 4  N2 ? ? ? 1_555 B G 10 N7 ? ? B G 4   B G 10  1_555 ? ? ? ? ? ? TYPE_6_PAIR ?     ? ? 
# 
loop_
_struct_conn_type.id 
_struct_conn_type.criteria 
_struct_conn_type.reference 
metalc ? ? 
hydrog ? ? 
# 
loop_
_pdbx_struct_conn_angle.id 
_pdbx_struct_conn_angle.ptnr1_label_atom_id 
_pdbx_struct_conn_angle.ptnr1_label_alt_id 
_pdbx_struct_conn_angle.ptnr1_label_asym_id 
_pdbx_struct_conn_angle.ptnr1_label_comp_id 
_pdbx_struct_conn_angle.ptnr1_label_seq_id 
_pdbx_struct_conn_angle.ptnr1_auth_atom_id 
_pdbx_struct_conn_angle.ptnr1_auth_asym_id 
_pdbx_struct_conn_angle.ptnr1_auth_comp_id 
_pdbx_struct_conn_angle.ptnr1_auth_seq_id 
_pdbx_struct_conn_angle.ptnr1_PDB_ins_code 
_pdbx_struct_conn_angle.ptnr1_symmetry 
_pdbx_struct_conn_angle.ptnr2_label_atom_id 
_pdbx_struct_conn_angle.ptnr2_label_alt_id 
_pdbx_struct_conn_angle.ptnr2_label_asym_id 
_pdbx_struct_conn_angle.ptnr2_label_comp_id 
_pdbx_struct_conn_angle.ptnr2_label_seq_id 
_pdbx_struct_conn_angle.ptnr2_auth_atom_id 
_pdbx_struct_conn_angle.ptnr2_auth_asym_id 
_pdbx_struct_conn_angle.ptnr2_auth_comp_id 
_pdbx_struct_conn_angle.ptnr2_auth_seq_id 
_pdbx_struct_conn_angle.ptnr2_PDB_ins_code 
_pdbx_struct_conn_angle.ptnr2_symmetry 
_pdbx_struct_conn_angle.ptnr3_label_atom_id 
_pdbx_struct_conn_angle.ptnr3_label_alt_id 
_pdbx_struct_conn_angle.ptnr3_label_asym_id 
_pdbx_struct_conn_angle.ptnr3_label_comp_id 
_pdbx_struct_conn_angle.ptnr3_label_seq_id 
_pdbx_struct_conn_angle.ptnr3_auth_atom_id 
_pdbx_struct_conn_angle.ptnr3_auth_asym_id 
_pdbx_struct_conn_angle.ptnr3_auth_comp_id 
_pdbx_struct_conn_angle.ptnr3_auth_seq_id 
_pdbx_struct_conn_angle.ptnr3_PDB_ins_code 
_pdbx_struct_conn_angle.ptnr3_symmetry 
_pdbx_struct_conn_angle.value 
_pdbx_struct_conn_angle.value_esd 
1   O6 ? A G 1  ? A G 1  ? 1_555 K ? C K . ? A K 101 ? 1_555 O6 ? A G 1  ? A G 1  ? 1_555 0.0   ? 
2   O6 ? A G 1  ? A G 1  ? 1_555 K ? C K . ? A K 101 ? 1_555 O6 ? A G 2  ? A G 2  ? 1_555 78.8  ? 
3   O6 ? A G 1  ? A G 1  ? 1_555 K ? C K . ? A K 101 ? 1_555 O6 ? A G 2  ? A G 2  ? 1_555 78.8  ? 
4   O6 ? A G 1  ? A G 1  ? 1_555 K ? C K . ? A K 101 ? 1_555 O6 ? A G 2  ? A G 2  ? 1_555 78.8  ? 
5   O6 ? A G 1  ? A G 1  ? 1_555 K ? C K . ? A K 101 ? 1_555 O6 ? A G 2  ? A G 2  ? 1_555 78.8  ? 
6   O6 ? A G 2  ? A G 2  ? 1_555 K ? C K . ? A K 101 ? 1_555 O6 ? A G 2  ? A G 2  ? 1_555 0.0   ? 
7   O6 ? A G 1  ? A G 1  ? 1_555 K ? C K . ? A K 101 ? 1_555 O6 ? A G 7  ? A G 7  ? 1_555 71.0  ? 
8   O6 ? A G 1  ? A G 1  ? 1_555 K ? C K . ? A K 101 ? 1_555 O6 ? A G 7  ? A G 7  ? 1_555 71.0  ? 
9   O6 ? A G 2  ? A G 2  ? 1_555 K ? C K . ? A K 101 ? 1_555 O6 ? A G 7  ? A G 7  ? 1_555 88.2  ? 
10  O6 ? A G 2  ? A G 2  ? 1_555 K ? C K . ? A K 101 ? 1_555 O6 ? A G 7  ? A G 7  ? 1_555 88.2  ? 
11  O6 ? A G 1  ? A G 1  ? 1_555 K ? C K . ? A K 101 ? 1_555 O6 ? A G 7  ? A G 7  ? 1_555 71.0  ? 
12  O6 ? A G 1  ? A G 1  ? 1_555 K ? C K . ? A K 101 ? 1_555 O6 ? A G 7  ? A G 7  ? 1_555 71.0  ? 
13  O6 ? A G 2  ? A G 2  ? 1_555 K ? C K . ? A K 101 ? 1_555 O6 ? A G 7  ? A G 7  ? 1_555 88.2  ? 
14  O6 ? A G 2  ? A G 2  ? 1_555 K ? C K . ? A K 101 ? 1_555 O6 ? A G 7  ? A G 7  ? 1_555 88.2  ? 
15  O6 ? A G 7  ? A G 7  ? 1_555 K ? C K . ? A K 101 ? 1_555 O6 ? A G 7  ? A G 7  ? 1_555 0.0   ? 
16  O6 ? A G 1  ? A G 1  ? 1_555 K ? C K . ? A K 101 ? 1_555 O6 ? A G 8  ? A G 8  ? 1_555 134.1 ? 
17  O6 ? A G 1  ? A G 1  ? 1_555 K ? C K . ? A K 101 ? 1_555 O6 ? A G 8  ? A G 8  ? 1_555 134.1 ? 
18  O6 ? A G 2  ? A G 2  ? 1_555 K ? C K . ? A K 101 ? 1_555 O6 ? A G 8  ? A G 8  ? 1_555 65.9  ? 
19  O6 ? A G 2  ? A G 2  ? 1_555 K ? C K . ? A K 101 ? 1_555 O6 ? A G 8  ? A G 8  ? 1_555 65.9  ? 
20  O6 ? A G 7  ? A G 7  ? 1_555 K ? C K . ? A K 101 ? 1_555 O6 ? A G 8  ? A G 8  ? 1_555 79.3  ? 
21  O6 ? A G 7  ? A G 7  ? 1_555 K ? C K . ? A K 101 ? 1_555 O6 ? A G 8  ? A G 8  ? 1_555 79.3  ? 
22  O6 ? A G 1  ? A G 1  ? 1_555 K ? C K . ? A K 101 ? 1_555 O6 ? A G 8  ? A G 8  ? 1_555 134.1 ? 
23  O6 ? A G 1  ? A G 1  ? 1_555 K ? C K . ? A K 101 ? 1_555 O6 ? A G 8  ? A G 8  ? 1_555 134.1 ? 
24  O6 ? A G 2  ? A G 2  ? 1_555 K ? C K . ? A K 101 ? 1_555 O6 ? A G 8  ? A G 8  ? 1_555 65.9  ? 
25  O6 ? A G 2  ? A G 2  ? 1_555 K ? C K . ? A K 101 ? 1_555 O6 ? A G 8  ? A G 8  ? 1_555 65.9  ? 
26  O6 ? A G 7  ? A G 7  ? 1_555 K ? C K . ? A K 101 ? 1_555 O6 ? A G 8  ? A G 8  ? 1_555 79.3  ? 
27  O6 ? A G 7  ? A G 7  ? 1_555 K ? C K . ? A K 101 ? 1_555 O6 ? A G 8  ? A G 8  ? 1_555 79.3  ? 
28  O6 ? A G 8  ? A G 8  ? 1_555 K ? C K . ? A K 101 ? 1_555 O6 ? A G 8  ? A G 8  ? 1_555 0.0   ? 
29  O6 ? A G 1  ? A G 1  ? 1_555 K ? F K . ? A K 104 ? 1_555 O6 ? A G 1  ? A G 1  ? 1_555 0.0   ? 
30  O6 ? A G 1  ? A G 1  ? 1_555 K ? F K . ? A K 104 ? 1_555 O6 ? A G 7  ? A G 7  ? 1_555 65.9  ? 
31  O6 ? A G 1  ? A G 1  ? 1_555 K ? F K . ? A K 104 ? 1_555 O6 ? A G 7  ? A G 7  ? 1_555 65.9  ? 
32  O6 ? A G 1  ? A G 1  ? 1_555 K ? F K . ? A K 104 ? 1_555 O6 ? A G 7  ? A G 7  ? 1_555 65.9  ? 
33  O6 ? A G 1  ? A G 1  ? 1_555 K ? F K . ? A K 104 ? 1_555 O6 ? A G 7  ? A G 7  ? 1_555 65.9  ? 
34  O6 ? A G 7  ? A G 7  ? 1_555 K ? F K . ? A K 104 ? 1_555 O6 ? A G 7  ? A G 7  ? 1_555 0.0   ? 
35  O6 ? A G 1  ? A G 1  ? 1_555 K ? F K . ? A K 104 ? 1_555 O6 ? B G 1  ? B G 1  ? 1_555 115.9 ? 
36  O6 ? A G 1  ? A G 1  ? 1_555 K ? F K . ? A K 104 ? 1_555 O6 ? B G 1  ? B G 1  ? 1_555 115.9 ? 
37  O6 ? A G 7  ? A G 7  ? 1_555 K ? F K . ? A K 104 ? 1_555 O6 ? B G 1  ? B G 1  ? 1_555 176.1 ? 
38  O6 ? A G 7  ? A G 7  ? 1_555 K ? F K . ? A K 104 ? 1_555 O6 ? B G 1  ? B G 1  ? 1_555 176.1 ? 
39  O6 ? A G 1  ? A G 1  ? 1_555 K ? F K . ? A K 104 ? 1_555 O6 ? B G 1  ? B G 1  ? 1_555 115.9 ? 
40  O6 ? A G 1  ? A G 1  ? 1_555 K ? F K . ? A K 104 ? 1_555 O6 ? B G 1  ? B G 1  ? 1_555 115.9 ? 
41  O6 ? A G 7  ? A G 7  ? 1_555 K ? F K . ? A K 104 ? 1_555 O6 ? B G 1  ? B G 1  ? 1_555 176.1 ? 
42  O6 ? A G 7  ? A G 7  ? 1_555 K ? F K . ? A K 104 ? 1_555 O6 ? B G 1  ? B G 1  ? 1_555 176.1 ? 
43  O6 ? B G 1  ? B G 1  ? 1_555 K ? F K . ? A K 104 ? 1_555 O6 ? B G 1  ? B G 1  ? 1_555 0.0   ? 
44  O6 ? A G 1  ? A G 1  ? 1_555 K ? F K . ? A K 104 ? 1_555 O6 ? B G 7  ? B G 7  ? 1_555 174.7 ? 
45  O6 ? A G 1  ? A G 1  ? 1_555 K ? F K . ? A K 104 ? 1_555 O6 ? B G 7  ? B G 7  ? 1_555 174.7 ? 
46  O6 ? A G 7  ? A G 7  ? 1_555 K ? F K . ? A K 104 ? 1_555 O6 ? B G 7  ? B G 7  ? 1_555 111.7 ? 
47  O6 ? A G 7  ? A G 7  ? 1_555 K ? F K . ? A K 104 ? 1_555 O6 ? B G 7  ? B G 7  ? 1_555 111.7 ? 
48  O6 ? B G 1  ? B G 1  ? 1_555 K ? F K . ? A K 104 ? 1_555 O6 ? B G 7  ? B G 7  ? 1_555 66.9  ? 
49  O6 ? B G 1  ? B G 1  ? 1_555 K ? F K . ? A K 104 ? 1_555 O6 ? B G 7  ? B G 7  ? 1_555 66.9  ? 
50  O6 ? A G 1  ? A G 1  ? 1_555 K ? F K . ? A K 104 ? 1_555 O6 ? B G 7  ? B G 7  ? 1_555 174.7 ? 
51  O6 ? A G 1  ? A G 1  ? 1_555 K ? F K . ? A K 104 ? 1_555 O6 ? B G 7  ? B G 7  ? 1_555 174.7 ? 
52  O6 ? A G 7  ? A G 7  ? 1_555 K ? F K . ? A K 104 ? 1_555 O6 ? B G 7  ? B G 7  ? 1_555 111.7 ? 
53  O6 ? A G 7  ? A G 7  ? 1_555 K ? F K . ? A K 104 ? 1_555 O6 ? B G 7  ? B G 7  ? 1_555 111.7 ? 
54  O6 ? B G 1  ? B G 1  ? 1_555 K ? F K . ? A K 104 ? 1_555 O6 ? B G 7  ? B G 7  ? 1_555 66.9  ? 
55  O6 ? B G 1  ? B G 1  ? 1_555 K ? F K . ? A K 104 ? 1_555 O6 ? B G 7  ? B G 7  ? 1_555 66.9  ? 
56  O6 ? B G 7  ? B G 7  ? 1_555 K ? F K . ? A K 104 ? 1_555 O6 ? B G 7  ? B G 7  ? 1_555 0.0   ? 
57  O6 ? A G 2  ? A G 2  ? 1_555 K ? D K . ? A K 102 ? 1_555 O6 ? A G 2  ? A G 2  ? 1_555 0.0   ? 
58  O6 ? A G 2  ? A G 2  ? 1_555 K ? D K . ? A K 102 ? 1_555 O6 ? A G 3  ? A G 3  ? 1_555 74.6  ? 
59  O6 ? A G 2  ? A G 2  ? 1_555 K ? D K . ? A K 102 ? 1_555 O6 ? A G 3  ? A G 3  ? 1_555 74.6  ? 
60  O6 ? A G 2  ? A G 2  ? 1_555 K ? D K . ? A K 102 ? 1_555 O6 ? A G 3  ? A G 3  ? 1_555 74.6  ? 
61  O6 ? A G 2  ? A G 2  ? 1_555 K ? D K . ? A K 102 ? 1_555 O6 ? A G 3  ? A G 3  ? 1_555 74.6  ? 
62  O6 ? A G 3  ? A G 3  ? 1_555 K ? D K . ? A K 102 ? 1_555 O6 ? A G 3  ? A G 3  ? 1_555 0.0   ? 
63  O6 ? A G 2  ? A G 2  ? 1_555 K ? D K . ? A K 102 ? 1_555 O6 ? A G 8  ? A G 8  ? 1_555 70.1  ? 
64  O6 ? A G 2  ? A G 2  ? 1_555 K ? D K . ? A K 102 ? 1_555 O6 ? A G 8  ? A G 8  ? 1_555 70.1  ? 
65  O6 ? A G 3  ? A G 3  ? 1_555 K ? D K . ? A K 102 ? 1_555 O6 ? A G 8  ? A G 8  ? 1_555 97.9  ? 
66  O6 ? A G 3  ? A G 3  ? 1_555 K ? D K . ? A K 102 ? 1_555 O6 ? A G 8  ? A G 8  ? 1_555 97.9  ? 
67  O6 ? A G 2  ? A G 2  ? 1_555 K ? D K . ? A K 102 ? 1_555 O6 ? A G 8  ? A G 8  ? 1_555 70.1  ? 
68  O6 ? A G 2  ? A G 2  ? 1_555 K ? D K . ? A K 102 ? 1_555 O6 ? A G 8  ? A G 8  ? 1_555 70.1  ? 
69  O6 ? A G 3  ? A G 3  ? 1_555 K ? D K . ? A K 102 ? 1_555 O6 ? A G 8  ? A G 8  ? 1_555 97.9  ? 
70  O6 ? A G 3  ? A G 3  ? 1_555 K ? D K . ? A K 102 ? 1_555 O6 ? A G 8  ? A G 8  ? 1_555 97.9  ? 
71  O6 ? A G 8  ? A G 8  ? 1_555 K ? D K . ? A K 102 ? 1_555 O6 ? A G 8  ? A G 8  ? 1_555 0.0   ? 
72  O6 ? A G 2  ? A G 2  ? 1_555 K ? D K . ? A K 102 ? 1_555 O6 ? A G 9  ? A G 9  ? 1_555 129.5 ? 
73  O6 ? A G 2  ? A G 2  ? 1_555 K ? D K . ? A K 102 ? 1_555 O6 ? A G 9  ? A G 9  ? 1_555 129.5 ? 
74  O6 ? A G 3  ? A G 3  ? 1_555 K ? D K . ? A K 102 ? 1_555 O6 ? A G 9  ? A G 9  ? 1_555 73.5  ? 
75  O6 ? A G 3  ? A G 3  ? 1_555 K ? D K . ? A K 102 ? 1_555 O6 ? A G 9  ? A G 9  ? 1_555 73.5  ? 
76  O6 ? A G 8  ? A G 8  ? 1_555 K ? D K . ? A K 102 ? 1_555 O6 ? A G 9  ? A G 9  ? 1_555 76.7  ? 
77  O6 ? A G 8  ? A G 8  ? 1_555 K ? D K . ? A K 102 ? 1_555 O6 ? A G 9  ? A G 9  ? 1_555 76.7  ? 
78  O6 ? A G 2  ? A G 2  ? 1_555 K ? D K . ? A K 102 ? 1_555 O6 ? A G 9  ? A G 9  ? 1_555 129.5 ? 
79  O6 ? A G 2  ? A G 2  ? 1_555 K ? D K . ? A K 102 ? 1_555 O6 ? A G 9  ? A G 9  ? 1_555 129.5 ? 
80  O6 ? A G 3  ? A G 3  ? 1_555 K ? D K . ? A K 102 ? 1_555 O6 ? A G 9  ? A G 9  ? 1_555 73.5  ? 
81  O6 ? A G 3  ? A G 3  ? 1_555 K ? D K . ? A K 102 ? 1_555 O6 ? A G 9  ? A G 9  ? 1_555 73.5  ? 
82  O6 ? A G 8  ? A G 8  ? 1_555 K ? D K . ? A K 102 ? 1_555 O6 ? A G 9  ? A G 9  ? 1_555 76.7  ? 
83  O6 ? A G 8  ? A G 8  ? 1_555 K ? D K . ? A K 102 ? 1_555 O6 ? A G 9  ? A G 9  ? 1_555 76.7  ? 
84  O6 ? A G 9  ? A G 9  ? 1_555 K ? D K . ? A K 102 ? 1_555 O6 ? A G 9  ? A G 9  ? 1_555 0.0   ? 
85  O6 ? A G 3  ? A G 3  ? 1_555 K ? E K . ? A K 103 ? 1_555 O6 ? A G 3  ? A G 3  ? 1_555 0.0   ? 
86  O6 ? A G 3  ? A G 3  ? 1_555 K ? E K . ? A K 103 ? 1_555 O6 ? A G 4  ? A G 4  ? 1_555 81.6  ? 
87  O6 ? A G 3  ? A G 3  ? 1_555 K ? E K . ? A K 103 ? 1_555 O6 ? A G 4  ? A G 4  ? 1_555 81.6  ? 
88  O6 ? A G 3  ? A G 3  ? 1_555 K ? E K . ? A K 103 ? 1_555 O6 ? A G 4  ? A G 4  ? 1_555 81.6  ? 
89  O6 ? A G 3  ? A G 3  ? 1_555 K ? E K . ? A K 103 ? 1_555 O6 ? A G 4  ? A G 4  ? 1_555 81.6  ? 
90  O6 ? A G 4  ? A G 4  ? 1_555 K ? E K . ? A K 103 ? 1_555 O6 ? A G 4  ? A G 4  ? 1_555 0.0   ? 
91  O6 ? A G 3  ? A G 3  ? 1_555 K ? E K . ? A K 103 ? 1_555 O6 ? A G 9  ? A G 9  ? 1_555 73.1  ? 
92  O6 ? A G 3  ? A G 3  ? 1_555 K ? E K . ? A K 103 ? 1_555 O6 ? A G 9  ? A G 9  ? 1_555 73.1  ? 
93  O6 ? A G 4  ? A G 4  ? 1_555 K ? E K . ? A K 103 ? 1_555 O6 ? A G 9  ? A G 9  ? 1_555 93.9  ? 
94  O6 ? A G 4  ? A G 4  ? 1_555 K ? E K . ? A K 103 ? 1_555 O6 ? A G 9  ? A G 9  ? 1_555 93.9  ? 
95  O6 ? A G 3  ? A G 3  ? 1_555 K ? E K . ? A K 103 ? 1_555 O6 ? A G 9  ? A G 9  ? 1_555 73.1  ? 
96  O6 ? A G 3  ? A G 3  ? 1_555 K ? E K . ? A K 103 ? 1_555 O6 ? A G 9  ? A G 9  ? 1_555 73.1  ? 
97  O6 ? A G 4  ? A G 4  ? 1_555 K ? E K . ? A K 103 ? 1_555 O6 ? A G 9  ? A G 9  ? 1_555 93.9  ? 
98  O6 ? A G 4  ? A G 4  ? 1_555 K ? E K . ? A K 103 ? 1_555 O6 ? A G 9  ? A G 9  ? 1_555 93.9  ? 
99  O6 ? A G 9  ? A G 9  ? 1_555 K ? E K . ? A K 103 ? 1_555 O6 ? A G 9  ? A G 9  ? 1_555 0.0   ? 
100 O6 ? A G 3  ? A G 3  ? 1_555 K ? E K . ? A K 103 ? 1_555 O6 ? A G 10 ? A G 10 ? 1_555 138.4 ? 
101 O6 ? A G 3  ? A G 3  ? 1_555 K ? E K . ? A K 103 ? 1_555 O6 ? A G 10 ? A G 10 ? 1_555 138.4 ? 
102 O6 ? A G 4  ? A G 4  ? 1_555 K ? E K . ? A K 103 ? 1_555 O6 ? A G 10 ? A G 10 ? 1_555 68.8  ? 
103 O6 ? A G 4  ? A G 4  ? 1_555 K ? E K . ? A K 103 ? 1_555 O6 ? A G 10 ? A G 10 ? 1_555 68.8  ? 
104 O6 ? A G 9  ? A G 9  ? 1_555 K ? E K . ? A K 103 ? 1_555 O6 ? A G 10 ? A G 10 ? 1_555 80.2  ? 
105 O6 ? A G 9  ? A G 9  ? 1_555 K ? E K . ? A K 103 ? 1_555 O6 ? A G 10 ? A G 10 ? 1_555 80.2  ? 
106 O6 ? A G 3  ? A G 3  ? 1_555 K ? E K . ? A K 103 ? 1_555 O6 ? A G 10 ? A G 10 ? 1_555 138.4 ? 
107 O6 ? A G 3  ? A G 3  ? 1_555 K ? E K . ? A K 103 ? 1_555 O6 ? A G 10 ? A G 10 ? 1_555 138.4 ? 
108 O6 ? A G 4  ? A G 4  ? 1_555 K ? E K . ? A K 103 ? 1_555 O6 ? A G 10 ? A G 10 ? 1_555 68.8  ? 
109 O6 ? A G 4  ? A G 4  ? 1_555 K ? E K . ? A K 103 ? 1_555 O6 ? A G 10 ? A G 10 ? 1_555 68.8  ? 
110 O6 ? A G 9  ? A G 9  ? 1_555 K ? E K . ? A K 103 ? 1_555 O6 ? A G 10 ? A G 10 ? 1_555 80.2  ? 
111 O6 ? A G 9  ? A G 9  ? 1_555 K ? E K . ? A K 103 ? 1_555 O6 ? A G 10 ? A G 10 ? 1_555 80.2  ? 
112 O6 ? A G 10 ? A G 10 ? 1_555 K ? E K . ? A K 103 ? 1_555 O6 ? A G 10 ? A G 10 ? 1_555 0.0   ? 
113 O6 ? A G 4  ? A G 4  ? 1_555 K ? G K . ? A K 105 ? 1_555 O6 ? A G 4  ? A G 4  ? 1_555 0.0   ? 
114 O6 ? A G 4  ? A G 4  ? 1_555 K ? G K . ? A K 105 ? 1_555 O6 ? A G 10 ? A G 10 ? 1_555 61.7  ? 
115 O6 ? A G 4  ? A G 4  ? 1_555 K ? G K . ? A K 105 ? 1_555 O6 ? A G 10 ? A G 10 ? 1_555 61.7  ? 
116 O6 ? A G 4  ? A G 4  ? 1_555 K ? G K . ? A K 105 ? 1_555 O6 ? A G 10 ? A G 10 ? 1_555 61.7  ? 
117 O6 ? A G 4  ? A G 4  ? 1_555 K ? G K . ? A K 105 ? 1_555 O6 ? A G 10 ? A G 10 ? 1_555 61.7  ? 
118 O6 ? A G 10 ? A G 10 ? 1_555 K ? G K . ? A K 105 ? 1_555 O6 ? A G 10 ? A G 10 ? 1_555 0.0   ? 
119 O6 ? B G 1  ? B G 1  ? 1_555 K ? H K . ? B K 101 ? 1_555 O6 ? B G 1  ? B G 1  ? 1_555 0.0   ? 
120 O6 ? B G 1  ? B G 1  ? 1_555 K ? H K . ? B K 101 ? 1_555 O6 ? B G 2  ? B G 2  ? 1_555 80.2  ? 
121 O6 ? B G 1  ? B G 1  ? 1_555 K ? H K . ? B K 101 ? 1_555 O6 ? B G 2  ? B G 2  ? 1_555 80.2  ? 
122 O6 ? B G 1  ? B G 1  ? 1_555 K ? H K . ? B K 101 ? 1_555 O6 ? B G 2  ? B G 2  ? 1_555 80.2  ? 
123 O6 ? B G 1  ? B G 1  ? 1_555 K ? H K . ? B K 101 ? 1_555 O6 ? B G 2  ? B G 2  ? 1_555 80.2  ? 
124 O6 ? B G 2  ? B G 2  ? 1_555 K ? H K . ? B K 101 ? 1_555 O6 ? B G 2  ? B G 2  ? 1_555 0.0   ? 
125 O6 ? B G 1  ? B G 1  ? 1_555 K ? H K . ? B K 101 ? 1_555 O6 ? B G 7  ? B G 7  ? 1_555 68.7  ? 
126 O6 ? B G 1  ? B G 1  ? 1_555 K ? H K . ? B K 101 ? 1_555 O6 ? B G 7  ? B G 7  ? 1_555 68.7  ? 
127 O6 ? B G 2  ? B G 2  ? 1_555 K ? H K . ? B K 101 ? 1_555 O6 ? B G 7  ? B G 7  ? 1_555 88.7  ? 
128 O6 ? B G 2  ? B G 2  ? 1_555 K ? H K . ? B K 101 ? 1_555 O6 ? B G 7  ? B G 7  ? 1_555 88.7  ? 
129 O6 ? B G 1  ? B G 1  ? 1_555 K ? H K . ? B K 101 ? 1_555 O6 ? B G 7  ? B G 7  ? 1_555 68.7  ? 
130 O6 ? B G 1  ? B G 1  ? 1_555 K ? H K . ? B K 101 ? 1_555 O6 ? B G 7  ? B G 7  ? 1_555 68.7  ? 
131 O6 ? B G 2  ? B G 2  ? 1_555 K ? H K . ? B K 101 ? 1_555 O6 ? B G 7  ? B G 7  ? 1_555 88.7  ? 
132 O6 ? B G 2  ? B G 2  ? 1_555 K ? H K . ? B K 101 ? 1_555 O6 ? B G 7  ? B G 7  ? 1_555 88.7  ? 
133 O6 ? B G 7  ? B G 7  ? 1_555 K ? H K . ? B K 101 ? 1_555 O6 ? B G 7  ? B G 7  ? 1_555 0.0   ? 
134 O6 ? B G 1  ? B G 1  ? 1_555 K ? H K . ? B K 101 ? 1_555 O6 ? B G 8  ? B G 8  ? 1_555 134.5 ? 
135 O6 ? B G 1  ? B G 1  ? 1_555 K ? H K . ? B K 101 ? 1_555 O6 ? B G 8  ? B G 8  ? 1_555 134.5 ? 
136 O6 ? B G 2  ? B G 2  ? 1_555 K ? H K . ? B K 101 ? 1_555 O6 ? B G 8  ? B G 8  ? 1_555 69.3  ? 
137 O6 ? B G 2  ? B G 2  ? 1_555 K ? H K . ? B K 101 ? 1_555 O6 ? B G 8  ? B G 8  ? 1_555 69.3  ? 
138 O6 ? B G 7  ? B G 7  ? 1_555 K ? H K . ? B K 101 ? 1_555 O6 ? B G 8  ? B G 8  ? 1_555 77.4  ? 
139 O6 ? B G 7  ? B G 7  ? 1_555 K ? H K . ? B K 101 ? 1_555 O6 ? B G 8  ? B G 8  ? 1_555 77.4  ? 
140 O6 ? B G 1  ? B G 1  ? 1_555 K ? H K . ? B K 101 ? 1_555 O6 ? B G 8  ? B G 8  ? 1_555 134.5 ? 
141 O6 ? B G 1  ? B G 1  ? 1_555 K ? H K . ? B K 101 ? 1_555 O6 ? B G 8  ? B G 8  ? 1_555 134.5 ? 
142 O6 ? B G 2  ? B G 2  ? 1_555 K ? H K . ? B K 101 ? 1_555 O6 ? B G 8  ? B G 8  ? 1_555 69.3  ? 
143 O6 ? B G 2  ? B G 2  ? 1_555 K ? H K . ? B K 101 ? 1_555 O6 ? B G 8  ? B G 8  ? 1_555 69.3  ? 
144 O6 ? B G 7  ? B G 7  ? 1_555 K ? H K . ? B K 101 ? 1_555 O6 ? B G 8  ? B G 8  ? 1_555 77.4  ? 
145 O6 ? B G 7  ? B G 7  ? 1_555 K ? H K . ? B K 101 ? 1_555 O6 ? B G 8  ? B G 8  ? 1_555 77.4  ? 
146 O6 ? B G 8  ? B G 8  ? 1_555 K ? H K . ? B K 101 ? 1_555 O6 ? B G 8  ? B G 8  ? 1_555 0.0   ? 
147 O6 ? B G 2  ? B G 2  ? 1_555 K ? I K . ? B K 102 ? 1_555 O6 ? B G 2  ? B G 2  ? 1_555 0.0   ? 
148 O6 ? B G 2  ? B G 2  ? 1_555 K ? I K . ? B K 102 ? 1_555 O6 ? B G 3  ? B G 3  ? 1_555 72.8  ? 
149 O6 ? B G 2  ? B G 2  ? 1_555 K ? I K . ? B K 102 ? 1_555 O6 ? B G 3  ? B G 3  ? 1_555 72.8  ? 
150 O6 ? B G 2  ? B G 2  ? 1_555 K ? I K . ? B K 102 ? 1_555 O6 ? B G 3  ? B G 3  ? 1_555 72.8  ? 
151 O6 ? B G 2  ? B G 2  ? 1_555 K ? I K . ? B K 102 ? 1_555 O6 ? B G 3  ? B G 3  ? 1_555 72.8  ? 
152 O6 ? B G 3  ? B G 3  ? 1_555 K ? I K . ? B K 102 ? 1_555 O6 ? B G 3  ? B G 3  ? 1_555 0.0   ? 
153 O6 ? B G 2  ? B G 2  ? 1_555 K ? I K . ? B K 102 ? 1_555 O6 ? B G 8  ? B G 8  ? 1_555 65.7  ? 
154 O6 ? B G 2  ? B G 2  ? 1_555 K ? I K . ? B K 102 ? 1_555 O6 ? B G 8  ? B G 8  ? 1_555 65.7  ? 
155 O6 ? B G 3  ? B G 3  ? 1_555 K ? I K . ? B K 102 ? 1_555 O6 ? B G 8  ? B G 8  ? 1_555 93.9  ? 
156 O6 ? B G 3  ? B G 3  ? 1_555 K ? I K . ? B K 102 ? 1_555 O6 ? B G 8  ? B G 8  ? 1_555 93.9  ? 
157 O6 ? B G 2  ? B G 2  ? 1_555 K ? I K . ? B K 102 ? 1_555 O6 ? B G 8  ? B G 8  ? 1_555 65.7  ? 
158 O6 ? B G 2  ? B G 2  ? 1_555 K ? I K . ? B K 102 ? 1_555 O6 ? B G 8  ? B G 8  ? 1_555 65.7  ? 
159 O6 ? B G 3  ? B G 3  ? 1_555 K ? I K . ? B K 102 ? 1_555 O6 ? B G 8  ? B G 8  ? 1_555 93.9  ? 
160 O6 ? B G 3  ? B G 3  ? 1_555 K ? I K . ? B K 102 ? 1_555 O6 ? B G 8  ? B G 8  ? 1_555 93.9  ? 
161 O6 ? B G 8  ? B G 8  ? 1_555 K ? I K . ? B K 102 ? 1_555 O6 ? B G 8  ? B G 8  ? 1_555 0.0   ? 
162 O6 ? B G 2  ? B G 2  ? 1_555 K ? I K . ? B K 102 ? 1_555 O6 ? B G 9  ? B G 9  ? 1_555 124.2 ? 
163 O6 ? B G 2  ? B G 2  ? 1_555 K ? I K . ? B K 102 ? 1_555 O6 ? B G 9  ? B G 9  ? 1_555 124.2 ? 
164 O6 ? B G 3  ? B G 3  ? 1_555 K ? I K . ? B K 102 ? 1_555 O6 ? B G 9  ? B G 9  ? 1_555 73.8  ? 
165 O6 ? B G 3  ? B G 3  ? 1_555 K ? I K . ? B K 102 ? 1_555 O6 ? B G 9  ? B G 9  ? 1_555 73.8  ? 
166 O6 ? B G 8  ? B G 8  ? 1_555 K ? I K . ? B K 102 ? 1_555 O6 ? B G 9  ? B G 9  ? 1_555 73.6  ? 
167 O6 ? B G 8  ? B G 8  ? 1_555 K ? I K . ? B K 102 ? 1_555 O6 ? B G 9  ? B G 9  ? 1_555 73.6  ? 
168 O6 ? B G 2  ? B G 2  ? 1_555 K ? I K . ? B K 102 ? 1_555 O6 ? B G 9  ? B G 9  ? 1_555 124.2 ? 
169 O6 ? B G 2  ? B G 2  ? 1_555 K ? I K . ? B K 102 ? 1_555 O6 ? B G 9  ? B G 9  ? 1_555 124.2 ? 
170 O6 ? B G 3  ? B G 3  ? 1_555 K ? I K . ? B K 102 ? 1_555 O6 ? B G 9  ? B G 9  ? 1_555 73.8  ? 
171 O6 ? B G 3  ? B G 3  ? 1_555 K ? I K . ? B K 102 ? 1_555 O6 ? B G 9  ? B G 9  ? 1_555 73.8  ? 
172 O6 ? B G 8  ? B G 8  ? 1_555 K ? I K . ? B K 102 ? 1_555 O6 ? B G 9  ? B G 9  ? 1_555 73.6  ? 
173 O6 ? B G 8  ? B G 8  ? 1_555 K ? I K . ? B K 102 ? 1_555 O6 ? B G 9  ? B G 9  ? 1_555 73.6  ? 
174 O6 ? B G 9  ? B G 9  ? 1_555 K ? I K . ? B K 102 ? 1_555 O6 ? B G 9  ? B G 9  ? 1_555 0.0   ? 
175 O6 ? B G 3  ? B G 3  ? 1_555 K ? J K . ? B K 103 ? 1_555 O6 ? B G 3  ? B G 3  ? 1_555 0.0   ? 
176 O6 ? B G 3  ? B G 3  ? 1_555 K ? J K . ? B K 103 ? 1_555 O6 ? B G 4  ? B G 4  ? 1_555 80.0  ? 
177 O6 ? B G 3  ? B G 3  ? 1_555 K ? J K . ? B K 103 ? 1_555 O6 ? B G 4  ? B G 4  ? 1_555 80.0  ? 
178 O6 ? B G 3  ? B G 3  ? 1_555 K ? J K . ? B K 103 ? 1_555 O6 ? B G 4  ? B G 4  ? 1_555 80.0  ? 
179 O6 ? B G 3  ? B G 3  ? 1_555 K ? J K . ? B K 103 ? 1_555 O6 ? B G 4  ? B G 4  ? 1_555 80.0  ? 
180 O6 ? B G 4  ? B G 4  ? 1_555 K ? J K . ? B K 103 ? 1_555 O6 ? B G 4  ? B G 4  ? 1_555 0.0   ? 
181 O6 ? B G 3  ? B G 3  ? 1_555 K ? J K . ? B K 103 ? 1_555 O6 ? B G 9  ? B G 9  ? 1_555 71.7  ? 
182 O6 ? B G 3  ? B G 3  ? 1_555 K ? J K . ? B K 103 ? 1_555 O6 ? B G 9  ? B G 9  ? 1_555 71.7  ? 
183 O6 ? B G 4  ? B G 4  ? 1_555 K ? J K . ? B K 103 ? 1_555 O6 ? B G 9  ? B G 9  ? 1_555 91.7  ? 
184 O6 ? B G 4  ? B G 4  ? 1_555 K ? J K . ? B K 103 ? 1_555 O6 ? B G 9  ? B G 9  ? 1_555 91.7  ? 
185 O6 ? B G 3  ? B G 3  ? 1_555 K ? J K . ? B K 103 ? 1_555 O6 ? B G 9  ? B G 9  ? 1_555 71.7  ? 
186 O6 ? B G 3  ? B G 3  ? 1_555 K ? J K . ? B K 103 ? 1_555 O6 ? B G 9  ? B G 9  ? 1_555 71.7  ? 
187 O6 ? B G 4  ? B G 4  ? 1_555 K ? J K . ? B K 103 ? 1_555 O6 ? B G 9  ? B G 9  ? 1_555 91.7  ? 
188 O6 ? B G 4  ? B G 4  ? 1_555 K ? J K . ? B K 103 ? 1_555 O6 ? B G 9  ? B G 9  ? 1_555 91.7  ? 
189 O6 ? B G 9  ? B G 9  ? 1_555 K ? J K . ? B K 103 ? 1_555 O6 ? B G 9  ? B G 9  ? 1_555 0.0   ? 
190 O6 ? B G 3  ? B G 3  ? 1_555 K ? J K . ? B K 103 ? 1_555 O6 ? B G 10 ? B G 10 ? 1_555 136.8 ? 
191 O6 ? B G 3  ? B G 3  ? 1_555 K ? J K . ? B K 103 ? 1_555 O6 ? B G 10 ? B G 10 ? 1_555 136.8 ? 
192 O6 ? B G 4  ? B G 4  ? 1_555 K ? J K . ? B K 103 ? 1_555 O6 ? B G 10 ? B G 10 ? 1_555 68.9  ? 
193 O6 ? B G 4  ? B G 4  ? 1_555 K ? J K . ? B K 103 ? 1_555 O6 ? B G 10 ? B G 10 ? 1_555 68.9  ? 
194 O6 ? B G 9  ? B G 9  ? 1_555 K ? J K . ? B K 103 ? 1_555 O6 ? B G 10 ? B G 10 ? 1_555 79.8  ? 
195 O6 ? B G 9  ? B G 9  ? 1_555 K ? J K . ? B K 103 ? 1_555 O6 ? B G 10 ? B G 10 ? 1_555 79.8  ? 
196 O6 ? B G 3  ? B G 3  ? 1_555 K ? J K . ? B K 103 ? 1_555 O6 ? B G 10 ? B G 10 ? 1_555 136.8 ? 
197 O6 ? B G 3  ? B G 3  ? 1_555 K ? J K . ? B K 103 ? 1_555 O6 ? B G 10 ? B G 10 ? 1_555 136.8 ? 
198 O6 ? B G 4  ? B G 4  ? 1_555 K ? J K . ? B K 103 ? 1_555 O6 ? B G 10 ? B G 10 ? 1_555 68.9  ? 
199 O6 ? B G 4  ? B G 4  ? 1_555 K ? J K . ? B K 103 ? 1_555 O6 ? B G 10 ? B G 10 ? 1_555 68.9  ? 
200 O6 ? B G 9  ? B G 9  ? 1_555 K ? J K . ? B K 103 ? 1_555 O6 ? B G 10 ? B G 10 ? 1_555 79.8  ? 
201 O6 ? B G 9  ? B G 9  ? 1_555 K ? J K . ? B K 103 ? 1_555 O6 ? B G 10 ? B G 10 ? 1_555 79.8  ? 
202 O6 ? B G 10 ? B G 10 ? 1_555 K ? J K . ? B K 103 ? 1_555 O6 ? B G 10 ? B G 10 ? 1_555 0.0   ? 
203 O6 ? B G 4  ? B G 4  ? 1_555 K ? K K . ? B K 104 ? 1_555 O6 ? B G 4  ? B G 4  ? 1_555 0.0   ? 
204 O6 ? B G 4  ? B G 4  ? 1_555 K ? K K . ? B K 104 ? 1_555 O6 ? B G 10 ? B G 10 ? 1_555 59.2  ? 
205 O6 ? B G 4  ? B G 4  ? 1_555 K ? K K . ? B K 104 ? 1_555 O6 ? B G 10 ? B G 10 ? 1_555 59.2  ? 
206 O6 ? B G 4  ? B G 4  ? 1_555 K ? K K . ? B K 104 ? 1_555 O6 ? B G 10 ? B G 10 ? 1_555 59.2  ? 
207 O6 ? B G 4  ? B G 4  ? 1_555 K ? K K . ? B K 104 ? 1_555 O6 ? B G 10 ? B G 10 ? 1_555 59.2  ? 
208 O6 ? B G 10 ? B G 10 ? 1_555 K ? K K . ? B K 104 ? 1_555 O6 ? B G 10 ? B G 10 ? 1_555 0.0   ? 
# 
loop_
_pdbx_validate_rmsd_angle.id 
_pdbx_validate_rmsd_angle.PDB_model_num 
_pdbx_validate_rmsd_angle.auth_atom_id_1 
_pdbx_validate_rmsd_angle.auth_asym_id_1 
_pdbx_validate_rmsd_angle.auth_comp_id_1 
_pdbx_validate_rmsd_angle.auth_seq_id_1 
_pdbx_validate_rmsd_angle.PDB_ins_code_1 
_pdbx_validate_rmsd_angle.label_alt_id_1 
_pdbx_validate_rmsd_angle.auth_atom_id_2 
_pdbx_validate_rmsd_angle.auth_asym_id_2 
_pdbx_validate_rmsd_angle.auth_comp_id_2 
_pdbx_validate_rmsd_angle.auth_seq_id_2 
_pdbx_validate_rmsd_angle.PDB_ins_code_2 
_pdbx_validate_rmsd_angle.label_alt_id_2 
_pdbx_validate_rmsd_angle.auth_atom_id_3 
_pdbx_validate_rmsd_angle.auth_asym_id_3 
_pdbx_validate_rmsd_angle.auth_comp_id_3 
_pdbx_validate_rmsd_angle.auth_seq_id_3 
_pdbx_validate_rmsd_angle.PDB_ins_code_3 
_pdbx_validate_rmsd_angle.label_alt_id_3 
_pdbx_validate_rmsd_angle.angle_value 
_pdbx_validate_rmsd_angle.angle_target_value 
_pdbx_validate_rmsd_angle.angle_deviation 
_pdbx_validate_rmsd_angle.angle_standard_deviation 
_pdbx_validate_rmsd_angle.linker_flag 
1  1 "C3'" A G 1  ? ? "O3'" A G 1  ? ? P  A G 2  ? ? 111.96 119.70 -7.74  1.20 Y 
2  1 "C3'" A G 2  ? ? "O3'" A G 2  ? ? P  A G 3  ? ? 105.59 119.70 -14.11 1.20 Y 
3  1 "C3'" A C 5  ? ? "O3'" A C 5  ? ? P  A C 6  ? ? 112.33 119.70 -7.37  1.20 Y 
4  1 "C3'" A C 6  ? ? "O3'" A C 6  ? ? P  A G 7  ? ? 109.28 119.70 -10.42 1.20 Y 
5  1 "C3'" A G 8  ? ? "O3'" A G 8  ? ? P  A G 9  ? ? 109.27 119.70 -10.43 1.20 Y 
6  1 "O4'" A G 9  ? ? "C1'" A G 9  ? ? N9 A G 9  ? ? 113.22 108.50 4.72   0.70 N 
7  1 "C3'" A G 10 ? ? "O3'" A G 10 ? ? P  A C 11 ? ? 107.97 119.70 -11.73 1.20 Y 
8  1 "C3'" B G 1  ? ? "O3'" B G 1  ? ? P  B G 2  ? ? 110.95 119.70 -8.75  1.20 Y 
9  1 "C3'" B G 2  ? ? "O3'" B G 2  ? ? P  B G 3  ? ? 105.25 119.70 -14.45 1.20 Y 
10 1 "C3'" B G 8  ? ? "O3'" B G 8  ? ? P  B G 9  ? ? 110.75 119.70 -8.95  1.20 Y 
11 1 "O4'" B G 9  ? ? "C1'" B G 9  ? ? N9 B G 9  ? ? 113.38 108.50 4.88   0.70 N 
12 1 "C3'" B G 10 ? ? "O3'" B G 10 ? ? P  B C 11 ? ? 107.58 119.70 -12.12 1.20 Y 
# 
loop_
_pdbx_struct_special_symmetry.id 
_pdbx_struct_special_symmetry.PDB_model_num 
_pdbx_struct_special_symmetry.auth_asym_id 
_pdbx_struct_special_symmetry.auth_comp_id 
_pdbx_struct_special_symmetry.auth_seq_id 
_pdbx_struct_special_symmetry.PDB_ins_code 
_pdbx_struct_special_symmetry.label_asym_id 
_pdbx_struct_special_symmetry.label_comp_id 
_pdbx_struct_special_symmetry.label_seq_id 
1 1 A K 101 ? C K . 
2 1 A K 102 ? D K . 
3 1 A K 103 ? E K . 
4 1 A K 104 ? F K . 
5 1 A K 105 ? G K . 
6 1 B K 101 ? H K . 
7 1 B K 102 ? I K . 
8 1 B K 103 ? J K . 
9 1 B K 104 ? K K . 
# 
_pdbx_entry_details.entry_id                 8X0S 
_pdbx_entry_details.has_ligand_of_interest   Y 
_pdbx_entry_details.compound_details         ? 
_pdbx_entry_details.source_details           ? 
_pdbx_entry_details.nonpolymer_details       ? 
_pdbx_entry_details.sequence_details         ? 
# 
loop_
_pdbx_unobs_or_zero_occ_residues.id 
_pdbx_unobs_or_zero_occ_residues.PDB_model_num 
_pdbx_unobs_or_zero_occ_residues.polymer_flag 
_pdbx_unobs_or_zero_occ_residues.occupancy_flag 
_pdbx_unobs_or_zero_occ_residues.auth_asym_id 
_pdbx_unobs_or_zero_occ_residues.auth_comp_id 
_pdbx_unobs_or_zero_occ_residues.auth_seq_id 
_pdbx_unobs_or_zero_occ_residues.PDB_ins_code 
_pdbx_unobs_or_zero_occ_residues.label_asym_id 
_pdbx_unobs_or_zero_occ_residues.label_comp_id 
_pdbx_unobs_or_zero_occ_residues.label_seq_id 
1 1 Y 1 A C 12 ? A C 12 
2 1 Y 1 B C 12 ? B C 12 
# 
loop_
_chem_comp_atom.comp_id 
_chem_comp_atom.atom_id 
_chem_comp_atom.type_symbol 
_chem_comp_atom.pdbx_aromatic_flag 
_chem_comp_atom.pdbx_stereo_config 
_chem_comp_atom.pdbx_ordinal 
C   OP3    O N N 1  
C   P      P N N 2  
C   OP1    O N N 3  
C   OP2    O N N 4  
C   "O5'"  O N N 5  
C   "C5'"  C N N 6  
C   "C4'"  C N R 7  
C   "O4'"  O N N 8  
C   "C3'"  C N S 9  
C   "O3'"  O N N 10 
C   "C2'"  C N R 11 
C   "O2'"  O N N 12 
C   "C1'"  C N R 13 
C   N1     N N N 14 
C   C2     C N N 15 
C   O2     O N N 16 
C   N3     N N N 17 
C   C4     C N N 18 
C   N4     N N N 19 
C   C5     C N N 20 
C   C6     C N N 21 
C   HOP3   H N N 22 
C   HOP2   H N N 23 
C   "H5'"  H N N 24 
C   "H5''" H N N 25 
C   "H4'"  H N N 26 
C   "H3'"  H N N 27 
C   "HO3'" H N N 28 
C   "H2'"  H N N 29 
C   "HO2'" H N N 30 
C   "H1'"  H N N 31 
C   H41    H N N 32 
C   H42    H N N 33 
C   H5     H N N 34 
C   H6     H N N 35 
G   OP3    O N N 36 
G   P      P N N 37 
G   OP1    O N N 38 
G   OP2    O N N 39 
G   "O5'"  O N N 40 
G   "C5'"  C N N 41 
G   "C4'"  C N R 42 
G   "O4'"  O N N 43 
G   "C3'"  C N S 44 
G   "O3'"  O N N 45 
G   "C2'"  C N R 46 
G   "O2'"  O N N 47 
G   "C1'"  C N R 48 
G   N9     N Y N 49 
G   C8     C Y N 50 
G   N7     N Y N 51 
G   C5     C Y N 52 
G   C6     C N N 53 
G   O6     O N N 54 
G   N1     N N N 55 
G   C2     C N N 56 
G   N2     N N N 57 
G   N3     N N N 58 
G   C4     C Y N 59 
G   HOP3   H N N 60 
G   HOP2   H N N 61 
G   "H5'"  H N N 62 
G   "H5''" H N N 63 
G   "H4'"  H N N 64 
G   "H3'"  H N N 65 
G   "HO3'" H N N 66 
G   "H2'"  H N N 67 
G   "HO2'" H N N 68 
G   "H1'"  H N N 69 
G   H8     H N N 70 
G   H1     H N N 71 
G   H21    H N N 72 
G   H22    H N N 73 
HOH O      O N N 74 
HOH H1     H N N 75 
HOH H2     H N N 76 
K   K      K N N 77 
# 
loop_
_chem_comp_bond.comp_id 
_chem_comp_bond.atom_id_1 
_chem_comp_bond.atom_id_2 
_chem_comp_bond.value_order 
_chem_comp_bond.pdbx_aromatic_flag 
_chem_comp_bond.pdbx_stereo_config 
_chem_comp_bond.pdbx_ordinal 
C   OP3   P      sing N N 1  
C   OP3   HOP3   sing N N 2  
C   P     OP1    doub N N 3  
C   P     OP2    sing N N 4  
C   P     "O5'"  sing N N 5  
C   OP2   HOP2   sing N N 6  
C   "O5'" "C5'"  sing N N 7  
C   "C5'" "C4'"  sing N N 8  
C   "C5'" "H5'"  sing N N 9  
C   "C5'" "H5''" sing N N 10 
C   "C4'" "O4'"  sing N N 11 
C   "C4'" "C3'"  sing N N 12 
C   "C4'" "H4'"  sing N N 13 
C   "O4'" "C1'"  sing N N 14 
C   "C3'" "O3'"  sing N N 15 
C   "C3'" "C2'"  sing N N 16 
C   "C3'" "H3'"  sing N N 17 
C   "O3'" "HO3'" sing N N 18 
C   "C2'" "O2'"  sing N N 19 
C   "C2'" "C1'"  sing N N 20 
C   "C2'" "H2'"  sing N N 21 
C   "O2'" "HO2'" sing N N 22 
C   "C1'" N1     sing N N 23 
C   "C1'" "H1'"  sing N N 24 
C   N1    C2     sing N N 25 
C   N1    C6     sing N N 26 
C   C2    O2     doub N N 27 
C   C2    N3     sing N N 28 
C   N3    C4     doub N N 29 
C   C4    N4     sing N N 30 
C   C4    C5     sing N N 31 
C   N4    H41    sing N N 32 
C   N4    H42    sing N N 33 
C   C5    C6     doub N N 34 
C   C5    H5     sing N N 35 
C   C6    H6     sing N N 36 
G   OP3   P      sing N N 37 
G   OP3   HOP3   sing N N 38 
G   P     OP1    doub N N 39 
G   P     OP2    sing N N 40 
G   P     "O5'"  sing N N 41 
G   OP2   HOP2   sing N N 42 
G   "O5'" "C5'"  sing N N 43 
G   "C5'" "C4'"  sing N N 44 
G   "C5'" "H5'"  sing N N 45 
G   "C5'" "H5''" sing N N 46 
G   "C4'" "O4'"  sing N N 47 
G   "C4'" "C3'"  sing N N 48 
G   "C4'" "H4'"  sing N N 49 
G   "O4'" "C1'"  sing N N 50 
G   "C3'" "O3'"  sing N N 51 
G   "C3'" "C2'"  sing N N 52 
G   "C3'" "H3'"  sing N N 53 
G   "O3'" "HO3'" sing N N 54 
G   "C2'" "O2'"  sing N N 55 
G   "C2'" "C1'"  sing N N 56 
G   "C2'" "H2'"  sing N N 57 
G   "O2'" "HO2'" sing N N 58 
G   "C1'" N9     sing N N 59 
G   "C1'" "H1'"  sing N N 60 
G   N9    C8     sing Y N 61 
G   N9    C4     sing Y N 62 
G   C8    N7     doub Y N 63 
G   C8    H8     sing N N 64 
G   N7    C5     sing Y N 65 
G   C5    C6     sing N N 66 
G   C5    C4     doub Y N 67 
G   C6    O6     doub N N 68 
G   C6    N1     sing N N 69 
G   N1    C2     sing N N 70 
G   N1    H1     sing N N 71 
G   C2    N2     sing N N 72 
G   C2    N3     doub N N 73 
G   N2    H21    sing N N 74 
G   N2    H22    sing N N 75 
G   N3    C4     sing N N 76 
HOH O     H1     sing N N 77 
HOH O     H2     sing N N 78 
# 
loop_
_ndb_struct_conf_na.entry_id 
_ndb_struct_conf_na.feature 
8X0S 'double helix'         
8X0S 'parallel strands'     
8X0S 'mismatched base pair' 
# 
loop_
_ndb_struct_na_base_pair.model_number 
_ndb_struct_na_base_pair.i_label_asym_id 
_ndb_struct_na_base_pair.i_label_comp_id 
_ndb_struct_na_base_pair.i_label_seq_id 
_ndb_struct_na_base_pair.i_symmetry 
_ndb_struct_na_base_pair.j_label_asym_id 
_ndb_struct_na_base_pair.j_label_comp_id 
_ndb_struct_na_base_pair.j_label_seq_id 
_ndb_struct_na_base_pair.j_symmetry 
_ndb_struct_na_base_pair.shear 
_ndb_struct_na_base_pair.stretch 
_ndb_struct_na_base_pair.stagger 
_ndb_struct_na_base_pair.buckle 
_ndb_struct_na_base_pair.propeller 
_ndb_struct_na_base_pair.opening 
_ndb_struct_na_base_pair.pair_number 
_ndb_struct_na_base_pair.pair_name 
_ndb_struct_na_base_pair.i_auth_asym_id 
_ndb_struct_na_base_pair.i_auth_seq_id 
_ndb_struct_na_base_pair.i_PDB_ins_code 
_ndb_struct_na_base_pair.j_auth_asym_id 
_ndb_struct_na_base_pair.j_auth_seq_id 
_ndb_struct_na_base_pair.j_PDB_ins_code 
_ndb_struct_na_base_pair.hbond_type_28 
_ndb_struct_na_base_pair.hbond_type_12 
1 A G 4  1_555 A G 10 1_555 1.392  3.804  0.067  4.478  -3.990 -90.664 1 A_G4:G10_A A 4  ? A 10 ? 6 3 
1 A G 3  1_555 A G 9  1_555 1.536  3.936  -0.007 6.740  -4.542 -88.638 2 A_G3:G9_A  A 3  ? A 9  ? 6 3 
1 A G 2  1_555 A G 8  1_555 1.408  3.625  0.308  -0.886 8.294  -89.341 3 A_G2:G8_A  A 2  ? A 8  ? 6 3 
1 A G 1  1_555 A G 7  1_555 1.469  3.785  0.151  -5.750 4.661  -89.982 4 A_G1:G7_A  A 1  ? A 7  ? 6 3 
1 B G 7  1_555 B G 1  1_555 -1.523 -3.738 -0.180 6.906  -3.574 89.940  5 B_G7:G1_B  B 7  ? B 1  ? 6 3 
1 B G 8  1_555 B G 2  1_555 -1.423 -3.599 -0.330 2.339  -9.090 89.680  6 B_G8:G2_B  B 8  ? B 2  ? 6 3 
1 B G 9  1_555 B G 3  1_555 -1.558 -3.905 0.001  -5.647 3.073  89.408  7 B_G9:G3_B  B 9  ? B 3  ? 6 3 
1 B G 10 1_555 B G 4  1_555 -1.410 -3.814 -0.051 -3.421 2.269  91.181  8 B_G10:G4_B B 10 ? B 4  ? 6 3 
# 
loop_
_ndb_struct_na_base_pair_step.model_number 
_ndb_struct_na_base_pair_step.i_label_asym_id_1 
_ndb_struct_na_base_pair_step.i_label_comp_id_1 
_ndb_struct_na_base_pair_step.i_label_seq_id_1 
_ndb_struct_na_base_pair_step.i_symmetry_1 
_ndb_struct_na_base_pair_step.j_label_asym_id_1 
_ndb_struct_na_base_pair_step.j_label_comp_id_1 
_ndb_struct_na_base_pair_step.j_label_seq_id_1 
_ndb_struct_na_base_pair_step.j_symmetry_1 
_ndb_struct_na_base_pair_step.i_label_asym_id_2 
_ndb_struct_na_base_pair_step.i_label_comp_id_2 
_ndb_struct_na_base_pair_step.i_label_seq_id_2 
_ndb_struct_na_base_pair_step.i_symmetry_2 
_ndb_struct_na_base_pair_step.j_label_asym_id_2 
_ndb_struct_na_base_pair_step.j_label_comp_id_2 
_ndb_struct_na_base_pair_step.j_label_seq_id_2 
_ndb_struct_na_base_pair_step.j_symmetry_2 
_ndb_struct_na_base_pair_step.shift 
_ndb_struct_na_base_pair_step.slide 
_ndb_struct_na_base_pair_step.rise 
_ndb_struct_na_base_pair_step.tilt 
_ndb_struct_na_base_pair_step.roll 
_ndb_struct_na_base_pair_step.twist 
_ndb_struct_na_base_pair_step.x_displacement 
_ndb_struct_na_base_pair_step.y_displacement 
_ndb_struct_na_base_pair_step.helical_rise 
_ndb_struct_na_base_pair_step.inclination 
_ndb_struct_na_base_pair_step.tip 
_ndb_struct_na_base_pair_step.helical_twist 
_ndb_struct_na_base_pair_step.step_number 
_ndb_struct_na_base_pair_step.step_name 
_ndb_struct_na_base_pair_step.i_auth_asym_id_1 
_ndb_struct_na_base_pair_step.i_auth_seq_id_1 
_ndb_struct_na_base_pair_step.i_PDB_ins_code_1 
_ndb_struct_na_base_pair_step.j_auth_asym_id_1 
_ndb_struct_na_base_pair_step.j_auth_seq_id_1 
_ndb_struct_na_base_pair_step.j_PDB_ins_code_1 
_ndb_struct_na_base_pair_step.i_auth_asym_id_2 
_ndb_struct_na_base_pair_step.i_auth_seq_id_2 
_ndb_struct_na_base_pair_step.i_PDB_ins_code_2 
_ndb_struct_na_base_pair_step.j_auth_asym_id_2 
_ndb_struct_na_base_pair_step.j_auth_seq_id_2 
_ndb_struct_na_base_pair_step.j_PDB_ins_code_2 
1 A G 4 1_555 A G 10 1_555 A G 3  1_555 A G 9 1_555 0.457  1.103  -3.365 2.875   1.782  -35.640 -1.527 0.313 -3.439 -2.903 4.683   
-35.795 1 AA_G4G3:G9G10_AA A 4 ? A 10 ? A 3  ? A 9 ? 
1 A G 3 1_555 A G 9  1_555 A G 2  1_555 A G 8 1_555 0.414  0.708  -3.234 -3.458  -2.551 -20.543 -2.987 2.550 -3.014 7.054  -9.562  
-20.982 2 AA_G3G2:G8G9_AA  A 3 ? A 9  ? A 2  ? A 8 ? 
1 A G 2 1_555 A G 8  1_555 A G 1  1_555 A G 7 1_555 0.530  1.298  -3.327 2.041   1.466  -33.131 -2.017 0.575 -3.405 -2.566 3.572   
-33.224 3 AA_G2G1:G7G8_AA  A 2 ? A 8  ? A 1  ? A 7 ? 
1 A G 1 1_555 A G 7  1_555 B G 7  1_555 B G 1 1_555 -0.954 -4.524 1.201  160.046 75.415 132.722 -2.315 0.589 -0.019 37.763 -80.140 
178.767 4 AB_G1G7:G1G7_BA  A 1 ? A 7  ? B 7  ? B 1 ? 
1 B G 7 1_555 B G 1  1_555 B G 8  1_555 B G 2 1_555 -0.519 -1.274 3.328  -1.581  -1.228 33.119  -2.019 0.635 3.392  -2.152 2.771   
33.177  5 BB_G7G8:G2G1_BB  B 7 ? B 1  ? B 8  ? B 2 ? 
1 B G 8 1_555 B G 2  1_555 B G 9  1_555 B G 3 1_555 -0.398 -0.701 3.228  3.810   2.305  20.339  -2.897 2.680 3.006  6.428  -10.624 
20.816  6 BB_G8G9:G3G2_BB  B 8 ? B 2  ? B 9  ? B 3 ? 
1 B G 9 1_555 B G 3  1_555 B G 10 1_555 B G 4 1_555 -0.462 -1.098 3.364  -2.648  -2.341 35.440  -1.440 0.354 3.452  -3.835 4.336   
35.610  7 BB_G9G10:G4G3_BB B 9 ? B 3  ? B 10 ? B 4 ? 
# 
_pdbx_audit_support.funding_organization   'The University Grants Committee, Research Grants Council (RGC)' 
_pdbx_audit_support.country                'Hong Kong' 
_pdbx_audit_support.grant_number           16104315 
_pdbx_audit_support.ordinal                1 
# 
_pdbx_entity_instance_feature.ordinal        1 
_pdbx_entity_instance_feature.comp_id        K 
_pdbx_entity_instance_feature.asym_id        ? 
_pdbx_entity_instance_feature.seq_num        ? 
_pdbx_entity_instance_feature.auth_comp_id   K 
_pdbx_entity_instance_feature.auth_asym_id   ? 
_pdbx_entity_instance_feature.auth_seq_num   ? 
_pdbx_entity_instance_feature.feature_type   'SUBJECT OF INVESTIGATION' 
_pdbx_entity_instance_feature.details        ? 
# 
_pdbx_initial_refinement_model.id               1 
_pdbx_initial_refinement_model.entity_id_list   ? 
_pdbx_initial_refinement_model.type             'experimental model' 
_pdbx_initial_refinement_model.source_name      PDB 
_pdbx_initial_refinement_model.accession_code   7ECH 
_pdbx_initial_refinement_model.details          ? 
# 
_atom_sites.entry_id                    8X0S 
_atom_sites.Cartn_transf_matrix[1][1]   ? 
_atom_sites.Cartn_transf_matrix[1][2]   ? 
_atom_sites.Cartn_transf_matrix[1][3]   ? 
_atom_sites.Cartn_transf_matrix[2][1]   ? 
_atom_sites.Cartn_transf_matrix[2][2]   ? 
_atom_sites.Cartn_transf_matrix[2][3]   ? 
_atom_sites.Cartn_transf_matrix[3][1]   ? 
_atom_sites.Cartn_transf_matrix[3][2]   ? 
_atom_sites.Cartn_transf_matrix[3][3]   ? 
_atom_sites.Cartn_transf_vector[1]      ? 
_atom_sites.Cartn_transf_vector[2]      ? 
_atom_sites.Cartn_transf_vector[3]      ? 
_atom_sites.Cartn_transform_axes        ? 
_atom_sites.fract_transf_matrix[1][1]   0.01163069 
_atom_sites.fract_transf_matrix[1][2]   0.01148511 
_atom_sites.fract_transf_matrix[1][3]   0.00831050 
_atom_sites.fract_transf_matrix[2][1]   0.01576267 
_atom_sites.fract_transf_matrix[2][2]   -0.00632495 
_atom_sites.fract_transf_matrix[2][3]   0.00691221 
_atom_sites.fract_transf_matrix[3][1]   0.00350641 
_atom_sites.fract_transf_matrix[3][2]   0.00134467 
_atom_sites.fract_transf_matrix[3][3]   -0.00676562 
_atom_sites.fract_transf_vector[1]      0.555427 
_atom_sites.fract_transf_vector[2]      0.090254 
_atom_sites.fract_transf_vector[3]      0.002653 
_atom_sites.solution_primary            ? 
_atom_sites.solution_secondary          ? 
_atom_sites.solution_hydrogens          ? 
_atom_sites.special_details             ? 
# 
loop_
_atom_type.symbol 
C 
K 
N 
O 
P 
# 
loop_
_atom_site.group_PDB 
_atom_site.id 
_atom_site.type_symbol 
_atom_site.label_atom_id 
_atom_site.label_alt_id 
_atom_site.label_comp_id 
_atom_site.label_asym_id 
_atom_site.label_entity_id 
_atom_site.label_seq_id 
_atom_site.pdbx_PDB_ins_code 
_atom_site.Cartn_x 
_atom_site.Cartn_y 
_atom_site.Cartn_z 
_atom_site.occupancy 
_atom_site.B_iso_or_equiv 
_atom_site.pdbx_formal_charge 
_atom_site.auth_seq_id 
_atom_site.auth_comp_id 
_atom_site.auth_asym_id 
_atom_site.auth_atom_id 
_atom_site.pdbx_PDB_model_num 
ATOM   1   C "C5'" . G   A 1 1  ? -8.977  2.238   -10.551 1.00 50.06  ? 1   G   A "C5'" 1 
ATOM   2   C "C4'" . G   A 1 1  ? -7.666  2.715   -11.136 1.00 55.51  ? 1   G   A "C4'" 1 
ATOM   3   O "O4'" . G   A 1 1  ? -7.085  3.723   -10.269 1.00 55.25  ? 1   G   A "O4'" 1 
ATOM   4   C "C3'" . G   A 1 1  ? -6.593  1.633   -11.316 1.00 57.66  ? 1   G   A "C3'" 1 
ATOM   5   O "O3'" . G   A 1 1  ? -6.371  1.352   -12.693 1.00 56.70  ? 1   G   A "O3'" 1 
ATOM   6   C "C2'" . G   A 1 1  ? -5.318  2.222   -10.705 1.00 58.21  ? 1   G   A "C2'" 1 
ATOM   7   O "O2'" . G   A 1 1  ? -4.454  2.775   -11.671 1.00 60.43  ? 1   G   A "O2'" 1 
ATOM   8   C "C1'" . G   A 1 1  ? -5.851  3.284   -9.744  1.00 56.44  ? 1   G   A "C1'" 1 
ATOM   9   N N9    . G   A 1 1  ? -6.048  2.802   -8.377  1.00 54.32  ? 1   G   A N9    1 
ATOM   10  C C8    . G   A 1 1  ? -7.193  2.893   -7.627  1.00 54.97  ? 1   G   A C8    1 
ATOM   11  N N7    . G   A 1 1  ? -7.076  2.378   -6.426  1.00 54.67  ? 1   G   A N7    1 
ATOM   12  C C5    . G   A 1 1  ? -5.773  1.913   -6.383  1.00 52.51  ? 1   G   A C5    1 
ATOM   13  C C6    . G   A 1 1  ? -5.085  1.243   -5.347  1.00 55.30  ? 1   G   A C6    1 
ATOM   14  O O6    . G   A 1 1  ? -5.486  0.927   -4.216  1.00 54.46  ? 1   G   A O6    1 
ATOM   15  N N1    . G   A 1 1  ? -3.775  0.946   -5.705  1.00 59.73  ? 1   G   A N1    1 
ATOM   16  C C2    . G   A 1 1  ? -3.199  1.258   -6.901  1.00 58.45  ? 1   G   A C2    1 
ATOM   17  N N2    . G   A 1 1  ? -1.920  0.894   -7.035  1.00 58.43  ? 1   G   A N2    1 
ATOM   18  N N3    . G   A 1 1  ? -3.847  1.868   -7.895  1.00 60.59  ? 1   G   A N3    1 
ATOM   19  C C4    . G   A 1 1  ? -5.127  2.166   -7.569  1.00 53.64  ? 1   G   A C4    1 
ATOM   20  P P     . G   A 1 2  ? -6.134  -0.214  -12.957 1.00 57.25  ? 2   G   A P     1 
ATOM   21  O OP1   . G   A 1 2  ? -5.979  -0.442  -14.436 1.00 60.66  ? 2   G   A OP1   1 
ATOM   22  O OP2   . G   A 1 2  ? -7.125  -1.008  -12.158 1.00 53.05  ? 2   G   A OP2   1 
ATOM   23  O "O5'" . G   A 1 2  ? -4.698  -0.490  -12.311 1.00 50.94  ? 2   G   A "O5'" 1 
ATOM   24  C "C5'" . G   A 1 2  ? -3.564  -0.144  -13.112 1.00 56.56  ? 2   G   A "C5'" 1 
ATOM   25  C "C4'" . G   A 1 2  ? -2.362  -0.628  -12.368 1.00 58.36  ? 2   G   A "C4'" 1 
ATOM   26  O "O4'" . G   A 1 2  ? -2.490  -0.180  -11.003 1.00 56.35  ? 2   G   A "O4'" 1 
ATOM   27  C "C3'" . G   A 1 2  ? -2.271  -2.147  -12.275 1.00 60.33  ? 2   G   A "C3'" 1 
ATOM   28  O "O3'" . G   A 1 2  ? -1.454  -2.642  -13.297 1.00 65.43  ? 2   G   A "O3'" 1 
ATOM   29  C "C2'" . G   A 1 2  ? -1.577  -2.387  -10.946 1.00 58.98  ? 2   G   A "C2'" 1 
ATOM   30  O "O2'" . G   A 1 2  ? -0.174  -2.388  -11.066 1.00 65.14  ? 2   G   A "O2'" 1 
ATOM   31  C "C1'" . G   A 1 2  ? -2.020  -1.183  -10.136 1.00 57.93  ? 2   G   A "C1'" 1 
ATOM   32  N N9    . G   A 1 2  ? -3.041  -1.448  -9.137  1.00 58.27  ? 2   G   A N9    1 
ATOM   33  C C8    . G   A 1 2  ? -4.341  -1.018  -9.099  1.00 58.22  ? 2   G   A C8    1 
ATOM   34  N N7    . G   A 1 2  ? -4.948  -1.304  -7.972  1.00 56.21  ? 2   G   A N7    1 
ATOM   35  C C5    . G   A 1 2  ? -3.981  -1.952  -7.223  1.00 56.14  ? 2   G   A C5    1 
ATOM   36  C C6    . G   A 1 2  ? -4.042  -2.507  -5.926  1.00 58.57  ? 2   G   A C6    1 
ATOM   37  O O6    . G   A 1 2  ? -4.994  -2.550  -5.129  1.00 53.95  ? 2   G   A O6    1 
ATOM   38  N N1    . G   A 1 2  ? -2.826  -3.062  -5.548  1.00 61.55  ? 2   G   A N1    1 
ATOM   39  C C2    . G   A 1 2  ? -1.693  -3.078  -6.306  1.00 60.29  ? 2   G   A C2    1 
ATOM   40  N N2    . G   A 1 2  ? -0.629  -3.659  -5.747  1.00 64.60  ? 2   G   A N2    1 
ATOM   41  N N3    . G   A 1 2  ? -1.624  -2.563  -7.526  1.00 59.62  ? 2   G   A N3    1 
ATOM   42  C C4    . G   A 1 2  ? -2.802  -2.030  -7.921  1.00 56.98  ? 2   G   A C4    1 
ATOM   43  P P     . G   A 1 3  ? -2.321  -3.765  -14.035 1.00 73.19  ? 3   G   A P     1 
ATOM   44  O OP1   . G   A 1 3  ? -1.942  -3.691  -15.488 1.00 73.71  ? 3   G   A OP1   1 
ATOM   45  O OP2   . G   A 1 3  ? -3.753  -3.728  -13.566 1.00 66.31  ? 3   G   A OP2   1 
ATOM   46  O "O5'" . G   A 1 3  ? -1.649  -5.064  -13.388 1.00 70.34  ? 3   G   A "O5'" 1 
ATOM   47  C "C5'" . G   A 1 3  ? -0.230  -5.243  -13.534 1.00 68.60  ? 3   G   A "C5'" 1 
ATOM   48  C "C4'" . G   A 1 3  ? 0.266   -5.820  -12.244 1.00 68.78  ? 3   G   A "C4'" 1 
ATOM   49  O "O4'" . G   A 1 3  ? -0.507  -5.210  -11.182 1.00 69.34  ? 3   G   A "O4'" 1 
ATOM   50  C "C3'" . G   A 1 3  ? 0.098   -7.344  -12.109 1.00 70.51  ? 3   G   A "C3'" 1 
ATOM   51  O "O3'" . G   A 1 3  ? 1.342   -7.972  -11.782 1.00 69.45  ? 3   G   A "O3'" 1 
ATOM   52  C "C2'" . G   A 1 3  ? -0.868  -7.495  -10.930 1.00 76.33  ? 3   G   A "C2'" 1 
ATOM   53  O "O2'" . G   A 1 3  ? -0.441  -8.561  -10.096 1.00 102.34 ? 3   G   A "O2'" 1 
ATOM   54  C "C1'" . G   A 1 3  ? -0.713  -6.171  -10.176 1.00 76.02  ? 3   G   A "C1'" 1 
ATOM   55  N N9    . G   A 1 3  ? -1.907  -5.883  -9.383  1.00 72.34  ? 3   G   A N9    1 
ATOM   56  C C8    . G   A 1 3  ? -3.107  -5.381  -9.817  1.00 71.36  ? 3   G   A C8    1 
ATOM   57  N N7    . G   A 1 3  ? -4.018  -5.307  -8.874  1.00 64.79  ? 3   G   A N7    1 
ATOM   58  C C5    . G   A 1 3  ? -3.392  -5.841  -7.761  1.00 61.23  ? 3   G   A C5    1 
ATOM   59  C C6    . G   A 1 3  ? -3.881  -6.038  -6.450  1.00 64.74  ? 3   G   A C6    1 
ATOM   60  O O6    . G   A 1 3  ? -5.006  -5.788  -5.986  1.00 62.31  ? 3   G   A O6    1 
ATOM   61  N N1    . G   A 1 3  ? -2.922  -6.617  -5.627  1.00 68.29  ? 3   G   A N1    1 
ATOM   62  C C2    . G   A 1 3  ? -1.656  -6.957  -6.012  1.00 67.47  ? 3   G   A C2    1 
ATOM   63  N N2    . G   A 1 3  ? -0.890  -7.508  -5.065  1.00 69.77  ? 3   G   A N2    1 
ATOM   64  N N3    . G   A 1 3  ? -1.183  -6.766  -7.240  1.00 65.88  ? 3   G   A N3    1 
ATOM   65  C C4    . G   A 1 3  ? -2.102  -6.210  -8.062  1.00 63.44  ? 3   G   A C4    1 
ATOM   66  P P     . G   A 1 4  ? 1.405   -9.583  -11.773 1.00 73.76  ? 4   G   A P     1 
ATOM   67  O OP1   . G   A 1 4  ? 2.707   -10.029 -12.378 1.00 81.67  ? 4   G   A OP1   1 
ATOM   68  O OP2   . G   A 1 4  ? 0.100   -10.179 -12.224 1.00 76.15  ? 4   G   A OP2   1 
ATOM   69  O "O5'" . G   A 1 4  ? 1.515   -10.002 -10.232 1.00 63.29  ? 4   G   A "O5'" 1 
ATOM   70  C "C5'" . G   A 1 4  ? 2.793   -9.911  -9.572  1.00 67.00  ? 4   G   A "C5'" 1 
ATOM   71  C "C4'" . G   A 1 4  ? 2.632   -10.400 -8.158  1.00 67.72  ? 4   G   A "C4'" 1 
ATOM   72  O "O4'" . G   A 1 4  ? 1.409   -9.847  -7.599  1.00 66.29  ? 4   G   A "O4'" 1 
ATOM   73  C "C3'" . G   A 1 4  ? 2.482   -11.919 -8.000  1.00 70.01  ? 4   G   A "C3'" 1 
ATOM   74  O "O3'" . G   A 1 4  ? 2.953   -12.353 -6.733  1.00 67.75  ? 4   G   A "O3'" 1 
ATOM   75  C "C2'" . G   A 1 4  ? 0.962   -12.088 -7.977  1.00 71.27  ? 4   G   A "C2'" 1 
ATOM   76  O "O2'" . G   A 1 4  ? 0.621   -13.335 -7.415  1.00 70.16  ? 4   G   A "O2'" 1 
ATOM   77  C "C1'" . G   A 1 4  ? 0.612   -10.896 -7.089  1.00 69.49  ? 4   G   A "C1'" 1 
ATOM   78  N N9    . G   A 1 4  ? -0.791  -10.481 -7.087  1.00 62.54  ? 4   G   A N9    1 
ATOM   79  C C8    . G   A 1 4  ? -1.477  -9.946  -8.144  1.00 65.05  ? 4   G   A C8    1 
ATOM   80  N N7    . G   A 1 4  ? -2.722  -9.647  -7.872  1.00 62.94  ? 4   G   A N7    1 
ATOM   81  C C5    . G   A 1 4  ? -2.869  -10.013 -6.549  1.00 58.63  ? 4   G   A C5    1 
ATOM   82  C C6    . G   A 1 4  ? -4.005  -9.928  -5.717  1.00 62.72  ? 4   G   A C6    1 
ATOM   83  O O6    . G   A 1 4  ? -5.140  -9.511  -5.998  1.00 60.87  ? 4   G   A O6    1 
ATOM   84  N N1    . G   A 1 4  ? -3.738  -10.397 -4.433  1.00 62.44  ? 4   G   A N1    1 
ATOM   85  C C2    . G   A 1 4  ? -2.534  -10.889 -4.009  1.00 65.09  ? 4   G   A C2    1 
ATOM   86  N N2    . G   A 1 4  ? -2.477  -11.287 -2.732  1.00 68.19  ? 4   G   A N2    1 
ATOM   87  N N3    . G   A 1 4  ? -1.462  -10.980 -4.795  1.00 64.79  ? 4   G   A N3    1 
ATOM   88  C C4    . G   A 1 4  ? -1.695  -10.523 -6.049  1.00 59.91  ? 4   G   A C4    1 
ATOM   89  P P     . C   A 1 5  ? 4.548   -12.438 -6.618  1.00 75.94  ? 5   C   A P     1 
ATOM   90  O OP1   . C   A 1 5  ? 5.045   -12.790 -7.996  1.00 73.80  ? 5   C   A OP1   1 
ATOM   91  O OP2   . C   A 1 5  ? 4.706   -13.279 -5.372  1.00 64.11  ? 5   C   A OP2   1 
ATOM   92  O "O5'" . C   A 1 5  ? 5.110   -10.960 -6.302  1.00 68.49  ? 5   C   A "O5'" 1 
ATOM   93  C "C5'" . C   A 1 5  ? 4.806   -10.394 -5.013  1.00 69.93  ? 5   C   A "C5'" 1 
ATOM   94  C "C4'" . C   A 1 5  ? 5.967   -9.594  -4.489  1.00 67.39  ? 5   C   A "C4'" 1 
ATOM   95  O "O4'" . C   A 1 5  ? 7.214   -10.320 -4.570  1.00 80.00  ? 5   C   A "O4'" 1 
ATOM   96  C "C3'" . C   A 1 5  ? 6.318   -8.330  -5.263  1.00 71.29  ? 5   C   A "C3'" 1 
ATOM   97  O "O3'" . C   A 1 5  ? 5.359   -7.311  -5.060  1.00 77.24  ? 5   C   A "O3'" 1 
ATOM   98  C "C2'" . C   A 1 5  ? 7.658   -7.982  -4.615  1.00 75.80  ? 5   C   A "C2'" 1 
ATOM   99  O "O2'" . C   A 1 5  ? 7.489   -7.371  -3.351  1.00 71.27  ? 5   C   A "O2'" 1 
ATOM   100 C "C1'" . C   A 1 5  ? 8.271   -9.379  -4.481  1.00 81.26  ? 5   C   A "C1'" 1 
ATOM   101 N N1    . C   A 1 5  ? 9.293   -9.654  -5.531  1.00 77.36  ? 5   C   A N1    1 
ATOM   102 C C2    . C   A 1 5  ? 10.578  -9.099  -5.391  1.00 80.13  ? 5   C   A C2    1 
ATOM   103 O O2    . C   A 1 5  ? 10.834  -8.379  -4.410  1.00 79.32  ? 5   C   A O2    1 
ATOM   104 N N3    . C   A 1 5  ? 11.515  -9.375  -6.328  1.00 75.46  ? 5   C   A N3    1 
ATOM   105 C C4    . C   A 1 5  ? 11.216  -10.163 -7.367  1.00 76.47  ? 5   C   A C4    1 
ATOM   106 N N4    . C   A 1 5  ? 12.169  -10.391 -8.253  1.00 80.47  ? 5   C   A N4    1 
ATOM   107 C C5    . C   A 1 5  ? 9.920   -10.731 -7.528  1.00 74.63  ? 5   C   A C5    1 
ATOM   108 C C6    . C   A 1 5  ? 8.996   -10.453 -6.597  1.00 73.02  ? 5   C   A C6    1 
ATOM   109 P P     . C   A 1 6  ? 4.789   -6.724  -6.444  1.00 80.16  ? 6   C   A P     1 
ATOM   110 O OP1   . C   A 1 6  ? 3.528   -5.968  -6.164  1.00 85.28  ? 6   C   A OP1   1 
ATOM   111 O OP2   . C   A 1 6  ? 4.716   -7.839  -7.460  1.00 77.74  ? 6   C   A OP2   1 
ATOM   112 O "O5'" . C   A 1 6  ? 5.895   -5.604  -6.781  1.00 73.44  ? 6   C   A "O5'" 1 
ATOM   113 C "C5'" . C   A 1 6  ? 5.675   -4.802  -7.952  1.00 76.69  ? 6   C   A "C5'" 1 
ATOM   114 C "C4'" . C   A 1 6  ? 6.800   -3.810  -8.096  1.00 80.42  ? 6   C   A "C4'" 1 
ATOM   115 O "O4'" . C   A 1 6  ? 7.938   -4.455  -8.741  1.00 90.82  ? 6   C   A "O4'" 1 
ATOM   116 C "C3'" . C   A 1 6  ? 6.446   -2.604  -8.973  1.00 84.87  ? 6   C   A "C3'" 1 
ATOM   117 O "O3'" . C   A 1 6  ? 6.940   -1.381  -8.433  1.00 89.07  ? 6   C   A "O3'" 1 
ATOM   118 C "C2'" . C   A 1 6  ? 7.059   -2.970  -10.329 1.00 86.90  ? 6   C   A "C2'" 1 
ATOM   119 O "O2'" . C   A 1 6  ? 7.411   -1.851  -11.113 1.00 87.25  ? 6   C   A "O2'" 1 
ATOM   120 C "C1'" . C   A 1 6  ? 8.317   -3.728  -9.893  1.00 90.15  ? 6   C   A "C1'" 1 
ATOM   121 N N1    . C   A 1 6  ? 8.808   -4.644  -10.970 1.00 87.32  ? 6   C   A N1    1 
ATOM   122 C C2    . C   A 1 6  ? 10.117  -4.511  -11.463 1.00 82.27  ? 6   C   A C2    1 
ATOM   123 O O2    . C   A 1 6  ? 10.879  -3.672  -10.953 1.00 73.97  ? 6   C   A O2    1 
ATOM   124 N N3    . C   A 1 6  ? 10.521  -5.324  -12.479 1.00 77.77  ? 6   C   A N3    1 
ATOM   125 C C4    . C   A 1 6  ? 9.675   -6.220  -13.014 1.00 74.84  ? 6   C   A C4    1 
ATOM   126 N N4    . C   A 1 6  ? 10.117  -6.994  -13.992 1.00 74.33  ? 6   C   A N4    1 
ATOM   127 C C5    . C   A 1 6  ? 8.344   -6.356  -12.542 1.00 74.07  ? 6   C   A C5    1 
ATOM   128 C C6    . C   A 1 6  ? 7.959   -5.561  -11.531 1.00 80.24  ? 6   C   A C6    1 
ATOM   129 P P     . G   A 1 7  ? 5.712   -0.352  -8.236  1.00 84.18  ? 7   G   A P     1 
ATOM   130 O OP1   . G   A 1 7  ? 4.649   -0.482  -9.295  1.00 78.18  ? 7   G   A OP1   1 
ATOM   131 O OP2   . G   A 1 7  ? 6.189   1.059   -7.980  1.00 81.87  ? 7   G   A OP2   1 
ATOM   132 O "O5'" . G   A 1 7  ? 5.197   -0.885  -6.821  1.00 65.86  ? 7   G   A "O5'" 1 
ATOM   133 C "C5'" . G   A 1 7  ? 5.845   -0.287  -5.700  1.00 67.38  ? 7   G   A "C5'" 1 
ATOM   134 C "C4'" . G   A 1 7  ? 5.242   -0.839  -4.446  1.00 66.94  ? 7   G   A "C4'" 1 
ATOM   135 O "O4'" . G   A 1 7  ? 3.903   -0.315  -4.260  1.00 67.55  ? 7   G   A "O4'" 1 
ATOM   136 C "C3'" . G   A 1 7  ? 5.093   -2.363  -4.414  1.00 63.28  ? 7   G   A "C3'" 1 
ATOM   137 O "O3'" . G   A 1 7  ? 5.503   -2.663  -3.093  1.00 59.37  ? 7   G   A "O3'" 1 
ATOM   138 C "C2'" . G   A 1 7  ? 3.592   -2.557  -4.658  1.00 62.01  ? 7   G   A "C2'" 1 
ATOM   139 O "O2'" . G   A 1 7  ? 3.099   -3.800  -4.209  1.00 51.04  ? 7   G   A "O2'" 1 
ATOM   140 C "C1'" . G   A 1 7  ? 3.096   -1.385  -3.823  1.00 64.19  ? 7   G   A "C1'" 1 
ATOM   141 N N9    . G   A 1 7  ? 1.683   -1.045  -3.963  1.00 62.92  ? 7   G   A N9    1 
ATOM   142 C C8    . G   A 1 7  ? 1.023   -0.559  -5.060  1.00 61.00  ? 7   G   A C8    1 
ATOM   143 N N7    . G   A 1 7  ? -0.247  -0.325  -4.843  1.00 59.15  ? 7   G   A N7    1 
ATOM   144 C C5    . G   A 1 7  ? -0.429  -0.668  -3.513  1.00 61.20  ? 7   G   A C5    1 
ATOM   145 C C6    . G   A 1 7  ? -1.592  -0.638  -2.709  1.00 66.33  ? 7   G   A C6    1 
ATOM   146 O O6    . G   A 1 7  ? -2.743  -0.278  -3.011  1.00 64.33  ? 7   G   A O6    1 
ATOM   147 N N1    . G   A 1 7  ? -1.334  -1.084  -1.412  1.00 64.63  ? 7   G   A N1    1 
ATOM   148 C C2    . G   A 1 7  ? -0.119  -1.488  -0.943  1.00 61.12  ? 7   G   A C2    1 
ATOM   149 N N2    . G   A 1 7  ? -0.083  -1.864  0.340   1.00 60.68  ? 7   G   A N2    1 
ATOM   150 N N3    . G   A 1 7  ? 0.976   -1.532  -1.698  1.00 67.72  ? 7   G   A N3    1 
ATOM   151 C C4    . G   A 1 7  ? 0.747   -1.111  -2.963  1.00 60.63  ? 7   G   A C4    1 
ATOM   152 P P     . G   A 1 8  ? 6.174   -4.078  -2.776  1.00 64.77  ? 8   G   A P     1 
ATOM   153 O OP1   . G   A 1 8  ? 6.898   -3.854  -1.481  1.00 62.53  ? 8   G   A OP1   1 
ATOM   154 O OP2   . G   A 1 8  ? 6.880   -4.645  -3.988  1.00 70.32  ? 8   G   A OP2   1 
ATOM   155 O "O5'" . G   A 1 8  ? 4.870   -4.961  -2.454  1.00 57.67  ? 8   G   A "O5'" 1 
ATOM   156 C "C5'" . G   A 1 8  ? 5.020   -6.093  -1.578  1.00 57.34  ? 8   G   A "C5'" 1 
ATOM   157 C "C4'" . G   A 1 8  ? 3.920   -6.086  -0.547  1.00 60.45  ? 8   G   A "C4'" 1 
ATOM   158 O "O4'" . G   A 1 8  ? 2.970   -5.036  -0.822  1.00 65.20  ? 8   G   A "O4'" 1 
ATOM   159 C "C3'" . G   A 1 8  ? 3.028   -7.326  -0.525  1.00 63.20  ? 8   G   A "C3'" 1 
ATOM   160 O "O3'" . G   A 1 8  ? 3.681   -8.338  0.193   1.00 70.56  ? 8   G   A "O3'" 1 
ATOM   161 C "C2'" . G   A 1 8  ? 1.774   -6.828  0.193   1.00 60.26  ? 8   G   A "C2'" 1 
ATOM   162 O "O2'" . G   A 1 8  ? 1.892   -6.949  1.592   1.00 56.31  ? 8   G   A "O2'" 1 
ATOM   163 C "C1'" . G   A 1 8  ? 1.736   -5.360  -0.214  1.00 57.34  ? 8   G   A "C1'" 1 
ATOM   164 N N9    . G   A 1 8  ? 0.649   -4.978  -1.112  1.00 55.96  ? 8   G   A N9    1 
ATOM   165 C C8    . G   A 1 8  ? 0.739   -4.540  -2.410  1.00 56.87  ? 8   G   A C8    1 
ATOM   166 N N7    . G   A 1 8  ? -0.413  -4.170  -2.919  1.00 56.32  ? 8   G   A N7    1 
ATOM   167 C C5    . G   A 1 8  ? -1.320  -4.355  -1.882  1.00 56.22  ? 8   G   A C5    1 
ATOM   168 C C6    . G   A 1 8  ? -2.718  -4.121  -1.819  1.00 56.61  ? 8   G   A C6    1 
ATOM   169 O O6    . G   A 1 8  ? -3.492  -3.694  -2.694  1.00 52.72  ? 8   G   A O6    1 
ATOM   170 N N1    . G   A 1 8  ? -3.235  -4.435  -0.566  1.00 58.70  ? 8   G   A N1    1 
ATOM   171 C C2    . G   A 1 8  ? -2.515  -4.905  0.494   1.00 58.42  ? 8   G   A C2    1 
ATOM   172 N N2    . G   A 1 8  ? -3.209  -5.141  1.614   1.00 58.40  ? 8   G   A N2    1 
ATOM   173 N N3    . G   A 1 8  ? -1.203  -5.129  0.443   1.00 60.44  ? 8   G   A N3    1 
ATOM   174 C C4    . G   A 1 8  ? -0.673  -4.838  -0.766  1.00 55.95  ? 8   G   A C4    1 
ATOM   175 P P     . G   A 1 9  ? 3.579   -9.716  -0.622  1.00 77.53  ? 9   G   A P     1 
ATOM   176 O OP1   . G   A 1 9  ? 4.711   -10.569 -0.128  1.00 88.01  ? 9   G   A OP1   1 
ATOM   177 O OP2   . G   A 1 9  ? 3.401   -9.507  -2.106  1.00 70.77  ? 9   G   A OP2   1 
ATOM   178 O "O5'" . G   A 1 9  ? 2.250   -10.263 0.085   1.00 64.97  ? 9   G   A "O5'" 1 
ATOM   179 C "C5'" . G   A 1 9  ? 2.330   -10.445 1.508   1.00 64.22  ? 9   G   A "C5'" 1 
ATOM   180 C "C4'" . G   A 1 9  ? 0.934   -10.379 2.052   1.00 66.88  ? 9   G   A "C4'" 1 
ATOM   181 O "O4'" . G   A 1 9  ? 0.236   -9.288  1.389   1.00 69.01  ? 9   G   A "O4'" 1 
ATOM   182 C "C3'" . G   A 1 9  ? 0.095   -11.639 1.802   1.00 67.47  ? 9   G   A "C3'" 1 
ATOM   183 O "O3'" . G   A 1 9  ? -0.747  -11.902 2.919   1.00 72.81  ? 9   G   A "O3'" 1 
ATOM   184 C "C2'" . G   A 1 9  ? -0.701  -11.214 0.571   1.00 65.25  ? 9   G   A "C2'" 1 
ATOM   185 O "O2'" . G   A 1 9  ? -1.862  -11.982 0.368   1.00 65.29  ? 9   G   A "O2'" 1 
ATOM   186 C "C1'" . G   A 1 9  ? -1.012  -9.775  0.968   1.00 67.06  ? 9   G   A "C1'" 1 
ATOM   187 N N9    . G   A 1 9  ? -1.588  -9.008  -0.133  1.00 66.64  ? 9   G   A N9    1 
ATOM   188 C C8    . G   A 1 9  ? -1.028  -8.675  -1.341  1.00 66.41  ? 9   G   A C8    1 
ATOM   189 N N7    . G   A 1 9  ? -1.854  -8.053  -2.149  1.00 62.72  ? 9   G   A N7    1 
ATOM   190 C C5    . G   A 1 9  ? -3.042  -7.991  -1.432  1.00 62.33  ? 9   G   A C5    1 
ATOM   191 C C6    . G   A 1 9  ? -4.300  -7.435  -1.775  1.00 61.41  ? 9   G   A C6    1 
ATOM   192 O O6    . G   A 1 9  ? -4.651  -6.870  -2.830  1.00 49.03  ? 9   G   A O6    1 
ATOM   193 N N1    . G   A 1 9  ? -5.229  -7.611  -0.748  1.00 63.89  ? 9   G   A N1    1 
ATOM   194 C C2    . G   A 1 9  ? -4.984  -8.227  0.450   1.00 66.16  ? 9   G   A C2    1 
ATOM   195 N N2    . G   A 1 9  ? -6.008  -8.308  1.311   1.00 74.36  ? 9   G   A N2    1 
ATOM   196 N N3    . G   A 1 9  ? -3.804  -8.736  0.778   1.00 64.25  ? 9   G   A N3    1 
ATOM   197 C C4    . G   A 1 9  ? -2.890  -8.589  -0.204  1.00 61.34  ? 9   G   A C4    1 
ATOM   198 P P     . G   A 1 10 ? -1.099  -13.437 3.248   1.00 77.79  ? 10  G   A P     1 
ATOM   199 O OP1   . G   A 1 10 ? -0.411  -13.756 4.542   1.00 79.85  ? 10  G   A OP1   1 
ATOM   200 O OP2   . G   A 1 10 ? -0.915  -14.288 2.023   1.00 78.04  ? 10  G   A OP2   1 
ATOM   201 O "O5'" . G   A 1 10 ? -2.667  -13.369 3.596   1.00 76.31  ? 10  G   A "O5'" 1 
ATOM   202 C "C5'" . G   A 1 10 ? -3.585  -14.386 3.127   1.00 76.25  ? 10  G   A "C5'" 1 
ATOM   203 C "C4'" . G   A 1 10 ? -4.970  -13.849 3.375   1.00 75.09  ? 10  G   A "C4'" 1 
ATOM   204 O "O4'" . G   A 1 10 ? -4.958  -12.458 2.989   1.00 69.90  ? 10  G   A "O4'" 1 
ATOM   205 C "C3'" . G   A 1 10 ? -6.118  -14.449 2.567   1.00 78.27  ? 10  G   A "C3'" 1 
ATOM   206 O "O3'" . G   A 1 10 ? -6.703  -15.539 3.253   1.00 89.17  ? 10  G   A "O3'" 1 
ATOM   207 C "C2'" . G   A 1 10 ? -7.115  -13.297 2.544   1.00 76.61  ? 10  G   A "C2'" 1 
ATOM   208 O "O2'" . G   A 1 10 ? -7.835  -13.217 3.752   1.00 83.30  ? 10  G   A "O2'" 1 
ATOM   209 C "C1'" . G   A 1 10 ? -6.184  -12.101 2.403   1.00 70.38  ? 10  G   A "C1'" 1 
ATOM   210 N N9    . G   A 1 10 ? -5.941  -11.674 1.033   1.00 61.75  ? 10  G   A N9    1 
ATOM   211 C C8    . G   A 1 10 ? -4.765  -11.654 0.332   1.00 58.58  ? 10  G   A C8    1 
ATOM   212 N N7    . G   A 1 10 ? -4.882  -11.154 -0.877  1.00 55.66  ? 10  G   A N7    1 
ATOM   213 C C5    . G   A 1 10 ? -6.222  -10.822 -0.966  1.00 55.29  ? 10  G   A C5    1 
ATOM   214 C C6    . G   A 1 10 ? -6.947  -10.253 -2.030  1.00 62.00  ? 10  G   A C6    1 
ATOM   215 O O6    . G   A 1 10 ? -6.535  -9.919  -3.152  1.00 62.18  ? 10  G   A O6    1 
ATOM   216 N N1    . G   A 1 10 ? -8.288  -10.073 -1.690  1.00 65.41  ? 10  G   A N1    1 
ATOM   217 C C2    . G   A 1 10 ? -8.862  -10.409 -0.492  1.00 64.76  ? 10  G   A C2    1 
ATOM   218 N N2    . G   A 1 10 ? -10.172 -10.156 -0.355  1.00 73.67  ? 10  G   A N2    1 
ATOM   219 N N3    . G   A 1 10 ? -8.185  -10.958 0.507   1.00 58.69  ? 10  G   A N3    1 
ATOM   220 C C4    . G   A 1 10 ? -6.879  -11.127 0.200   1.00 57.85  ? 10  G   A C4    1 
ATOM   221 P P     . C   A 1 11 ? -6.881  -16.743 2.208   1.00 105.22 ? 11  C   A P     1 
ATOM   222 O OP1   . C   A 1 11 ? -7.405  -17.934 2.963   1.00 111.83 ? 11  C   A OP1   1 
ATOM   223 O OP2   . C   A 1 11 ? -5.624  -16.828 1.376   1.00 93.87  ? 11  C   A OP2   1 
ATOM   224 O "O5'" . C   A 1 11 ? -8.070  -16.227 1.260   1.00 97.60  ? 11  C   A "O5'" 1 
ATOM   225 C "C5'" . C   A 1 11 ? -9.442  -16.388 1.699   1.00 99.21  ? 11  C   A "C5'" 1 
ATOM   226 C "C4'" . C   A 1 11 ? -10.346 -15.686 0.718   1.00 100.51 ? 11  C   A "C4'" 1 
ATOM   227 O "O4'" . C   A 1 11 ? -9.900  -14.308 0.547   1.00 93.76  ? 11  C   A "O4'" 1 
ATOM   228 C "C3'" . C   A 1 11 ? -10.370 -16.268 -0.705  1.00 96.10  ? 11  C   A "C3'" 1 
ATOM   229 O "O3'" . C   A 1 11 ? -11.149 -17.466 -0.769  1.00 75.99  ? 11  C   A "O3'" 1 
ATOM   230 C "C2'" . C   A 1 11 ? -10.874 -15.035 -1.479  1.00 93.85  ? 11  C   A "C2'" 1 
ATOM   231 O "O2'" . C   A 1 11 ? -12.249 -14.754 -1.330  1.00 95.97  ? 11  C   A "O2'" 1 
ATOM   232 C "C1'" . C   A 1 11 ? -10.067 -13.913 -0.801  1.00 83.83  ? 11  C   A "C1'" 1 
ATOM   233 N N1    . C   A 1 11 ? -8.739  -13.742 -1.454  1.00 70.75  ? 11  C   A N1    1 
ATOM   234 C C2    . C   A 1 11 ? -8.704  -13.196 -2.742  1.00 64.54  ? 11  C   A C2    1 
ATOM   235 O O2    . C   A 1 11 ? -9.757  -12.794 -3.264  1.00 62.32  ? 11  C   A O2    1 
ATOM   236 N N3    . C   A 1 11 ? -7.514  -13.090 -3.387  1.00 56.64  ? 11  C   A N3    1 
ATOM   237 C C4    . C   A 1 11 ? -6.390  -13.528 -2.806  1.00 60.40  ? 11  C   A C4    1 
ATOM   238 N N4    . C   A 1 11 ? -5.262  -13.404 -3.488  1.00 62.55  ? 11  C   A N4    1 
ATOM   239 C C5    . C   A 1 11 ? -6.403  -14.105 -1.507  1.00 62.37  ? 11  C   A C5    1 
ATOM   240 C C6    . C   A 1 11 ? -7.587  -14.200 -0.879  1.00 68.16  ? 11  C   A C6    1 
ATOM   241 C "C5'" . G   B 1 1  ? -12.535 5.673   2.998   1.00 44.88  ? 1   G   B "C5'" 1 
ATOM   242 C "C4'" . G   B 1 1  ? -12.318 4.628   4.062   1.00 50.70  ? 1   G   B "C4'" 1 
ATOM   243 O "O4'" . G   B 1 1  ? -12.031 3.360   3.421   1.00 54.67  ? 1   G   B "O4'" 1 
ATOM   244 C "C3'" . G   B 1 1  ? -11.152 4.888   5.023   1.00 51.89  ? 1   G   B "C3'" 1 
ATOM   245 O "O3'" . G   B 1 1  ? -11.644 5.226   6.308   1.00 53.25  ? 1   G   B "O3'" 1 
ATOM   246 C "C2'" . G   B 1 1  ? -10.380 3.563   5.094   1.00 52.61  ? 1   G   B "C2'" 1 
ATOM   247 O "O2'" . G   B 1 1  ? -10.734 2.774   6.206   1.00 50.00  ? 1   G   B "O2'" 1 
ATOM   248 C "C1'" . G   B 1 1  ? -10.751 2.886   3.781   1.00 53.73  ? 1   G   B "C1'" 1 
ATOM   249 N N9    . G   B 1 1  ? -9.806  3.159   2.699   1.00 56.32  ? 1   G   B N9    1 
ATOM   250 C C8    . G   B 1 1  ? -10.099 3.648   1.451   1.00 59.39  ? 1   G   B C8    1 
ATOM   251 N N7    . G   B 1 1  ? -9.050  3.768   0.672   1.00 58.03  ? 1   G   B N7    1 
ATOM   252 C C5    . G   B 1 1  ? -7.996  3.320   1.453   1.00 60.90  ? 1   G   B C5    1 
ATOM   253 C C6    . G   B 1 1  ? -6.615  3.229   1.150   1.00 59.42  ? 1   G   B C6    1 
ATOM   254 O O6    . G   B 1 1  ? -6.024  3.528   0.094   1.00 53.64  ? 1   G   B O6    1 
ATOM   255 N N1    . G   B 1 1  ? -5.889  2.728   2.226   1.00 55.13  ? 1   G   B N1    1 
ATOM   256 C C2    . G   B 1 1  ? -6.418  2.354   3.428   1.00 54.88  ? 1   G   B C2    1 
ATOM   257 N N2    . G   B 1 1  ? -5.545  1.900   4.328   1.00 59.56  ? 1   G   B N2    1 
ATOM   258 N N3    . G   B 1 1  ? -7.710  2.448   3.728   1.00 58.48  ? 1   G   B N3    1 
ATOM   259 C C4    . G   B 1 1  ? -8.445  2.941   2.700   1.00 59.69  ? 1   G   B C4    1 
ATOM   260 P P     . G   B 1 2  ? -10.731 6.355   6.994   1.00 60.29  ? 2   G   B P     1 
ATOM   261 O OP1   . G   B 1 2  ? -11.362 6.692   8.318   1.00 62.71  ? 2   G   B OP1   1 
ATOM   262 O OP2   . G   B 1 2  ? -10.343 7.406   5.984   1.00 52.88  ? 2   G   B OP2   1 
ATOM   263 O "O5'" . G   B 1 2  ? -9.379  5.582   7.354   1.00 52.89  ? 2   G   B "O5'" 1 
ATOM   264 C "C5'" . G   B 1 2  ? -9.370  4.788   8.544   1.00 55.45  ? 2   G   B "C5'" 1 
ATOM   265 C "C4'" . G   B 1 2  ? -7.961  4.321   8.713   1.00 58.87  ? 2   G   B "C4'" 1 
ATOM   266 O "O4'" . G   B 1 2  ? -7.511  3.801   7.444   1.00 57.35  ? 2   G   B "O4'" 1 
ATOM   267 C "C3'" . G   B 1 2  ? -6.983  5.444   9.037   1.00 65.02  ? 2   G   B "C3'" 1 
ATOM   268 O "O3'" . G   B 1 2  ? -6.814  5.536   10.431  1.00 72.62  ? 2   G   B "O3'" 1 
ATOM   269 C "C2'" . G   B 1 2  ? -5.677  4.984   8.409   1.00 63.74  ? 2   G   B "C2'" 1 
ATOM   270 O "O2'" . G   B 1 2  ? -4.932  4.174   9.290   1.00 67.64  ? 2   G   B "O2'" 1 
ATOM   271 C "C1'" . G   B 1 2  ? -6.162  4.149   7.242   1.00 59.82  ? 2   G   B "C1'" 1 
ATOM   272 N N9    . G   B 1 2  ? -6.025  4.780   5.941   1.00 60.41  ? 2   G   B N9    1 
ATOM   273 C C8    . G   B 1 2  ? -7.009  5.213   5.093   1.00 66.87  ? 2   G   B C8    1 
ATOM   274 N N7    . G   B 1 2  ? -6.549  5.601   3.925   1.00 64.93  ? 2   G   B N7    1 
ATOM   275 C C5    . G   B 1 2  ? -5.182  5.385   4.007   1.00 59.30  ? 2   G   B C5    1 
ATOM   276 C C6    . G   B 1 2  ? -4.156  5.611   3.062   1.00 58.61  ? 2   G   B C6    1 
ATOM   277 O O6    . G   B 1 2  ? -4.233  6.066   1.908   1.00 51.30  ? 2   G   B O6    1 
ATOM   278 N N1    . G   B 1 2  ? -2.914  5.240   3.558   1.00 57.15  ? 2   G   B N1    1 
ATOM   279 C C2    . G   B 1 2  ? -2.682  4.724   4.797   1.00 59.59  ? 2   G   B C2    1 
ATOM   280 N N2    . G   B 1 2  ? -1.406  4.435   5.076   1.00 70.03  ? 2   G   B N2    1 
ATOM   281 N N3    . G   B 1 2  ? -3.637  4.511   5.693   1.00 58.60  ? 2   G   B N3    1 
ATOM   282 C C4    . G   B 1 2  ? -4.854  4.867   5.234   1.00 58.17  ? 2   G   B C4    1 
ATOM   283 P P     . G   B 1 3  ? -7.091  7.071   10.788  1.00 76.68  ? 3   G   B P     1 
ATOM   284 O OP1   . G   B 1 3  ? -7.750  7.014   12.138  1.00 80.35  ? 3   G   B OP1   1 
ATOM   285 O OP2   . G   B 1 3  ? -7.686  7.807   9.617   1.00 73.33  ? 3   G   B OP2   1 
ATOM   286 O "O5'" . G   B 1 3  ? -5.580  7.594   10.901  1.00 72.95  ? 3   G   B "O5'" 1 
ATOM   287 C "C5'" . G   B 1 3  ? -4.721  6.944   11.856  1.00 70.34  ? 3   G   B "C5'" 1 
ATOM   288 C "C4'" . G   B 1 3  ? -3.365  6.839   11.224  1.00 63.96  ? 3   G   B "C4'" 1 
ATOM   289 O "O4'" . G   B 1 3  ? -3.572  6.643   9.806   1.00 65.08  ? 3   G   B "O4'" 1 
ATOM   290 C "C3'" . G   B 1 3  ? -2.493  8.088   11.371  1.00 64.75  ? 3   G   B "C3'" 1 
ATOM   291 O "O3'" . G   B 1 3  ? -1.235  7.733   11.945  1.00 68.21  ? 3   G   B "O3'" 1 
ATOM   292 C "C2'" . G   B 1 3  ? -2.281  8.568   9.931   1.00 69.42  ? 3   G   B "C2'" 1 
ATOM   293 O "O2'" . G   B 1 3  ? -0.937  8.986   9.749   1.00 86.03  ? 3   G   B "O2'" 1 
ATOM   294 C "C1'" . G   B 1 3  ? -2.547  7.305   9.113   1.00 71.22  ? 3   G   B "C1'" 1 
ATOM   295 N N9    . G   B 1 3  ? -2.945  7.646   7.750   1.00 73.20  ? 3   G   B N9    1 
ATOM   296 C C8    . G   B 1 3  ? -4.185  8.042   7.310   1.00 72.27  ? 3   G   B C8    1 
ATOM   297 N N7    . G   B 1 3  ? -4.208  8.354   6.034   1.00 67.50  ? 3   G   B N7    1 
ATOM   298 C C5    . G   B 1 3  ? -2.894  8.181   5.618   1.00 66.85  ? 3   G   B C5    1 
ATOM   299 C C6    . G   B 1 3  ? -2.305  8.377   4.346   1.00 68.24  ? 3   G   B C6    1 
ATOM   300 O O6    . G   B 1 3  ? -2.833  8.764   3.292   1.00 64.47  ? 3   G   B O6    1 
ATOM   301 N N1    . G   B 1 3  ? -0.944  8.089   4.353   1.00 68.48  ? 3   G   B N1    1 
ATOM   302 C C2    . G   B 1 3  ? -0.235  7.669   5.442   1.00 68.42  ? 3   G   B C2    1 
ATOM   303 N N2    . G   B 1 3  ? 1.068   7.446   5.228   1.00 73.32  ? 3   G   B N2    1 
ATOM   304 N N3    . G   B 1 3  ? -0.778  7.482   6.647   1.00 63.05  ? 3   G   B N3    1 
ATOM   305 C C4    . G   B 1 3  ? -2.104  7.761   6.665   1.00 66.11  ? 3   G   B C4    1 
ATOM   306 P P     . G   B 1 4  ? -0.227  8.918   12.362  1.00 71.94  ? 4   G   B P     1 
ATOM   307 O OP1   . G   B 1 4  ? 0.405   8.546   13.671  1.00 73.64  ? 4   G   B OP1   1 
ATOM   308 O OP2   . G   B 1 4  ? -0.928  10.242  12.230  1.00 80.23  ? 4   G   B OP2   1 
ATOM   309 O "O5'" . G   B 1 4  ? 0.949   8.913   11.264  1.00 55.56  ? 4   G   B "O5'" 1 
ATOM   310 C "C5'" . G   B 1 4  ? 1.984   7.940   11.414  1.00 58.18  ? 4   G   B "C5'" 1 
ATOM   311 C "C4'" . G   B 1 4  ? 2.993   8.144   10.321  1.00 61.43  ? 4   G   B "C4'" 1 
ATOM   312 O "O4'" . G   B 1 4  ? 2.304   8.348   9.061   1.00 63.82  ? 4   G   B "O4'" 1 
ATOM   313 C "C3'" . G   B 1 4  ? 3.891   9.373   10.474  1.00 68.04  ? 4   G   B "C3'" 1 
ATOM   314 O "O3'" . G   B 1 4  ? 5.141   9.142   9.842   1.00 71.17  ? 4   G   B "O3'" 1 
ATOM   315 C "C2'" . G   B 1 4  ? 3.168   10.415  9.626   1.00 67.00  ? 4   G   B "C2'" 1 
ATOM   316 O "O2'" . G   B 1 4  ? 4.057   11.450  9.264   1.00 71.28  ? 4   G   B "O2'" 1 
ATOM   317 C "C1'" . G   B 1 4  ? 2.772   9.530   8.449   1.00 64.70  ? 4   G   B "C1'" 1 
ATOM   318 N N9    . G   B 1 4  ? 1.733   10.067  7.568   1.00 61.57  ? 4   G   B N9    1 
ATOM   319 C C8    . G   B 1 4  ? 0.421   10.284  7.909   1.00 58.74  ? 4   G   B C8    1 
ATOM   320 N N7    . G   B 1 4  ? -0.307  10.751  6.926   1.00 53.59  ? 4   G   B N7    1 
ATOM   321 C C5    . G   B 1 4  ? 0.584   10.858  5.869   1.00 53.05  ? 4   G   B C5    1 
ATOM   322 C C6    . G   B 1 4  ? 0.360   11.302  4.547   1.00 58.03  ? 4   G   B C6    1 
ATOM   323 O O6    . G   B 1 4  ? -0.697  11.717  4.047   1.00 65.49  ? 4   G   B O6    1 
ATOM   324 N N1    . G   B 1 4  ? 1.519   11.250  3.774   1.00 56.55  ? 4   G   B N1    1 
ATOM   325 C C2    . G   B 1 4  ? 2.738   10.816  4.212   1.00 58.17  ? 4   G   B C2    1 
ATOM   326 N N2    . G   B 1 4  ? 3.726   10.829  3.296   1.00 59.01  ? 4   G   B N2    1 
ATOM   327 N N3    . G   B 1 4  ? 2.954   10.391  5.466   1.00 58.01  ? 4   G   B N3    1 
ATOM   328 C C4    . G   B 1 4  ? 1.840   10.441  6.240   1.00 55.31  ? 4   G   B C4    1 
ATOM   329 P P     . C   B 1 5  ? 6.150   8.274   10.735  1.00 76.18  ? 5   C   B P     1 
ATOM   330 O OP1   . C   B 1 5  ? 5.781   8.425   12.186  1.00 68.35  ? 5   C   B OP1   1 
ATOM   331 O OP2   . C   B 1 5  ? 7.499   8.603   10.157  1.00 74.23  ? 5   C   B OP2   1 
ATOM   332 O "O5'" . C   B 1 5  ? 5.841   6.767   10.292  1.00 82.00  ? 5   C   B "O5'" 1 
ATOM   333 C "C5'" . C   B 1 5  ? 6.029   6.406   8.899   1.00 87.15  ? 5   C   B "C5'" 1 
ATOM   334 C "C4'" . C   B 1 5  ? 6.519   4.985   8.816   1.00 82.96  ? 5   C   B "C4'" 1 
ATOM   335 O "O4'" . C   B 1 5  ? 7.808   4.877   9.464   1.00 84.18  ? 5   C   B "O4'" 1 
ATOM   336 C "C3'" . C   B 1 5  ? 5.656   3.936   9.521   1.00 82.29  ? 5   C   B "C3'" 1 
ATOM   337 O "O3'" . C   B 1 5  ? 4.585   3.593   8.656   1.00 73.73  ? 5   C   B "O3'" 1 
ATOM   338 C "C2'" . C   B 1 5  ? 6.669   2.805   9.691   1.00 86.93  ? 5   C   B "C2'" 1 
ATOM   339 O "O2'" . C   B 1 5  ? 6.861   2.094   8.488   1.00 85.45  ? 5   C   B "O2'" 1 
ATOM   340 C "C1'" . C   B 1 5  ? 7.967   3.572   9.987   1.00 82.89  ? 5   C   B "C1'" 1 
ATOM   341 N N1    . C   B 1 5  ? 8.285   3.674   11.439  1.00 79.82  ? 5   C   B N1    1 
ATOM   342 C C2    . C   B 1 5  ? 8.808   2.554   12.098  1.00 79.28  ? 5   C   B C2    1 
ATOM   343 O O2    . C   B 1 5  ? 8.991   1.503   11.464  1.00 80.15  ? 5   C   B O2    1 
ATOM   344 N N3    . C   B 1 5  ? 9.102   2.651   13.417  1.00 79.10  ? 5   C   B N3    1 
ATOM   345 C C4    . C   B 1 5  ? 8.894   3.803   14.070  1.00 76.42  ? 5   C   B C4    1 
ATOM   346 N N4    . C   B 1 5  ? 9.202   3.851   15.352  1.00 80.41  ? 5   C   B N4    1 
ATOM   347 C C5    . C   B 1 5  ? 8.365   4.946   13.423  1.00 71.96  ? 5   C   B C5    1 
ATOM   348 C C6    . C   B 1 5  ? 8.075   4.840   12.120  1.00 74.94  ? 5   C   B C6    1 
ATOM   349 P P     . C   B 1 6  ? 3.131   3.781   9.300   1.00 67.63  ? 6   C   B P     1 
ATOM   350 O OP1   . C   B 1 6  ? 2.152   3.917   8.173   1.00 67.38  ? 6   C   B OP1   1 
ATOM   351 O OP2   . C   B 1 6  ? 3.168   4.827   10.385  1.00 57.60  ? 6   C   B OP2   1 
ATOM   352 O "O5'" . C   B 1 6  ? 2.881   2.333   9.947   1.00 63.27  ? 6   C   B "O5'" 1 
ATOM   353 C "C5'" . C   B 1 6  ? 1.519   2.032   10.345  1.00 59.80  ? 6   C   B "C5'" 1 
ATOM   354 C "C4'" . C   B 1 6  ? 1.453   0.619   10.853  1.00 63.04  ? 6   C   B "C4'" 1 
ATOM   355 O "O4'" . C   B 1 6  ? 2.273   0.498   12.050  1.00 65.05  ? 6   C   B "O4'" 1 
ATOM   356 C "C3'" . C   B 1 6  ? 0.048   0.129   11.238  1.00 63.96  ? 6   C   B "C3'" 1 
ATOM   357 O "O3'" . C   B 1 6  ? -0.177  -1.235  10.847  1.00 65.38  ? 6   C   B "O3'" 1 
ATOM   358 C "C2'" . C   B 1 6  ? 0.066   0.293   12.762  1.00 66.58  ? 6   C   B "C2'" 1 
ATOM   359 O "O2'" . C   B 1 6  ? -0.846  -0.553  13.436  1.00 68.26  ? 6   C   B "O2'" 1 
ATOM   360 C "C1'" . C   B 1 6  ? 1.513   -0.117  13.063  1.00 68.19  ? 6   C   B "C1'" 1 
ATOM   361 N N1    . C   B 1 6  ? 2.006   0.326   14.395  1.00 67.91  ? 6   C   B N1    1 
ATOM   362 C C2    . C   B 1 6  ? 2.461   -0.617  15.332  1.00 74.05  ? 6   C   B C2    1 
ATOM   363 O O2    . C   B 1 6  ? 2.477   -1.823  15.031  1.00 82.18  ? 6   C   B O2    1 
ATOM   364 N N3    . C   B 1 6  ? 2.891   -0.184  16.545  1.00 73.79  ? 6   C   B N3    1 
ATOM   365 C C4    . C   B 1 6  ? 2.883   1.125   16.841  1.00 72.13  ? 6   C   B C4    1 
ATOM   366 N N4    . C   B 1 6  ? 3.324   1.503   18.029  1.00 72.64  ? 6   C   B N4    1 
ATOM   367 C C5    . C   B 1 6  ? 2.425   2.091   15.907  1.00 71.83  ? 6   C   B C5    1 
ATOM   368 C C6    . C   B 1 6  ? 1.995   1.651   14.715  1.00 69.59  ? 6   C   B C6    1 
ATOM   369 P P     . G   B 1 7  ? -1.290  -1.415  9.703   1.00 68.03  ? 7   G   B P     1 
ATOM   370 O OP1   . G   B 1 7  ? -2.420  -0.468  9.981   1.00 68.57  ? 7   G   B OP1   1 
ATOM   371 O OP2   . G   B 1 7  ? -1.655  -2.851  9.437   1.00 65.50  ? 7   G   B OP2   1 
ATOM   372 O "O5'" . G   B 1 7  ? -0.363  -1.006  8.466   1.00 54.36  ? 7   G   B "O5'" 1 
ATOM   373 C "C5'" . G   B 1 7  ? 0.387   -2.065  7.874   1.00 53.65  ? 7   G   B "C5'" 1 
ATOM   374 C "C4'" . G   B 1 7  ? 1.122   -1.527  6.682   1.00 53.75  ? 7   G   B "C4'" 1 
ATOM   375 O "O4'" . G   B 1 7  ? 0.174   -1.181  5.637   1.00 58.11  ? 7   G   B "O4'" 1 
ATOM   376 C "C3'" . G   B 1 7  ? 1.939   -0.254  6.923   1.00 52.97  ? 7   G   B "C3'" 1 
ATOM   377 O "O3'" . G   B 1 7  ? 3.110   -0.498  6.175   1.00 57.72  ? 7   G   B "O3'" 1 
ATOM   378 C "C2'" . G   B 1 7  ? 1.051   0.834   6.314   1.00 52.50  ? 7   G   B "C2'" 1 
ATOM   379 O "O2'" . G   B 1 7  ? 1.736   2.011   5.956   1.00 47.98  ? 7   G   B "O2'" 1 
ATOM   380 C "C1'" . G   B 1 7  ? 0.556   0.064   5.097   1.00 54.56  ? 7   G   B "C1'" 1 
ATOM   381 N N9    . G   B 1 7  ? -0.557  0.665   4.359   1.00 52.14  ? 7   G   B N9    1 
ATOM   382 C C8    . G   B 1 7  ? -1.846  0.900   4.767   1.00 54.61  ? 7   G   B C8    1 
ATOM   383 N N7    . G   B 1 7  ? -2.605  1.436   3.835   1.00 54.43  ? 7   G   B N7    1 
ATOM   384 C C5    . G   B 1 7  ? -1.764  1.542   2.739   1.00 54.64  ? 7   G   B C5    1 
ATOM   385 C C6    . G   B 1 7  ? -2.007  2.049   1.435   1.00 60.80  ? 7   G   B C6    1 
ATOM   386 O O6    . G   B 1 7  ? -3.050  2.523   0.945   1.00 58.39  ? 7   G   B O6    1 
ATOM   387 N N1    . G   B 1 7  ? -0.866  1.983   0.641   1.00 59.46  ? 7   G   B N1    1 
ATOM   388 C C2    . G   B 1 7  ? 0.338   1.473   1.035   1.00 56.25  ? 7   G   B C2    1 
ATOM   389 N N2    . G   B 1 7  ? 1.305   1.488   0.115   1.00 63.60  ? 7   G   B N2    1 
ATOM   390 N N3    . G   B 1 7  ? 0.578   1.007   2.254   1.00 49.77  ? 7   G   B N3    1 
ATOM   391 C C4    . G   B 1 7  ? -0.508  1.078   3.052   1.00 48.98  ? 7   G   B C4    1 
ATOM   392 P P     . G   B 1 8  ? 4.523   0.148   6.589   1.00 62.77  ? 8   G   B P     1 
ATOM   393 O OP1   . G   B 1 8  ? 5.558   -0.695  5.907   1.00 53.43  ? 8   G   B OP1   1 
ATOM   394 O OP2   . G   B 1 8  ? 4.588   0.442   8.077   1.00 66.39  ? 8   G   B OP2   1 
ATOM   395 O "O5'" . G   B 1 8  ? 4.441   1.533   5.782   1.00 62.19  ? 8   G   B "O5'" 1 
ATOM   396 C "C5'" . G   B 1 8  ? 5.667   2.194   5.417   1.00 61.25  ? 8   G   B "C5'" 1 
ATOM   397 C "C4'" . G   B 1 8  ? 5.610   2.564   3.959   1.00 62.37  ? 8   G   B "C4'" 1 
ATOM   398 O "O4'" . G   B 1 8  ? 4.281   2.362   3.430   1.00 64.78  ? 8   G   B "O4'" 1 
ATOM   399 C "C3'" . G   B 1 8  ? 5.883   4.030   3.653   1.00 63.71  ? 8   G   B "C3'" 1 
ATOM   400 O "O3'" . G   B 1 8  ? 7.277   4.190   3.538   1.00 68.08  ? 8   G   B "O3'" 1 
ATOM   401 C "C2'" . G   B 1 8  ? 5.223   4.221   2.290   1.00 64.90  ? 8   G   B "C2'" 1 
ATOM   402 O "O2'" . G   B 1 8  ? 6.093   3.907   1.220   1.00 62.31  ? 8   G   B "O2'" 1 
ATOM   403 C "C1'" . G   B 1 8  ? 4.091   3.206   2.316   1.00 61.46  ? 8   G   B "C1'" 1 
ATOM   404 N N9    . G   B 1 8  ? 2.741   3.760   2.359   1.00 61.97  ? 8   G   B N9    1 
ATOM   405 C C8    . G   B 1 8  ? 1.811   3.641   3.361   1.00 66.48  ? 8   G   B C8    1 
ATOM   406 N N7    . G   B 1 8  ? 0.637   4.146   3.055   1.00 68.00  ? 8   G   B N7    1 
ATOM   407 C C5    . G   B 1 8  ? 0.799   4.616   1.759   1.00 64.04  ? 8   G   B C5    1 
ATOM   408 C C6    . G   B 1 8  ? -0.116  5.253   0.885   1.00 59.54  ? 8   G   B C6    1 
ATOM   409 O O6    . G   B 1 8  ? -1.305  5.562   1.070   1.00 52.91  ? 8   G   B O6    1 
ATOM   410 N N1    . G   B 1 8  ? 0.463   5.546   -0.343  1.00 61.92  ? 8   G   B N1    1 
ATOM   411 C C2    . G   B 1 8  ? 1.744   5.254   -0.700  1.00 61.73  ? 8   G   B C2    1 
ATOM   412 N N2    . G   B 1 8  ? 2.099   5.613   -1.937  1.00 66.16  ? 8   G   B N2    1 
ATOM   413 N N3    . G   B 1 8  ? 2.611   4.657   0.108   1.00 65.96  ? 8   G   B N3    1 
ATOM   414 C C4    . G   B 1 8  ? 2.080   4.372   1.319   1.00 62.66  ? 8   G   B C4    1 
ATOM   415 P P     . G   B 1 9  ? 7.774   5.459   4.379   1.00 76.39  ? 9   G   B P     1 
ATOM   416 O OP1   . G   B 1 9  ? 9.249   5.218   4.555   1.00 73.24  ? 9   G   B OP1   1 
ATOM   417 O OP2   . G   B 1 9  ? 6.829   5.809   5.505   1.00 72.48  ? 9   G   B OP2   1 
ATOM   418 O "O5'" . G   B 1 9  ? 7.613   6.531   3.209   1.00 67.18  ? 9   G   B "O5'" 1 
ATOM   419 C "C5'" . G   B 1 9  ? 8.460   6.314   2.064   1.00 72.84  ? 9   G   B "C5'" 1 
ATOM   420 C "C4'" . G   B 1 9  ? 7.829   7.042   0.920   1.00 71.24  ? 9   G   B "C4'" 1 
ATOM   421 O "O4'" . G   B 1 9  ? 6.404   6.768   0.946   1.00 71.91  ? 9   G   B "O4'" 1 
ATOM   422 C "C3'" . G   B 1 9  ? 7.977   8.567   1.008   1.00 70.56  ? 9   G   B "C3'" 1 
ATOM   423 O "O3'" . G   B 1 9  ? 8.247   9.060   -0.297  1.00 79.13  ? 9   G   B "O3'" 1 
ATOM   424 C "C2'" . G   B 1 9  ? 6.608   8.979   1.551   1.00 67.79  ? 9   G   B "C2'" 1 
ATOM   425 O "O2'" . G   B 1 9  ? 6.285   10.320  1.262   1.00 73.03  ? 9   G   B "O2'" 1 
ATOM   426 C "C1'" . G   B 1 9  ? 5.751   7.997   0.763   1.00 69.02  ? 9   G   B "C1'" 1 
ATOM   427 N N9    . G   B 1 9  ? 4.361   7.985   1.205   1.00 62.15  ? 9   G   B N9    1 
ATOM   428 C C8    . G   B 1 9  ? 3.827   7.656   2.426   1.00 59.41  ? 9   G   B C8    1 
ATOM   429 N N7    . G   B 1 9  ? 2.526   7.840   2.486   1.00 57.69  ? 9   G   B N7    1 
ATOM   430 C C5    . G   B 1 9  ? 2.195   8.355   1.236   1.00 59.10  ? 9   G   B C5    1 
ATOM   431 C C6    . G   B 1 9  ? 0.944   8.753   0.695   1.00 56.68  ? 9   G   B C6    1 
ATOM   432 O O6    . G   B 1 9  ? -0.183  8.753   1.229   1.00 46.34  ? 9   G   B O6    1 
ATOM   433 N N1    . G   B 1 9  ? 1.074   9.217   -0.613  1.00 56.57  ? 9   G   B N1    1 
ATOM   434 C C2    . G   B 1 9  ? 2.244   9.281   -1.317  1.00 59.45  ? 9   G   B C2    1 
ATOM   435 N N2    . G   B 1 9  ? 2.159   9.760   -2.564  1.00 64.66  ? 9   G   B N2    1 
ATOM   436 N N3    . G   B 1 9  ? 3.418   8.902   -0.825  1.00 55.42  ? 9   G   B N3    1 
ATOM   437 C C4    . G   B 1 9  ? 3.319   8.459   0.449   1.00 57.05  ? 9   G   B C4    1 
ATOM   438 P P     . G   B 1 10 ? 9.188   10.361  -0.393  1.00 82.34  ? 10  G   B P     1 
ATOM   439 O OP1   . G   B 1 10 ? 10.509  9.944   -0.973  1.00 81.23  ? 10  G   B OP1   1 
ATOM   440 O OP2   . G   B 1 10 ? 9.111   11.160  0.884   1.00 81.77  ? 10  G   B OP2   1 
ATOM   441 O "O5'" . G   B 1 10 ? 8.431   11.139  -1.573  1.00 79.10  ? 10  G   B "O5'" 1 
ATOM   442 C "C5'" . G   B 1 10 ? 8.229   12.557  -1.478  1.00 79.37  ? 10  G   B "C5'" 1 
ATOM   443 C "C4'" . G   B 1 10 ? 7.231   12.904  -2.541  1.00 79.53  ? 10  G   B "C4'" 1 
ATOM   444 O "O4'" . G   B 1 10 ? 6.184   11.909  -2.497  1.00 68.65  ? 10  G   B "O4'" 1 
ATOM   445 C "C3'" . G   B 1 10 ? 6.502   14.236  -2.389  1.00 85.20  ? 10  G   B "C3'" 1 
ATOM   446 O "O3'" . G   B 1 10 ? 7.227   15.272  -3.028  1.00 95.67  ? 10  G   B "O3'" 1 
ATOM   447 C "C2'" . G   B 1 10 ? 5.222   13.956  -3.169  1.00 81.85  ? 10  G   B "C2'" 1 
ATOM   448 O "O2'" . G   B 1 10 ? 5.439   14.048  -4.558  1.00 89.87  ? 10  G   B "O2'" 1 
ATOM   449 C "C1'" . G   B 1 10 ? 4.946   12.514  -2.770  1.00 69.74  ? 10  G   B "C1'" 1 
ATOM   450 N N9    . G   B 1 10 ? 4.080   12.363  -1.612  1.00 61.25  ? 10  G   B N9    1 
ATOM   451 C C8    . G   B 1 10 ? 4.359   11.814  -0.389  1.00 62.49  ? 10  G   B C8    1 
ATOM   452 N N7    . G   B 1 10 ? 3.324   11.775  0.422   1.00 58.46  ? 10  G   B N7    1 
ATOM   453 C C5    . G   B 1 10 ? 2.302   12.329  -0.331  1.00 56.29  ? 10  G   B C5    1 
ATOM   454 C C6    . G   B 1 10 ? 0.954   12.561  0.004   1.00 57.45  ? 10  G   B C6    1 
ATOM   455 O O6    . G   B 1 10 ? 0.375   12.316  1.075   1.00 54.29  ? 10  G   B O6    1 
ATOM   456 N N1    . G   B 1 10 ? 0.259   13.138  -1.060  1.00 58.49  ? 10  G   B N1    1 
ATOM   457 C C2    . G   B 1 10 ? 0.792   13.459  -2.280  1.00 62.25  ? 10  G   B C2    1 
ATOM   458 N N2    . G   B 1 10 ? -0.040  14.005  -3.179  1.00 72.20  ? 10  G   B N2    1 
ATOM   459 N N3    . G   B 1 10 ? 2.065   13.252  -2.598  1.00 59.89  ? 10  G   B N3    1 
ATOM   460 C C4    . G   B 1 10 ? 2.751   12.688  -1.580  1.00 58.98  ? 10  G   B C4    1 
ATOM   461 P P     . C   B 1 11 ? 7.272   16.522  -2.024  1.00 107.08 ? 11  C   B P     1 
ATOM   462 O OP1   . C   B 1 11 ? 8.160   17.554  -2.662  1.00 116.08 ? 11  C   B OP1   1 
ATOM   463 O OP2   . C   B 1 11 ? 7.558   16.006  -0.638  1.00 95.42  ? 11  C   B OP2   1 
ATOM   464 O "O5'" . C   B 1 11 ? 5.756   17.063  -2.053  1.00 110.72 ? 11  C   B "O5'" 1 
ATOM   465 C "C5'" . C   B 1 11 ? 5.327   17.909  -3.152  1.00 111.00 ? 11  C   B "C5'" 1 
ATOM   466 C "C4'" . C   B 1 11 ? 3.837   18.122  -3.051  1.00 105.61 ? 11  C   B "C4'" 1 
ATOM   467 O "O4'" . C   B 1 11 ? 3.156   16.837  -2.937  1.00 97.84  ? 11  C   B "O4'" 1 
ATOM   468 C "C3'" . C   B 1 11 ? 3.361   18.911  -1.822  1.00 105.06 ? 11  C   B "C3'" 1 
ATOM   469 O "O3'" . C   B 1 11 ? 3.598   20.311  -1.963  1.00 81.15  ? 11  C   B "O3'" 1 
ATOM   470 C "C2'" . C   B 1 11 ? 1.897   18.440  -1.755  1.00 104.09 ? 11  C   B "C2'" 1 
ATOM   471 O "O2'" . C   B 1 11 ? 1.038   18.977  -2.739  1.00 109.45 ? 11  C   B "O2'" 1 
ATOM   472 C "C1'" . C   B 1 11 ? 2.064   16.940  -2.043  1.00 91.15  ? 11  C   B "C1'" 1 
ATOM   473 N N1    . C   B 1 11 ? 2.350   16.182  -0.790  1.00 83.25  ? 11  C   B N1    1 
ATOM   474 C C2    . C   B 1 11 ? 1.322   16.039  0.149   1.00 77.71  ? 11  C   B C2    1 
ATOM   475 O O2    . C   B 1 11 ? 0.190   16.478  -0.118  1.00 66.21  ? 11  C   B O2    1 
ATOM   476 N N3    . C   B 1 11 ? 1.577   15.399  1.323   1.00 72.51  ? 11  C   B N3    1 
ATOM   477 C C4    . C   B 1 11 ? 2.808   14.931  1.590   1.00 78.09  ? 11  C   B C4    1 
ATOM   478 N N4    . C   B 1 11 ? 2.996   14.310  2.749   1.00 78.14  ? 11  C   B N4    1 
ATOM   479 C C5    . C   B 1 11 ? 3.870   15.082  0.652   1.00 79.40  ? 11  C   B C5    1 
ATOM   480 C C6    . C   B 1 11 ? 3.603   15.715  -0.503  1.00 81.20  ? 11  C   B C6    1 
HETATM 481 K K     . K   C 2 .  ? -5.128  -1.391  -2.543  0.50 54.04  ? 101 K   A K     1 
HETATM 482 K K     . K   D 2 .  ? -5.895  -4.533  -3.585  0.50 59.53  ? 102 K   A K     1 
HETATM 483 K K     . K   E 2 .  ? -6.719  -7.554  -4.601  0.50 56.95  ? 103 K   A K     1 
HETATM 484 K K     . K   F 2 .  ? -4.362  1.683   -1.539  0.50 67.08  ? 104 K   A K     1 
HETATM 485 K K     . K   G 2 .  ? -7.680  -11.229 -5.791  0.50 85.75  ? 105 K   A K     1 
HETATM 486 K K     . K   H 2 .  ? -3.548  4.970   -0.426  0.50 56.43  ? 101 K   B K     1 
HETATM 487 K K     . K   I 2 .  ? -2.754  8.014   0.557   0.50 58.99  ? 102 K   B K     1 
HETATM 488 K K     . K   J 2 .  ? -1.984  10.925  1.570   0.50 65.21  ? 103 K   B K     1 
HETATM 489 K K     . K   K 2 .  ? -1.008  14.708  2.787   0.50 89.21  ? 104 K   B K     1 
HETATM 490 O O     . HOH L 3 .  ? 4.203   -1.691  1.528   1.00 29.83  ? 201 HOH A O     1 
# 
